data_5XKC
#
_entry.id   5XKC
#
_cell.length_a   132.494
_cell.length_b   174.574
_cell.length_c   85.345
_cell.angle_alpha   90.00
_cell.angle_beta   90.00
_cell.angle_gamma   90.00
#
_symmetry.space_group_name_H-M   'P 21 21 2'
#
loop_
_entity.id
_entity.type
_entity.pdbx_description
1 polymer 'Dibenzothiophene desulfurization enzyme A'
2 water water
#
_entity_poly.entity_id   1
_entity_poly.type   'polypeptide(L)'
_entity_poly.pdbx_seq_one_letter_code
;MAEQRQLHLAGFFSAGNVTHAHGAWRHVGATNGFLTGEFYKQIARTLERGKFDLLFLPDGLAIEDSYGDNLETGVGLGGQ
GAVALEPTSVIATMAAVTQRLGLGATVSTTYYPPYHVARVFATLDNLSDGRISWNVVTSLNDSEARNFGVDEHLEHDIRY
DRADEFLEAVKKLWSSWSEDALLLDKVGGRFADPKKVQYVNHRGRWLSVRGPLQVPRSRQGEPVILQAGLSPRGRRFAGR
WAEAVFSVSPNLDIMRAVYQDIKAHVAAAGRDPEQTKVFTAVMPVLGETEQVARERLEYLNSLVHPEVGLSTLSSHSGLN
LSKYPLDTKFSDIVADLGDRHVPTMLQMFSAVAGGGADLTLAELGRRYGTNVGFVPQWAGTAEQIADQLISHFEAGAADG
FIISPAYLPGIYEEFVDQVVPLLQQRGVFRTEYEGTTLREHLGLAHPEVGSIR
;
_entity_poly.pdbx_strand_id   A,B,C,D
#
# COMPACT_ATOMS: atom_id res chain seq x y z
N ARG A 5 -11.17 -7.27 -32.16
CA ARG A 5 -12.10 -6.23 -31.74
C ARG A 5 -12.48 -6.42 -30.28
N GLN A 6 -12.06 -5.47 -29.44
CA GLN A 6 -12.31 -5.58 -28.01
C GLN A 6 -13.20 -4.47 -27.47
N LEU A 7 -14.07 -4.81 -26.53
CA LEU A 7 -14.96 -3.84 -25.93
C LEU A 7 -14.27 -3.22 -24.72
N HIS A 8 -14.77 -2.06 -24.29
CA HIS A 8 -14.22 -1.37 -23.13
C HIS A 8 -15.20 -1.45 -21.97
N LEU A 9 -14.67 -1.32 -20.75
CA LEU A 9 -15.49 -1.38 -19.54
C LEU A 9 -15.21 -0.20 -18.60
N ALA A 10 -16.26 0.37 -18.03
CA ALA A 10 -16.09 1.49 -17.11
C ALA A 10 -16.94 1.32 -15.87
N GLY A 11 -16.44 1.76 -14.72
CA GLY A 11 -17.28 1.86 -13.54
C GLY A 11 -17.84 3.26 -13.45
N PHE A 12 -18.92 3.41 -12.71
CA PHE A 12 -19.58 4.70 -12.56
C PHE A 12 -20.43 4.65 -11.31
N PHE A 13 -20.14 5.52 -10.36
CA PHE A 13 -20.96 5.59 -9.15
C PHE A 13 -20.69 6.92 -8.46
N SER A 14 -21.66 7.37 -7.71
CA SER A 14 -21.52 8.63 -7.00
C SER A 14 -20.69 8.37 -5.76
N ALA A 15 -19.78 9.29 -5.45
CA ALA A 15 -19.06 9.24 -4.20
C ALA A 15 -20.04 9.69 -3.11
N GLY A 16 -21.00 8.84 -2.80
CA GLY A 16 -22.08 9.23 -1.90
C GLY A 16 -23.13 8.15 -1.83
N ASN A 17 -24.35 8.52 -1.45
CA ASN A 17 -25.38 7.53 -1.09
C ASN A 17 -26.10 6.80 -2.24
N VAL A 18 -26.20 7.42 -3.41
CA VAL A 18 -27.02 6.83 -4.48
C VAL A 18 -26.52 7.14 -5.88
N THR A 19 -26.55 6.15 -6.76
CA THR A 19 -26.27 6.39 -8.17
C THR A 19 -27.56 6.23 -9.00
N HIS A 20 -27.82 5.02 -9.49
CA HIS A 20 -29.03 4.74 -10.28
C HIS A 20 -30.09 3.96 -9.49
N ALA A 21 -29.66 2.95 -8.73
CA ALA A 21 -30.57 2.13 -7.94
C ALA A 21 -30.89 2.79 -6.60
N HIS A 22 -32.12 3.27 -6.44
CA HIS A 22 -32.46 4.11 -5.29
C HIS A 22 -32.73 3.37 -4.00
N GLY A 23 -32.63 2.06 -4.01
CA GLY A 23 -32.68 1.31 -2.77
C GLY A 23 -31.30 0.77 -2.40
N ALA A 24 -30.27 1.18 -3.14
CA ALA A 24 -28.92 0.62 -2.94
C ALA A 24 -28.40 0.72 -1.50
N TRP A 25 -28.54 1.86 -0.84
CA TRP A 25 -27.98 1.99 0.52
C TRP A 25 -28.63 1.04 1.54
N ARG A 26 -29.86 0.61 1.25
CA ARG A 26 -30.60 -0.30 2.13
C ARG A 26 -30.28 -1.78 1.88
N HIS A 27 -29.64 -2.07 0.76
CA HIS A 27 -29.30 -3.44 0.42
C HIS A 27 -28.48 -4.10 1.53
N VAL A 28 -28.82 -5.33 1.87
CA VAL A 28 -28.13 -6.03 2.94
C VAL A 28 -26.61 -5.99 2.75
N GLY A 29 -26.16 -5.96 1.50
CA GLY A 29 -24.74 -6.00 1.20
C GLY A 29 -24.08 -4.64 1.07
N ALA A 30 -24.86 -3.55 1.11
CA ALA A 30 -24.28 -2.21 1.04
C ALA A 30 -23.46 -1.86 2.29
N THR A 31 -22.18 -1.53 2.14
CA THR A 31 -21.42 -1.09 3.30
C THR A 31 -21.70 0.35 3.68
N ASN A 32 -22.15 1.15 2.69
CA ASN A 32 -22.31 2.58 2.88
C ASN A 32 -21.02 3.22 3.39
N GLY A 33 -19.90 2.68 2.94
CA GLY A 33 -18.62 3.23 3.33
C GLY A 33 -18.26 4.50 2.59
N PHE A 34 -19.26 5.16 1.97
CA PHE A 34 -18.98 6.30 1.08
C PHE A 34 -18.33 7.54 1.74
N LEU A 35 -18.18 7.53 3.05
CA LEU A 35 -17.44 8.60 3.72
C LEU A 35 -15.98 8.24 3.97
N THR A 36 -15.59 7.01 3.66
CA THR A 36 -14.28 6.50 4.03
C THR A 36 -13.34 6.27 2.84
N GLY A 37 -12.06 6.55 3.05
CA GLY A 37 -11.04 6.27 2.04
C GLY A 37 -11.03 4.82 1.63
N GLU A 38 -11.21 3.90 2.58
CA GLU A 38 -11.11 2.47 2.27
C GLU A 38 -12.14 1.97 1.26
N PHE A 39 -13.36 2.45 1.38
CA PHE A 39 -14.44 2.15 0.45
C PHE A 39 -13.97 2.41 -0.98
N TYR A 40 -13.47 3.62 -1.23
CA TYR A 40 -13.03 3.99 -2.57
C TYR A 40 -11.77 3.24 -3.02
N LYS A 41 -10.88 2.95 -2.08
CA LYS A 41 -9.65 2.26 -2.43
C LYS A 41 -9.99 0.84 -2.84
N GLN A 42 -10.87 0.19 -2.08
CA GLN A 42 -11.30 -1.15 -2.44
C GLN A 42 -11.89 -1.22 -3.84
N ILE A 43 -12.80 -0.31 -4.15
CA ILE A 43 -13.51 -0.39 -5.44
C ILE A 43 -12.49 -0.19 -6.55
N ALA A 44 -11.62 0.81 -6.38
CA ALA A 44 -10.60 1.11 -7.38
C ALA A 44 -9.66 -0.08 -7.64
N ARG A 45 -9.19 -0.73 -6.57
CA ARG A 45 -8.33 -1.92 -6.75
C ARG A 45 -9.08 -3.05 -7.45
N THR A 46 -10.35 -3.20 -7.12
CA THR A 46 -11.18 -4.24 -7.74
C THR A 46 -11.37 -4.01 -9.24
N LEU A 47 -11.68 -2.78 -9.64
CA LEU A 47 -11.85 -2.52 -11.07
C LEU A 47 -10.52 -2.65 -11.84
N GLU A 48 -9.43 -2.24 -11.20
CA GLU A 48 -8.10 -2.46 -11.77
C GLU A 48 -7.75 -3.95 -11.89
N ARG A 49 -8.10 -4.73 -10.89
CA ARG A 49 -7.94 -6.18 -10.95
C ARG A 49 -8.74 -6.76 -12.12
N GLY A 50 -9.88 -6.16 -12.45
CA GLY A 50 -10.69 -6.61 -13.57
C GLY A 50 -10.30 -5.95 -14.89
N LYS A 51 -9.23 -5.17 -14.83
CA LYS A 51 -8.63 -4.53 -16.00
C LYS A 51 -9.55 -3.55 -16.68
N PHE A 52 -10.43 -2.90 -15.91
CA PHE A 52 -11.35 -1.91 -16.46
C PHE A 52 -10.55 -0.76 -17.10
N ASP A 53 -11.12 -0.16 -18.13
CA ASP A 53 -10.53 1.02 -18.75
C ASP A 53 -10.55 2.21 -17.80
N LEU A 54 -11.63 2.33 -17.04
CA LEU A 54 -11.89 3.62 -16.41
C LEU A 54 -12.93 3.51 -15.29
N LEU A 55 -12.74 4.31 -14.25
CA LEU A 55 -13.73 4.51 -13.22
C LEU A 55 -14.01 5.99 -13.23
N PHE A 56 -15.28 6.38 -13.21
CA PHE A 56 -15.63 7.77 -13.42
C PHE A 56 -16.71 8.16 -12.39
N LEU A 57 -16.55 9.33 -11.77
CA LEU A 57 -17.49 9.79 -10.75
C LEU A 57 -18.28 10.98 -11.26
N PRO A 58 -19.61 10.92 -11.10
CA PRO A 58 -20.47 12.09 -11.38
C PRO A 58 -20.32 13.07 -10.23
N ASP A 59 -21.02 14.19 -10.30
CA ASP A 59 -21.06 15.08 -9.17
C ASP A 59 -22.37 15.84 -9.23
N GLY A 60 -22.90 16.19 -8.07
CA GLY A 60 -24.03 17.09 -7.94
C GLY A 60 -23.74 17.96 -6.73
N LEU A 61 -24.04 19.25 -6.82
CA LEU A 61 -23.59 20.23 -5.82
C LEU A 61 -24.68 20.73 -4.88
N ALA A 62 -25.71 19.92 -4.69
CA ALA A 62 -26.73 20.21 -3.68
C ALA A 62 -27.54 18.97 -3.40
N ILE A 63 -28.01 18.85 -2.16
CA ILE A 63 -28.99 17.82 -1.86
C ILE A 63 -30.23 18.10 -2.69
N GLU A 64 -30.72 17.08 -3.41
CA GLU A 64 -31.87 17.25 -4.30
C GLU A 64 -33.06 17.82 -3.52
N ASP A 65 -33.60 18.93 -4.01
CA ASP A 65 -34.46 19.77 -3.19
C ASP A 65 -35.91 19.92 -3.66
N SER A 66 -36.16 19.61 -4.92
CA SER A 66 -37.44 19.91 -5.58
C SER A 66 -38.68 19.26 -4.96
N TYR A 67 -38.69 17.93 -4.91
CA TYR A 67 -39.83 17.21 -4.37
C TYR A 67 -40.11 17.58 -2.92
N GLY A 68 -41.32 18.07 -2.67
CA GLY A 68 -41.71 18.48 -1.33
C GLY A 68 -41.06 19.78 -0.87
N ASP A 69 -40.29 20.39 -1.77
CA ASP A 69 -39.51 21.62 -1.50
C ASP A 69 -38.87 21.70 -0.10
N ASN A 70 -38.24 20.60 0.33
CA ASN A 70 -37.50 20.56 1.58
C ASN A 70 -36.48 19.42 1.61
N LEU A 71 -36.00 19.08 2.80
CA LEU A 71 -35.00 18.04 2.96
C LEU A 71 -35.59 16.73 3.47
N GLU A 72 -36.90 16.71 3.72
CA GLU A 72 -37.56 15.52 4.24
C GLU A 72 -37.31 14.25 3.42
N THR A 73 -37.46 14.37 2.11
CA THR A 73 -37.32 13.21 1.26
C THR A 73 -35.84 12.94 0.97
N GLY A 74 -35.13 13.97 0.53
CA GLY A 74 -33.72 13.85 0.23
C GLY A 74 -32.92 13.26 1.40
N VAL A 75 -33.05 13.89 2.56
CA VAL A 75 -32.28 13.52 3.73
C VAL A 75 -32.88 12.33 4.47
N GLY A 76 -34.20 12.32 4.64
CA GLY A 76 -34.84 11.29 5.41
C GLY A 76 -34.77 9.93 4.75
N LEU A 77 -34.82 9.92 3.43
CA LEU A 77 -34.95 8.67 2.70
C LEU A 77 -33.74 8.34 1.85
N GLY A 78 -32.84 9.32 1.68
CA GLY A 78 -31.61 9.08 0.98
C GLY A 78 -31.69 9.32 -0.51
N GLY A 79 -32.18 10.51 -0.90
CA GLY A 79 -32.29 10.89 -2.30
C GLY A 79 -30.98 11.37 -2.93
N GLN A 80 -31.04 11.74 -4.21
CA GLN A 80 -29.88 12.22 -4.96
C GLN A 80 -29.16 13.36 -4.26
N GLY A 81 -27.84 13.26 -4.19
CA GLY A 81 -27.03 14.33 -3.65
C GLY A 81 -27.09 14.52 -2.14
N ALA A 82 -27.80 13.63 -1.43
CA ALA A 82 -27.87 13.74 0.03
C ALA A 82 -26.47 13.79 0.62
N VAL A 83 -25.64 12.83 0.24
CA VAL A 83 -24.22 12.89 0.52
C VAL A 83 -23.47 12.85 -0.80
N ALA A 84 -22.56 13.80 -0.99
CA ALA A 84 -21.79 13.90 -2.22
C ALA A 84 -20.40 14.48 -1.96
N LEU A 85 -19.39 13.61 -1.87
CA LEU A 85 -18.02 14.04 -1.67
C LEU A 85 -17.49 14.75 -2.91
N GLU A 86 -16.59 15.70 -2.70
CA GLU A 86 -15.91 16.37 -3.79
C GLU A 86 -15.14 15.32 -4.60
N PRO A 87 -15.44 15.21 -5.90
CA PRO A 87 -14.97 14.06 -6.67
C PRO A 87 -13.45 14.01 -6.92
N THR A 88 -12.82 15.15 -7.18
CA THR A 88 -11.40 15.14 -7.48
C THR A 88 -10.54 14.61 -6.33
N SER A 89 -10.94 14.89 -5.09
CA SER A 89 -10.22 14.33 -3.93
C SER A 89 -10.38 12.83 -3.88
N VAL A 90 -11.55 12.37 -4.29
CA VAL A 90 -11.82 10.95 -4.30
C VAL A 90 -10.96 10.25 -5.34
N ILE A 91 -10.93 10.76 -6.56
CA ILE A 91 -10.12 10.06 -7.53
C ILE A 91 -8.64 10.13 -7.19
N ALA A 92 -8.19 11.24 -6.60
CA ALA A 92 -6.79 11.31 -6.21
C ALA A 92 -6.48 10.20 -5.22
N THR A 93 -7.40 9.98 -4.28
CA THR A 93 -7.30 8.89 -3.32
C THR A 93 -7.18 7.53 -4.04
N MET A 94 -8.00 7.33 -5.06
CA MET A 94 -7.98 6.06 -5.80
C MET A 94 -6.73 5.96 -6.69
N ALA A 95 -6.29 7.10 -7.22
CA ALA A 95 -5.07 7.13 -8.02
C ALA A 95 -3.89 6.63 -7.18
N ALA A 96 -3.93 6.89 -5.88
CA ALA A 96 -2.79 6.59 -5.01
C ALA A 96 -2.60 5.11 -4.79
N VAL A 97 -3.63 4.31 -5.10
CA VAL A 97 -3.54 2.89 -4.79
C VAL A 97 -3.70 2.01 -6.03
N THR A 98 -3.69 2.65 -7.19
CA THR A 98 -3.81 1.94 -8.46
C THR A 98 -2.68 2.34 -9.39
N GLN A 99 -2.51 1.60 -10.49
CA GLN A 99 -1.40 1.82 -11.39
C GLN A 99 -1.79 1.93 -12.86
N ARG A 100 -2.97 1.41 -13.20
CA ARG A 100 -3.36 1.33 -14.60
C ARG A 100 -4.76 1.88 -14.85
N LEU A 101 -5.68 1.62 -13.93
CA LEU A 101 -7.06 2.03 -14.10
C LEU A 101 -7.17 3.51 -14.42
N GLY A 102 -7.96 3.84 -15.44
CA GLY A 102 -8.29 5.23 -15.72
C GLY A 102 -9.24 5.77 -14.66
N LEU A 103 -9.18 7.08 -14.45
CA LEU A 103 -10.01 7.74 -13.44
C LEU A 103 -10.56 9.06 -13.96
N GLY A 104 -11.83 9.34 -13.70
CA GLY A 104 -12.42 10.56 -14.20
C GLY A 104 -13.32 11.19 -13.17
N ALA A 105 -13.46 12.50 -13.25
CA ALA A 105 -14.38 13.18 -12.36
C ALA A 105 -15.16 14.24 -13.11
N THR A 106 -16.38 14.46 -12.65
CA THR A 106 -17.20 15.54 -13.17
C THR A 106 -16.80 16.86 -12.53
N VAL A 107 -16.55 17.86 -13.37
CA VAL A 107 -16.41 19.23 -12.90
C VAL A 107 -17.16 20.18 -13.84
N SER A 108 -17.90 21.11 -13.24
CA SER A 108 -18.83 21.95 -13.96
C SER A 108 -18.17 23.20 -14.49
N THR A 109 -18.32 23.45 -15.78
CA THR A 109 -17.85 24.69 -16.37
C THR A 109 -18.67 25.86 -15.84
N THR A 110 -19.82 25.56 -15.24
CA THR A 110 -20.67 26.61 -14.73
C THR A 110 -20.09 27.33 -13.52
N TYR A 111 -19.56 26.57 -12.56
CA TYR A 111 -19.15 27.14 -11.28
C TYR A 111 -17.64 27.32 -11.12
N TYR A 112 -16.85 26.76 -12.03
CA TYR A 112 -15.40 26.81 -11.88
C TYR A 112 -14.77 27.42 -13.13
N PRO A 113 -13.69 28.20 -12.94
CA PRO A 113 -12.98 28.86 -14.05
C PRO A 113 -11.98 27.93 -14.73
N PRO A 114 -11.63 28.21 -16.00
CA PRO A 114 -10.75 27.35 -16.78
C PRO A 114 -9.43 27.07 -16.09
N TYR A 115 -8.86 28.07 -15.42
CA TYR A 115 -7.53 27.90 -14.84
C TYR A 115 -7.54 26.84 -13.75
N HIS A 116 -8.59 26.86 -12.94
CA HIS A 116 -8.75 25.89 -11.88
C HIS A 116 -8.90 24.48 -12.47
N VAL A 117 -9.76 24.37 -13.48
CA VAL A 117 -10.07 23.08 -14.06
C VAL A 117 -8.80 22.54 -14.70
N ALA A 118 -8.10 23.38 -15.47
CA ALA A 118 -6.84 22.98 -16.08
C ALA A 118 -5.79 22.53 -15.07
N ARG A 119 -5.63 23.28 -13.99
CA ARG A 119 -4.61 22.94 -13.01
C ARG A 119 -4.97 21.66 -12.23
N VAL A 120 -6.23 21.53 -11.81
CA VAL A 120 -6.57 20.35 -11.02
C VAL A 120 -6.41 19.09 -11.85
N PHE A 121 -6.80 19.12 -13.12
CA PHE A 121 -6.69 17.91 -13.94
C PHE A 121 -5.29 17.59 -14.39
N ALA A 122 -4.51 18.63 -14.69
CA ALA A 122 -3.10 18.43 -15.01
C ALA A 122 -2.35 17.87 -13.79
N THR A 123 -2.71 18.32 -12.60
CA THR A 123 -2.13 17.82 -11.36
C THR A 123 -2.44 16.34 -11.19
N LEU A 124 -3.73 16.01 -11.26
CA LEU A 124 -4.17 14.61 -11.17
C LEU A 124 -3.54 13.77 -12.26
N ASP A 125 -3.43 14.34 -13.45
CA ASP A 125 -2.81 13.62 -14.54
C ASP A 125 -1.37 13.29 -14.23
N ASN A 126 -0.61 14.27 -13.73
CA ASN A 126 0.77 13.98 -13.35
C ASN A 126 0.87 13.00 -12.18
N LEU A 127 0.08 13.23 -11.14
CA LEU A 127 0.10 12.36 -9.96
C LEU A 127 -0.25 10.92 -10.31
N SER A 128 -1.14 10.76 -11.30
CA SER A 128 -1.58 9.42 -11.71
C SER A 128 -0.76 8.92 -12.88
N ASP A 129 0.23 9.71 -13.29
CA ASP A 129 1.10 9.33 -14.41
C ASP A 129 0.30 9.02 -15.69
N GLY A 130 -0.69 9.86 -15.99
CA GLY A 130 -1.38 9.80 -17.27
C GLY A 130 -2.62 8.94 -17.34
N ARG A 131 -3.44 8.96 -16.29
CA ARG A 131 -4.61 8.12 -16.21
C ARG A 131 -5.90 8.90 -16.01
N ILE A 132 -5.85 10.22 -16.17
CA ILE A 132 -6.98 11.04 -15.75
C ILE A 132 -7.89 11.50 -16.89
N SER A 133 -9.13 11.79 -16.53
CA SER A 133 -10.11 12.33 -17.47
C SER A 133 -11.08 13.26 -16.75
N TRP A 134 -11.66 14.19 -17.52
CA TRP A 134 -12.56 15.19 -17.01
C TRP A 134 -13.93 15.03 -17.67
N ASN A 135 -14.96 14.83 -16.85
CA ASN A 135 -16.32 14.82 -17.36
C ASN A 135 -16.87 16.24 -17.37
N VAL A 136 -16.96 16.83 -18.56
CA VAL A 136 -17.41 18.21 -18.73
C VAL A 136 -18.91 18.38 -18.56
N VAL A 137 -19.30 19.20 -17.59
CA VAL A 137 -20.71 19.52 -17.38
C VAL A 137 -20.96 21.02 -17.49
N THR A 138 -22.16 21.37 -17.94
CA THR A 138 -22.53 22.75 -18.18
C THR A 138 -23.90 23.10 -17.58
N SER A 139 -24.40 22.22 -16.72
CA SER A 139 -25.78 22.33 -16.25
C SER A 139 -25.97 23.46 -15.25
N LEU A 140 -27.22 23.87 -15.04
CA LEU A 140 -27.55 24.95 -14.13
C LEU A 140 -28.80 24.60 -13.33
N ASN A 141 -28.58 24.03 -12.14
CA ASN A 141 -29.65 23.64 -11.24
C ASN A 141 -29.79 24.71 -10.13
N ASP A 142 -31.03 25.01 -9.77
CA ASP A 142 -31.35 26.10 -8.84
C ASP A 142 -30.71 25.93 -7.45
N SER A 143 -30.82 24.73 -6.89
CA SER A 143 -30.26 24.46 -5.57
C SER A 143 -28.73 24.49 -5.55
N GLU A 144 -28.11 23.99 -6.62
CA GLU A 144 -26.66 24.09 -6.75
C GLU A 144 -26.25 25.57 -6.80
N ALA A 145 -26.92 26.33 -7.66
CA ALA A 145 -26.65 27.75 -7.81
C ALA A 145 -26.77 28.53 -6.49
N ARG A 146 -27.73 28.17 -5.65
CA ARG A 146 -27.88 28.86 -4.37
C ARG A 146 -26.75 28.51 -3.39
N ASN A 147 -26.16 27.33 -3.56
CA ASN A 147 -24.98 26.95 -2.78
C ASN A 147 -23.73 27.74 -3.17
N PHE A 148 -23.68 28.20 -4.42
CA PHE A 148 -22.53 28.98 -4.91
C PHE A 148 -22.82 30.47 -5.00
N GLY A 149 -23.99 30.89 -4.53
CA GLY A 149 -24.36 32.30 -4.56
C GLY A 149 -24.37 32.87 -5.97
N VAL A 150 -24.84 32.06 -6.91
CA VAL A 150 -24.98 32.46 -8.31
C VAL A 150 -26.42 32.90 -8.60
N ASP A 151 -26.55 34.03 -9.31
CA ASP A 151 -27.86 34.59 -9.66
C ASP A 151 -28.11 34.55 -11.15
N GLU A 152 -27.05 34.74 -11.93
CA GLU A 152 -27.14 34.71 -13.39
C GLU A 152 -27.81 33.42 -13.88
N HIS A 153 -28.58 33.52 -14.96
CA HIS A 153 -29.23 32.36 -15.55
C HIS A 153 -29.00 32.34 -17.05
N LEU A 154 -27.95 31.62 -17.47
CA LEU A 154 -27.68 31.40 -18.90
C LEU A 154 -28.60 30.31 -19.44
N GLU A 155 -29.08 30.49 -20.68
CA GLU A 155 -29.94 29.49 -21.31
C GLU A 155 -29.15 28.22 -21.68
N HIS A 156 -29.81 27.08 -21.55
CA HIS A 156 -29.21 25.78 -21.82
C HIS A 156 -28.21 25.77 -22.98
N ASP A 157 -28.65 26.16 -24.18
CA ASP A 157 -27.78 26.12 -25.34
C ASP A 157 -26.61 27.11 -25.24
N ILE A 158 -26.81 28.23 -24.54
CA ILE A 158 -25.77 29.24 -24.37
C ILE A 158 -24.65 28.77 -23.43
N ARG A 159 -25.03 27.97 -22.42
CA ARG A 159 -24.05 27.39 -21.52
C ARG A 159 -23.05 26.51 -22.29
N TYR A 160 -23.53 25.87 -23.36
CA TYR A 160 -22.64 25.09 -24.21
C TYR A 160 -21.73 25.99 -25.06
N ASP A 161 -22.23 27.15 -25.47
CA ASP A 161 -21.40 28.07 -26.27
C ASP A 161 -20.22 28.58 -25.43
N ARG A 162 -20.52 28.97 -24.21
CA ARG A 162 -19.49 29.33 -23.25
C ARG A 162 -18.53 28.16 -23.07
N ALA A 163 -19.07 26.95 -22.95
CA ALA A 163 -18.25 25.78 -22.70
C ALA A 163 -17.30 25.50 -23.87
N ASP A 164 -17.71 25.85 -25.08
CA ASP A 164 -16.82 25.78 -26.24
C ASP A 164 -15.59 26.63 -25.98
N GLU A 165 -15.81 27.83 -25.46
CA GLU A 165 -14.67 28.71 -25.20
C GLU A 165 -13.88 28.20 -24.01
N PHE A 166 -14.61 27.71 -23.01
CA PHE A 166 -14.01 27.11 -21.82
C PHE A 166 -13.02 26.00 -22.20
N LEU A 167 -13.45 25.10 -23.08
CA LEU A 167 -12.60 24.00 -23.53
C LEU A 167 -11.36 24.49 -24.28
N GLU A 168 -11.53 25.55 -25.06
CA GLU A 168 -10.44 26.13 -25.83
C GLU A 168 -9.35 26.61 -24.90
N ALA A 169 -9.77 27.20 -23.80
CA ALA A 169 -8.88 27.85 -22.85
C ALA A 169 -8.15 26.80 -22.02
N VAL A 170 -8.89 25.78 -21.57
CA VAL A 170 -8.27 24.70 -20.84
C VAL A 170 -7.24 24.00 -21.73
N LYS A 171 -7.63 23.67 -22.95
CA LYS A 171 -6.67 23.06 -23.88
C LYS A 171 -5.45 23.96 -24.13
N LYS A 172 -5.66 25.27 -24.24
CA LYS A 172 -4.53 26.19 -24.35
C LYS A 172 -3.64 26.06 -23.13
N LEU A 173 -4.25 26.10 -21.94
CA LEU A 173 -3.51 25.93 -20.72
C LEU A 173 -2.69 24.64 -20.71
N TRP A 174 -3.29 23.55 -21.17
CA TRP A 174 -2.61 22.25 -21.17
C TRP A 174 -1.48 22.21 -22.18
N SER A 175 -1.46 23.18 -23.10
CA SER A 175 -0.36 23.29 -24.05
C SER A 175 0.66 24.37 -23.69
N SER A 176 0.54 24.96 -22.50
CA SER A 176 1.45 26.06 -22.18
C SER A 176 2.91 25.61 -21.91
N TRP A 177 3.09 24.37 -21.46
CA TRP A 177 4.40 23.73 -21.44
C TRP A 177 4.57 22.74 -22.61
N SER A 178 5.58 22.95 -23.45
CA SER A 178 5.96 21.90 -24.40
C SER A 178 6.46 20.70 -23.63
N GLU A 179 6.43 19.54 -24.28
CA GLU A 179 6.78 18.29 -23.61
C GLU A 179 8.28 18.13 -23.38
N ASP A 180 9.07 19.04 -23.93
CA ASP A 180 10.50 19.04 -23.66
C ASP A 180 10.96 20.33 -22.95
N ALA A 181 10.01 21.08 -22.40
CA ALA A 181 10.31 22.36 -21.77
C ALA A 181 11.13 22.20 -20.49
N LEU A 182 10.80 21.17 -19.71
CA LEU A 182 11.40 20.98 -18.40
C LEU A 182 12.77 20.35 -18.54
N LEU A 183 13.79 21.01 -18.02
CA LEU A 183 15.17 20.56 -18.21
C LEU A 183 15.81 19.94 -16.98
N LEU A 184 15.63 20.56 -15.82
CA LEU A 184 16.26 20.07 -14.59
C LEU A 184 17.76 19.86 -14.74
N ASP A 185 18.40 20.78 -15.47
CA ASP A 185 19.86 20.74 -15.65
C ASP A 185 20.54 21.38 -14.43
N LYS A 186 20.83 20.56 -13.43
CA LYS A 186 21.31 21.01 -12.14
C LYS A 186 22.66 21.75 -12.26
N VAL A 187 23.56 21.17 -13.04
CA VAL A 187 24.92 21.66 -13.17
C VAL A 187 24.95 23.01 -13.87
N GLY A 188 24.32 23.07 -15.05
CA GLY A 188 24.21 24.32 -15.77
C GLY A 188 23.25 25.33 -15.15
N GLY A 189 22.48 24.92 -14.14
CA GLY A 189 21.55 25.84 -13.50
C GLY A 189 20.32 26.18 -14.34
N ARG A 190 19.98 25.31 -15.29
CA ARG A 190 18.86 25.57 -16.19
C ARG A 190 17.64 24.72 -15.84
N PHE A 191 16.62 25.35 -15.27
CA PHE A 191 15.42 24.65 -14.80
C PHE A 191 14.52 24.19 -15.94
N ALA A 192 14.16 25.14 -16.80
CA ALA A 192 13.28 24.84 -17.92
C ALA A 192 13.61 25.83 -19.04
N ASP A 193 13.15 25.53 -20.25
CA ASP A 193 13.42 26.40 -21.38
C ASP A 193 12.29 27.40 -21.54
N PRO A 194 12.54 28.66 -21.18
CA PRO A 194 11.48 29.67 -21.20
C PRO A 194 10.93 29.97 -22.60
N LYS A 195 11.59 29.50 -23.65
CA LYS A 195 11.05 29.63 -24.99
C LYS A 195 9.93 28.61 -25.22
N LYS A 196 9.89 27.58 -24.38
CA LYS A 196 8.98 26.45 -24.57
C LYS A 196 7.87 26.40 -23.53
N VAL A 197 7.75 27.47 -22.75
CA VAL A 197 6.66 27.64 -21.81
C VAL A 197 6.08 29.01 -22.12
N GLN A 198 4.80 29.06 -22.47
CA GLN A 198 4.27 30.29 -23.04
C GLN A 198 2.99 30.79 -22.38
N TYR A 199 2.87 32.12 -22.29
CA TYR A 199 1.61 32.72 -21.88
C TYR A 199 0.53 32.25 -22.82
N VAL A 200 -0.68 32.12 -22.29
CA VAL A 200 -1.83 31.75 -23.10
C VAL A 200 -2.51 33.03 -23.61
N ASN A 201 -2.60 34.03 -22.74
CA ASN A 201 -3.28 35.26 -23.07
C ASN A 201 -4.62 35.01 -23.77
N HIS A 202 -5.43 34.14 -23.18
CA HIS A 202 -6.77 33.95 -23.70
C HIS A 202 -7.67 35.09 -23.22
N ARG A 203 -8.35 35.73 -24.15
CA ARG A 203 -9.27 36.81 -23.82
C ARG A 203 -10.44 36.74 -24.78
N GLY A 204 -11.44 35.94 -24.44
CA GLY A 204 -12.58 35.76 -25.31
C GLY A 204 -13.82 36.45 -24.81
N ARG A 205 -14.92 36.20 -25.49
CA ARG A 205 -16.21 36.77 -25.14
C ARG A 205 -16.61 36.38 -23.72
N TRP A 206 -16.35 35.13 -23.35
CA TRP A 206 -16.81 34.62 -22.07
C TRP A 206 -15.74 34.63 -20.99
N LEU A 207 -14.48 34.46 -21.39
CA LEU A 207 -13.43 34.18 -20.41
C LEU A 207 -12.11 34.89 -20.67
N SER A 208 -11.37 35.14 -19.58
CA SER A 208 -9.99 35.61 -19.67
C SER A 208 -9.08 34.82 -18.76
N VAL A 209 -7.96 34.36 -19.28
CA VAL A 209 -7.00 33.63 -18.47
C VAL A 209 -5.64 33.77 -19.12
N ARG A 210 -4.69 34.27 -18.34
CA ARG A 210 -3.40 34.69 -18.89
C ARG A 210 -2.44 33.54 -19.08
N GLY A 211 -2.36 32.67 -18.08
CA GLY A 211 -1.37 31.62 -18.06
C GLY A 211 0.02 32.16 -17.74
N PRO A 212 1.06 31.33 -17.93
CA PRO A 212 0.88 29.93 -18.36
C PRO A 212 0.39 29.07 -17.21
N LEU A 213 0.05 27.82 -17.51
CA LEU A 213 -0.32 26.86 -16.48
C LEU A 213 0.94 26.49 -15.70
N GLN A 214 0.79 26.26 -14.39
CA GLN A 214 1.93 25.92 -13.53
C GLN A 214 2.17 24.42 -13.45
N VAL A 215 1.62 23.66 -14.39
CA VAL A 215 1.82 22.22 -14.41
C VAL A 215 2.08 21.74 -15.82
N PRO A 216 3.23 21.09 -16.04
CA PRO A 216 3.61 20.53 -17.34
C PRO A 216 2.73 19.32 -17.70
N ARG A 217 2.91 18.81 -18.91
CA ARG A 217 2.06 17.73 -19.44
C ARG A 217 2.46 16.37 -18.90
N SER A 218 1.46 15.53 -18.60
CA SER A 218 1.70 14.15 -18.20
C SER A 218 2.19 13.36 -19.41
N ARG A 219 2.44 12.07 -19.22
CA ARG A 219 2.85 11.20 -20.32
C ARG A 219 1.71 10.88 -21.30
N GLN A 220 0.46 11.18 -20.92
CA GLN A 220 -0.62 11.04 -21.90
C GLN A 220 -0.95 12.36 -22.60
N GLY A 221 -0.18 13.41 -22.32
CA GLY A 221 -0.33 14.69 -22.98
C GLY A 221 -1.39 15.59 -22.34
N GLU A 222 -2.66 15.19 -22.50
CA GLU A 222 -3.80 15.89 -21.90
C GLU A 222 -4.71 14.86 -21.28
N PRO A 223 -5.45 15.28 -20.24
CA PRO A 223 -6.51 14.42 -19.70
C PRO A 223 -7.52 14.08 -20.80
N VAL A 224 -8.23 12.95 -20.67
CA VAL A 224 -9.23 12.57 -21.67
C VAL A 224 -10.52 13.33 -21.38
N ILE A 225 -11.14 13.89 -22.42
CA ILE A 225 -12.44 14.57 -22.29
C ILE A 225 -13.63 13.60 -22.35
N LEU A 226 -14.44 13.62 -21.30
CA LEU A 226 -15.64 12.80 -21.22
C LEU A 226 -16.86 13.71 -21.30
N GLN A 227 -17.92 13.22 -21.94
CA GLN A 227 -19.12 14.04 -22.14
C GLN A 227 -20.32 13.13 -21.95
N ALA A 228 -21.36 13.61 -21.28
CA ALA A 228 -22.52 12.78 -20.99
C ALA A 228 -23.87 13.45 -21.21
N GLY A 229 -23.87 14.63 -21.82
CA GLY A 229 -25.13 15.31 -22.14
C GLY A 229 -25.62 14.97 -23.54
N LEU A 230 -26.83 14.40 -23.64
CA LEU A 230 -27.33 13.94 -24.94
C LEU A 230 -28.48 14.77 -25.54
N SER A 231 -28.68 15.99 -25.02
CA SER A 231 -29.56 16.94 -25.67
C SER A 231 -28.97 17.27 -27.05
N PRO A 232 -29.80 17.82 -27.95
CA PRO A 232 -29.32 18.14 -29.30
C PRO A 232 -28.05 19.01 -29.28
N ARG A 233 -28.03 20.05 -28.45
CA ARG A 233 -26.85 20.88 -28.35
C ARG A 233 -25.66 20.09 -27.76
N GLY A 234 -25.93 19.32 -26.71
CA GLY A 234 -24.93 18.46 -26.09
C GLY A 234 -24.26 17.52 -27.06
N ARG A 235 -25.02 17.04 -28.04
CA ARG A 235 -24.50 16.12 -29.05
C ARG A 235 -23.56 16.83 -30.01
N ARG A 236 -23.87 18.08 -30.35
CA ARG A 236 -22.94 18.89 -31.15
C ARG A 236 -21.66 19.14 -30.34
N PHE A 237 -21.84 19.45 -29.07
CA PHE A 237 -20.70 19.64 -28.20
C PHE A 237 -19.84 18.38 -28.16
N ALA A 238 -20.47 17.24 -27.92
CA ALA A 238 -19.75 15.97 -27.89
C ALA A 238 -18.99 15.76 -29.20
N GLY A 239 -19.62 16.12 -30.32
CA GLY A 239 -19.00 15.88 -31.60
C GLY A 239 -17.69 16.61 -31.71
N ARG A 240 -17.62 17.77 -31.07
CA ARG A 240 -16.46 18.64 -31.21
C ARG A 240 -15.37 18.28 -30.21
N TRP A 241 -15.77 17.92 -28.99
CA TRP A 241 -14.80 17.81 -27.92
C TRP A 241 -14.62 16.42 -27.33
N ALA A 242 -15.68 15.62 -27.35
CA ALA A 242 -15.70 14.39 -26.56
C ALA A 242 -14.73 13.33 -27.10
N GLU A 243 -14.08 12.62 -26.19
CA GLU A 243 -13.22 11.51 -26.57
C GLU A 243 -13.84 10.22 -26.05
N ALA A 244 -14.67 10.36 -25.03
CA ALA A 244 -15.53 9.27 -24.60
C ALA A 244 -16.88 9.85 -24.23
N VAL A 245 -17.94 9.18 -24.64
CA VAL A 245 -19.28 9.65 -24.38
C VAL A 245 -20.00 8.60 -23.57
N PHE A 246 -20.77 9.04 -22.59
CA PHE A 246 -21.49 8.09 -21.78
C PHE A 246 -22.98 8.33 -21.95
N SER A 247 -23.70 7.26 -22.22
CA SER A 247 -25.10 7.34 -22.60
C SER A 247 -25.93 6.29 -21.87
N VAL A 248 -27.18 6.62 -21.60
CA VAL A 248 -28.13 5.67 -21.05
C VAL A 248 -29.24 5.40 -22.07
N SER A 249 -29.41 4.13 -22.46
CA SER A 249 -30.46 3.70 -23.38
C SER A 249 -31.11 2.41 -22.89
N PRO A 250 -32.46 2.37 -22.85
CA PRO A 250 -33.20 1.23 -22.31
C PRO A 250 -33.13 -0.05 -23.14
N ASN A 251 -32.79 0.05 -24.42
CA ASN A 251 -32.74 -1.16 -25.23
C ASN A 251 -31.86 -0.97 -26.44
N LEU A 252 -31.71 -2.05 -27.21
CA LEU A 252 -30.72 -2.11 -28.28
C LEU A 252 -31.03 -1.15 -29.42
N ASP A 253 -32.32 -1.02 -29.75
CA ASP A 253 -32.72 -0.15 -30.85
C ASP A 253 -32.25 1.24 -30.54
N ILE A 254 -32.56 1.71 -29.34
CA ILE A 254 -32.12 3.02 -28.92
C ILE A 254 -30.59 3.11 -28.83
N MET A 255 -29.93 2.08 -28.28
CA MET A 255 -28.47 2.12 -28.20
C MET A 255 -27.83 2.36 -29.57
N ARG A 256 -28.26 1.59 -30.55
CA ARG A 256 -27.74 1.69 -31.92
C ARG A 256 -27.99 3.08 -32.52
N ALA A 257 -29.19 3.61 -32.31
CA ALA A 257 -29.51 4.94 -32.83
C ALA A 257 -28.60 6.01 -32.19
N VAL A 258 -28.47 5.99 -30.86
CA VAL A 258 -27.58 6.93 -30.16
C VAL A 258 -26.13 6.79 -30.63
N TYR A 259 -25.69 5.54 -30.78
CA TYR A 259 -24.35 5.28 -31.25
C TYR A 259 -24.09 5.96 -32.59
N GLN A 260 -24.97 5.72 -33.57
CA GLN A 260 -24.78 6.24 -34.92
C GLN A 260 -24.81 7.76 -34.96
N ASP A 261 -25.73 8.33 -34.19
CA ASP A 261 -25.89 9.76 -34.09
C ASP A 261 -24.62 10.43 -33.53
N ILE A 262 -24.07 9.89 -32.47
CA ILE A 262 -22.86 10.45 -31.87
C ILE A 262 -21.71 10.37 -32.84
N LYS A 263 -21.52 9.20 -33.44
CA LYS A 263 -20.41 9.02 -34.38
C LYS A 263 -20.54 9.99 -35.56
N ALA A 264 -21.77 10.23 -36.00
CA ALA A 264 -22.04 11.18 -37.09
C ALA A 264 -21.73 12.64 -36.71
N HIS A 265 -22.08 13.03 -35.49
CA HIS A 265 -21.71 14.37 -35.01
C HIS A 265 -20.18 14.56 -34.98
N VAL A 266 -19.48 13.50 -34.59
CA VAL A 266 -18.03 13.51 -34.55
C VAL A 266 -17.47 13.61 -35.95
N ALA A 267 -18.00 12.82 -36.87
CA ALA A 267 -17.55 12.87 -38.25
C ALA A 267 -17.77 14.26 -38.85
N ALA A 268 -18.88 14.89 -38.46
CA ALA A 268 -19.28 16.21 -38.99
C ALA A 268 -18.48 17.36 -38.40
N ALA A 269 -17.79 17.10 -37.29
CA ALA A 269 -16.96 18.11 -36.67
C ALA A 269 -15.55 17.99 -37.22
N GLY A 270 -15.39 17.14 -38.22
CA GLY A 270 -14.10 16.98 -38.87
C GLY A 270 -13.16 16.09 -38.11
N ARG A 271 -13.71 15.26 -37.23
CA ARG A 271 -12.87 14.37 -36.42
C ARG A 271 -13.10 12.91 -36.80
N ASP A 272 -12.21 12.05 -36.33
CA ASP A 272 -12.26 10.63 -36.61
C ASP A 272 -13.21 9.92 -35.64
N PRO A 273 -14.32 9.40 -36.15
CA PRO A 273 -15.32 8.76 -35.29
C PRO A 273 -14.73 7.67 -34.40
N GLU A 274 -13.67 7.01 -34.88
CA GLU A 274 -13.06 5.94 -34.13
C GLU A 274 -12.29 6.44 -32.92
N GLN A 275 -12.12 7.75 -32.82
CA GLN A 275 -11.38 8.36 -31.71
C GLN A 275 -12.29 8.91 -30.63
N THR A 276 -13.58 8.63 -30.74
CA THR A 276 -14.54 8.95 -29.71
C THR A 276 -15.23 7.66 -29.31
N LYS A 277 -14.95 7.18 -28.10
CA LYS A 277 -15.53 5.93 -27.65
C LYS A 277 -16.91 6.12 -27.02
N VAL A 278 -17.90 5.34 -27.47
CA VAL A 278 -19.24 5.40 -26.88
C VAL A 278 -19.50 4.25 -25.90
N PHE A 279 -19.87 4.60 -24.68
CA PHE A 279 -20.14 3.64 -23.62
C PHE A 279 -21.62 3.76 -23.31
N THR A 280 -22.28 2.62 -23.10
CA THR A 280 -23.68 2.64 -22.73
C THR A 280 -23.83 1.97 -21.36
N ALA A 281 -24.79 2.42 -20.57
CA ALA A 281 -24.96 1.94 -19.21
C ALA A 281 -25.80 0.67 -19.08
N VAL A 282 -25.32 -0.27 -18.29
N VAL A 282 -25.31 -0.28 -18.30
CA VAL A 282 -26.10 -1.45 -17.97
CA VAL A 282 -26.09 -1.46 -17.97
C VAL A 282 -25.97 -1.76 -16.49
C VAL A 282 -25.97 -1.74 -16.48
N MET A 283 -27.03 -2.28 -15.88
CA MET A 283 -26.97 -2.61 -14.46
C MET A 283 -27.17 -4.14 -14.28
N PRO A 284 -26.07 -4.89 -14.15
CA PRO A 284 -26.18 -6.34 -14.07
C PRO A 284 -26.43 -6.82 -12.66
N VAL A 285 -27.26 -7.86 -12.54
CA VAL A 285 -27.49 -8.54 -11.27
C VAL A 285 -27.20 -10.01 -11.55
N LEU A 286 -26.16 -10.53 -10.90
CA LEU A 286 -25.68 -11.86 -11.17
C LEU A 286 -26.33 -12.89 -10.24
N GLY A 287 -26.35 -14.14 -10.67
CA GLY A 287 -26.74 -15.23 -9.79
C GLY A 287 -26.04 -16.46 -10.29
N GLU A 288 -25.91 -17.49 -9.44
CA GLU A 288 -25.26 -18.71 -9.87
C GLU A 288 -26.16 -19.39 -10.89
N THR A 289 -27.47 -19.21 -10.73
CA THR A 289 -28.44 -19.69 -11.71
C THR A 289 -29.26 -18.47 -12.09
N GLU A 290 -29.91 -18.52 -13.26
CA GLU A 290 -30.74 -17.42 -13.70
C GLU A 290 -31.86 -17.17 -12.68
N GLN A 291 -32.37 -18.23 -12.09
CA GLN A 291 -33.38 -18.07 -11.06
C GLN A 291 -32.86 -17.26 -9.86
N VAL A 292 -31.63 -17.56 -9.43
CA VAL A 292 -31.07 -16.78 -8.34
C VAL A 292 -30.96 -15.31 -8.72
N ALA A 293 -30.46 -15.03 -9.93
CA ALA A 293 -30.32 -13.65 -10.38
C ALA A 293 -31.65 -12.91 -10.36
N ARG A 294 -32.70 -13.58 -10.83
CA ARG A 294 -34.01 -12.94 -10.89
C ARG A 294 -34.55 -12.64 -9.49
N GLU A 295 -34.31 -13.55 -8.55
CA GLU A 295 -34.76 -13.29 -7.19
C GLU A 295 -33.95 -12.15 -6.56
N ARG A 296 -32.66 -12.06 -6.92
CA ARG A 296 -31.81 -11.00 -6.38
C ARG A 296 -32.22 -9.65 -6.96
N LEU A 297 -32.64 -9.64 -8.23
CA LEU A 297 -33.10 -8.40 -8.84
C LEU A 297 -34.41 -7.97 -8.18
N GLU A 298 -35.31 -8.93 -7.98
CA GLU A 298 -36.56 -8.66 -7.29
C GLU A 298 -36.29 -8.03 -5.93
N TYR A 299 -35.34 -8.61 -5.19
CA TYR A 299 -35.01 -8.09 -3.87
C TYR A 299 -34.47 -6.66 -3.98
N LEU A 300 -33.53 -6.44 -4.90
CA LEU A 300 -32.95 -5.11 -5.08
C LEU A 300 -34.03 -4.07 -5.35
N ASN A 301 -34.91 -4.37 -6.31
CA ASN A 301 -35.97 -3.46 -6.71
C ASN A 301 -37.01 -3.21 -5.61
N SER A 302 -37.15 -4.15 -4.68
CA SER A 302 -38.11 -4.00 -3.60
C SER A 302 -37.64 -3.01 -2.54
N LEU A 303 -36.38 -2.60 -2.64
CA LEU A 303 -35.80 -1.70 -1.65
C LEU A 303 -36.14 -0.23 -1.91
N VAL A 304 -36.61 0.06 -3.12
CA VAL A 304 -36.92 1.43 -3.49
C VAL A 304 -38.14 1.97 -2.74
N HIS A 305 -37.94 3.05 -2.00
CA HIS A 305 -39.03 3.77 -1.38
C HIS A 305 -39.68 4.65 -2.43
N PRO A 306 -41.01 4.52 -2.59
CA PRO A 306 -41.77 5.23 -3.62
C PRO A 306 -41.43 6.71 -3.68
N GLU A 307 -41.37 7.38 -2.53
CA GLU A 307 -41.15 8.82 -2.56
C GLU A 307 -39.74 9.26 -2.98
N VAL A 308 -38.71 8.43 -2.80
CA VAL A 308 -37.39 8.81 -3.27
C VAL A 308 -37.32 8.65 -4.76
N GLY A 309 -37.92 7.59 -5.28
CA GLY A 309 -38.08 7.45 -6.71
C GLY A 309 -38.86 8.61 -7.29
N LEU A 310 -39.98 8.98 -6.65
CA LEU A 310 -40.76 10.13 -7.11
C LEU A 310 -39.95 11.42 -7.13
N SER A 311 -39.16 11.63 -6.08
CA SER A 311 -38.30 12.80 -6.02
C SER A 311 -37.39 12.90 -7.23
N THR A 312 -36.61 11.84 -7.50
CA THR A 312 -35.72 11.86 -8.65
C THR A 312 -36.49 12.07 -9.95
N LEU A 313 -37.65 11.42 -10.08
CA LEU A 313 -38.51 11.57 -11.26
C LEU A 313 -38.96 13.04 -11.47
N SER A 314 -39.39 13.68 -10.39
CA SER A 314 -39.71 15.10 -10.40
C SER A 314 -38.59 15.97 -10.97
N SER A 315 -37.36 15.78 -10.49
CA SER A 315 -36.21 16.57 -10.96
C SER A 315 -35.95 16.35 -12.44
N HIS A 316 -35.95 15.09 -12.86
CA HIS A 316 -35.65 14.77 -14.24
C HIS A 316 -36.76 15.20 -15.21
N SER A 317 -37.99 15.20 -14.73
CA SER A 317 -39.13 15.58 -15.58
C SER A 317 -39.35 17.08 -15.62
N GLY A 318 -38.86 17.79 -14.61
CA GLY A 318 -39.07 19.21 -14.50
C GLY A 318 -40.42 19.51 -13.88
N LEU A 319 -41.09 18.46 -13.43
CA LEU A 319 -42.45 18.57 -12.91
C LEU A 319 -42.50 18.19 -11.43
N ASN A 320 -43.00 19.08 -10.58
CA ASN A 320 -43.03 18.75 -9.16
C ASN A 320 -44.24 17.90 -8.78
N LEU A 321 -44.01 16.60 -8.66
CA LEU A 321 -45.08 15.65 -8.40
C LEU A 321 -45.48 15.56 -6.92
N SER A 322 -44.84 16.37 -6.08
CA SER A 322 -45.16 16.37 -4.65
C SER A 322 -46.53 16.99 -4.37
N LYS A 323 -47.07 17.74 -5.33
CA LYS A 323 -48.37 18.36 -5.16
C LYS A 323 -49.49 17.33 -5.12
N TYR A 324 -49.24 16.16 -5.69
CA TYR A 324 -50.28 15.16 -5.85
C TYR A 324 -50.24 14.13 -4.74
N PRO A 325 -51.41 13.64 -4.32
CA PRO A 325 -51.42 12.48 -3.43
C PRO A 325 -50.71 11.29 -4.09
N LEU A 326 -50.08 10.45 -3.29
CA LEU A 326 -49.32 9.33 -3.81
C LEU A 326 -50.18 8.31 -4.56
N ASP A 327 -51.48 8.28 -4.25
CA ASP A 327 -52.39 7.34 -4.90
C ASP A 327 -53.04 7.89 -6.20
N THR A 328 -52.67 9.12 -6.59
CA THR A 328 -53.16 9.67 -7.85
C THR A 328 -52.74 8.77 -9.03
N LYS A 329 -53.66 8.57 -9.97
CA LYS A 329 -53.34 7.79 -11.16
C LYS A 329 -52.65 8.69 -12.18
N PHE A 330 -51.77 8.12 -12.98
CA PHE A 330 -51.05 8.93 -13.94
C PHE A 330 -52.00 9.65 -14.89
N SER A 331 -53.05 8.95 -15.33
CA SER A 331 -54.02 9.56 -16.22
C SER A 331 -54.63 10.84 -15.63
N ASP A 332 -54.81 10.87 -14.31
CA ASP A 332 -55.35 12.06 -13.66
C ASP A 332 -54.33 13.23 -13.69
N ILE A 333 -53.06 12.89 -13.66
CA ILE A 333 -52.01 13.90 -13.80
C ILE A 333 -51.98 14.42 -15.24
N VAL A 334 -52.17 13.54 -16.20
CA VAL A 334 -52.30 13.98 -17.59
C VAL A 334 -53.49 14.94 -17.70
N ALA A 335 -54.61 14.56 -17.10
CA ALA A 335 -55.80 15.41 -17.12
C ALA A 335 -55.49 16.77 -16.51
N ASP A 336 -54.77 16.76 -15.39
CA ASP A 336 -54.43 17.99 -14.67
C ASP A 336 -53.63 19.00 -15.48
N LEU A 337 -52.68 18.53 -16.28
CA LEU A 337 -51.83 19.44 -17.03
C LEU A 337 -52.23 19.58 -18.50
N GLY A 338 -53.10 18.69 -18.97
CA GLY A 338 -53.39 18.60 -20.39
C GLY A 338 -52.25 17.88 -21.09
N ASP A 339 -52.58 16.98 -22.00
CA ASP A 339 -51.58 16.18 -22.68
C ASP A 339 -50.40 17.02 -23.21
N ARG A 340 -50.70 18.22 -23.66
CA ARG A 340 -49.68 19.08 -24.26
C ARG A 340 -48.64 19.58 -23.27
N HIS A 341 -48.96 19.52 -21.98
CA HIS A 341 -48.06 20.06 -20.96
C HIS A 341 -47.29 19.00 -20.18
N VAL A 342 -47.53 17.73 -20.53
CA VAL A 342 -46.82 16.62 -19.90
C VAL A 342 -45.45 16.46 -20.55
N PRO A 343 -44.38 16.58 -19.75
CA PRO A 343 -43.02 16.39 -20.28
C PRO A 343 -42.94 15.06 -21.02
N THR A 344 -42.27 15.05 -22.17
CA THR A 344 -42.28 13.87 -23.03
C THR A 344 -41.63 12.64 -22.38
N MET A 345 -40.54 12.87 -21.65
CA MET A 345 -39.85 11.75 -21.02
C MET A 345 -40.78 11.10 -20.00
N LEU A 346 -41.64 11.89 -19.37
CA LEU A 346 -42.55 11.39 -18.35
C LEU A 346 -43.66 10.55 -19.00
N GLN A 347 -44.24 11.04 -20.09
CA GLN A 347 -45.23 10.26 -20.81
C GLN A 347 -44.60 8.95 -21.24
N MET A 348 -43.42 9.04 -21.85
CA MET A 348 -42.77 7.85 -22.37
C MET A 348 -42.45 6.87 -21.23
N PHE A 349 -41.93 7.39 -20.12
CA PHE A 349 -41.59 6.48 -19.03
C PHE A 349 -42.83 5.77 -18.50
N SER A 350 -43.91 6.53 -18.38
CA SER A 350 -45.14 5.95 -17.86
C SER A 350 -45.60 4.80 -18.75
N ALA A 351 -45.62 5.04 -20.06
CA ALA A 351 -46.08 4.03 -20.99
C ALA A 351 -45.20 2.80 -20.87
N VAL A 352 -43.90 3.01 -20.86
CA VAL A 352 -42.95 1.89 -20.86
C VAL A 352 -42.90 1.12 -19.54
N ALA A 353 -42.75 1.84 -18.43
CA ALA A 353 -42.73 1.18 -17.13
C ALA A 353 -44.04 0.42 -16.87
N GLY A 354 -45.15 0.98 -17.33
CA GLY A 354 -46.45 0.43 -17.01
C GLY A 354 -46.93 -0.57 -18.06
N GLY A 355 -46.28 -0.55 -19.22
CA GLY A 355 -46.69 -1.36 -20.36
C GLY A 355 -48.13 -1.12 -20.73
N GLY A 356 -48.60 0.11 -20.51
CA GLY A 356 -49.95 0.51 -20.84
C GLY A 356 -50.84 0.66 -19.64
N ALA A 357 -50.42 0.16 -18.49
CA ALA A 357 -51.23 0.27 -17.29
C ALA A 357 -51.27 1.73 -16.80
N ASP A 358 -52.32 2.07 -16.07
CA ASP A 358 -52.48 3.39 -15.46
C ASP A 358 -52.05 3.26 -14.01
N LEU A 359 -50.81 3.67 -13.74
CA LEU A 359 -50.18 3.46 -12.44
C LEU A 359 -50.41 4.62 -11.47
N THR A 360 -50.41 4.33 -10.17
CA THR A 360 -50.36 5.41 -9.20
C THR A 360 -48.99 6.11 -9.25
N LEU A 361 -48.96 7.34 -8.76
CA LEU A 361 -47.71 8.09 -8.66
C LEU A 361 -46.68 7.31 -7.87
N ALA A 362 -47.10 6.74 -6.75
CA ALA A 362 -46.23 5.96 -5.90
C ALA A 362 -45.56 4.86 -6.72
N GLU A 363 -46.37 4.14 -7.47
CA GLU A 363 -45.85 3.01 -8.22
C GLU A 363 -44.94 3.50 -9.35
N LEU A 364 -45.27 4.65 -9.94
CA LEU A 364 -44.40 5.22 -10.98
C LEU A 364 -43.04 5.62 -10.43
N GLY A 365 -43.03 6.19 -9.23
CA GLY A 365 -41.80 6.64 -8.61
C GLY A 365 -40.98 5.46 -8.16
N ARG A 366 -41.67 4.42 -7.69
CA ARG A 366 -41.01 3.20 -7.26
C ARG A 366 -40.22 2.57 -8.42
N ARG A 367 -40.88 2.37 -9.54
CA ARG A 367 -40.23 1.80 -10.72
C ARG A 367 -39.15 2.69 -11.30
N TYR A 368 -39.40 4.00 -11.30
CA TYR A 368 -38.40 4.92 -11.80
C TYR A 368 -37.15 4.84 -10.93
N GLY A 369 -37.34 4.69 -9.62
CA GLY A 369 -36.23 4.68 -8.69
C GLY A 369 -35.34 3.45 -8.76
N THR A 370 -35.81 2.40 -9.43
CA THR A 370 -35.05 1.16 -9.53
C THR A 370 -33.87 1.33 -10.46
N ASN A 371 -34.03 2.15 -11.49
CA ASN A 371 -33.03 2.28 -12.54
C ASN A 371 -33.05 3.65 -13.21
N VAL A 372 -33.54 4.65 -12.50
CA VAL A 372 -33.75 5.99 -13.06
C VAL A 372 -34.45 5.90 -14.41
N GLY A 373 -35.36 4.94 -14.53
CA GLY A 373 -36.20 4.81 -15.70
C GLY A 373 -35.65 3.95 -16.83
N PHE A 374 -34.39 4.17 -17.18
CA PHE A 374 -33.89 3.78 -18.49
C PHE A 374 -32.57 3.01 -18.52
N VAL A 375 -31.93 2.87 -17.36
CA VAL A 375 -30.78 2.00 -17.29
C VAL A 375 -31.29 0.56 -17.32
N PRO A 376 -30.90 -0.19 -18.34
CA PRO A 376 -31.36 -1.58 -18.46
C PRO A 376 -30.84 -2.44 -17.30
N GLN A 377 -31.72 -3.19 -16.66
CA GLN A 377 -31.32 -4.14 -15.65
C GLN A 377 -31.18 -5.52 -16.29
N TRP A 378 -30.01 -6.12 -16.16
CA TRP A 378 -29.75 -7.42 -16.74
C TRP A 378 -29.52 -8.45 -15.63
N ALA A 379 -30.51 -9.32 -15.38
CA ALA A 379 -30.35 -10.39 -14.40
C ALA A 379 -30.01 -11.69 -15.14
N GLY A 380 -29.00 -12.41 -14.66
CA GLY A 380 -28.61 -13.65 -15.28
C GLY A 380 -27.37 -14.25 -14.65
N THR A 381 -27.00 -15.44 -15.09
CA THR A 381 -25.73 -16.03 -14.70
C THR A 381 -24.59 -15.24 -15.34
N ALA A 382 -23.36 -15.49 -14.90
CA ALA A 382 -22.22 -14.77 -15.44
C ALA A 382 -22.10 -15.01 -16.93
N GLU A 383 -22.37 -16.24 -17.35
CA GLU A 383 -22.29 -16.62 -18.77
C GLU A 383 -23.30 -15.83 -19.60
N GLN A 384 -24.51 -15.71 -19.09
CA GLN A 384 -25.57 -14.94 -19.76
C GLN A 384 -25.23 -13.45 -19.86
N ILE A 385 -24.67 -12.86 -18.79
CA ILE A 385 -24.36 -11.44 -18.81
C ILE A 385 -23.26 -11.22 -19.85
N ALA A 386 -22.26 -12.10 -19.83
CA ALA A 386 -21.16 -12.01 -20.80
C ALA A 386 -21.68 -12.15 -22.24
N ASP A 387 -22.53 -13.15 -22.47
CA ASP A 387 -23.17 -13.35 -23.78
C ASP A 387 -23.89 -12.10 -24.26
N GLN A 388 -24.67 -11.48 -23.38
CA GLN A 388 -25.41 -10.28 -23.72
C GLN A 388 -24.51 -9.09 -23.96
N LEU A 389 -23.46 -8.93 -23.15
CA LEU A 389 -22.50 -7.87 -23.39
C LEU A 389 -21.91 -8.06 -24.79
N ILE A 390 -21.43 -9.27 -25.08
CA ILE A 390 -20.82 -9.54 -26.37
C ILE A 390 -21.83 -9.35 -27.51
N SER A 391 -23.06 -9.81 -27.28
CA SER A 391 -24.05 -9.75 -28.34
C SER A 391 -24.39 -8.30 -28.69
N HIS A 392 -24.62 -7.46 -27.69
CA HIS A 392 -24.89 -6.05 -27.94
C HIS A 392 -23.67 -5.35 -28.57
N PHE A 393 -22.48 -5.67 -28.09
CA PHE A 393 -21.27 -5.10 -28.68
C PHE A 393 -21.18 -5.41 -30.19
N GLU A 394 -21.38 -6.67 -30.53
CA GLU A 394 -21.37 -7.12 -31.91
C GLU A 394 -22.46 -6.45 -32.74
N ALA A 395 -23.55 -6.07 -32.10
CA ALA A 395 -24.68 -5.47 -32.81
C ALA A 395 -24.49 -3.97 -33.01
N GLY A 396 -23.39 -3.43 -32.51
CA GLY A 396 -23.14 -1.99 -32.62
C GLY A 396 -23.87 -1.13 -31.59
N ALA A 397 -24.13 -1.68 -30.41
CA ALA A 397 -24.77 -0.89 -29.36
C ALA A 397 -23.83 0.17 -28.77
N ALA A 398 -22.52 -0.10 -28.80
CA ALA A 398 -21.56 0.72 -28.08
C ALA A 398 -20.13 0.21 -28.28
N ASP A 399 -19.15 1.06 -27.96
CA ASP A 399 -17.76 0.62 -27.98
C ASP A 399 -17.44 -0.02 -26.65
N GLY A 400 -18.24 0.27 -25.64
CA GLY A 400 -18.03 -0.33 -24.33
C GLY A 400 -19.21 -0.13 -23.38
N PHE A 401 -19.08 -0.63 -22.16
CA PHE A 401 -20.20 -0.57 -21.23
C PHE A 401 -19.82 0.09 -19.92
N ILE A 402 -20.74 0.90 -19.42
CA ILE A 402 -20.62 1.43 -18.08
C ILE A 402 -21.40 0.48 -17.22
N ILE A 403 -20.76 -0.07 -16.19
CA ILE A 403 -21.45 -0.99 -15.30
C ILE A 403 -22.00 -0.23 -14.10
N SER A 404 -23.29 0.05 -14.12
CA SER A 404 -23.95 0.76 -13.04
C SER A 404 -24.20 -0.22 -11.93
N PRO A 405 -23.80 0.13 -10.69
CA PRO A 405 -23.79 -0.83 -9.57
C PRO A 405 -25.09 -0.85 -8.77
N ALA A 406 -25.64 -2.04 -8.63
CA ALA A 406 -26.86 -2.24 -7.84
C ALA A 406 -26.56 -1.91 -6.40
N TYR A 407 -25.34 -2.25 -5.97
CA TYR A 407 -24.90 -1.91 -4.62
C TYR A 407 -23.40 -2.04 -4.50
N LEU A 408 -22.83 -1.33 -3.52
CA LEU A 408 -21.38 -1.24 -3.42
C LEU A 408 -20.86 -1.63 -2.04
N PRO A 409 -19.65 -2.20 -2.00
CA PRO A 409 -18.76 -2.47 -3.15
C PRO A 409 -19.04 -3.79 -3.82
N GLY A 410 -19.92 -4.60 -3.23
CA GLY A 410 -20.07 -6.00 -3.58
C GLY A 410 -20.32 -6.34 -5.04
N ILE A 411 -21.16 -5.57 -5.72
CA ILE A 411 -21.50 -5.89 -7.10
C ILE A 411 -20.28 -5.89 -8.02
N TYR A 412 -19.34 -4.97 -7.82
CA TYR A 412 -18.12 -4.93 -8.64
C TYR A 412 -17.21 -6.11 -8.35
N GLU A 413 -17.21 -6.60 -7.11
CA GLU A 413 -16.50 -7.83 -6.80
C GLU A 413 -17.08 -9.01 -7.61
N GLU A 414 -18.41 -9.13 -7.60
CA GLU A 414 -19.05 -10.23 -8.35
C GLU A 414 -18.75 -10.09 -9.83
N PHE A 415 -18.90 -8.89 -10.36
CA PHE A 415 -18.76 -8.67 -11.78
C PHE A 415 -17.36 -9.03 -12.23
N VAL A 416 -16.37 -8.53 -11.50
CA VAL A 416 -14.97 -8.74 -11.82
C VAL A 416 -14.57 -10.19 -11.62
N ASP A 417 -15.05 -10.80 -10.55
CA ASP A 417 -14.71 -12.20 -10.29
C ASP A 417 -15.40 -13.16 -11.28
N GLN A 418 -16.63 -12.85 -11.67
CA GLN A 418 -17.42 -13.81 -12.45
C GLN A 418 -17.50 -13.54 -13.96
N VAL A 419 -17.81 -12.30 -14.33
CA VAL A 419 -18.04 -11.98 -15.73
C VAL A 419 -16.77 -11.68 -16.51
N VAL A 420 -15.88 -10.87 -15.94
CA VAL A 420 -14.67 -10.47 -16.63
C VAL A 420 -13.85 -11.66 -17.19
N PRO A 421 -13.64 -12.72 -16.37
CA PRO A 421 -12.84 -13.83 -16.90
C PRO A 421 -13.48 -14.47 -18.13
N LEU A 422 -14.81 -14.49 -18.16
CA LEU A 422 -15.51 -15.07 -19.29
C LEU A 422 -15.36 -14.20 -20.53
N LEU A 423 -15.40 -12.87 -20.36
CA LEU A 423 -15.12 -11.98 -21.49
C LEU A 423 -13.69 -12.17 -21.99
N GLN A 424 -12.77 -12.39 -21.06
CA GLN A 424 -11.36 -12.59 -21.42
C GLN A 424 -11.14 -13.90 -22.21
N GLN A 425 -11.74 -14.99 -21.74
CA GLN A 425 -11.66 -16.27 -22.42
C GLN A 425 -12.20 -16.20 -23.84
N ARG A 426 -13.22 -15.37 -24.04
CA ARG A 426 -13.86 -15.22 -25.35
C ARG A 426 -13.11 -14.30 -26.30
N GLY A 427 -12.10 -13.59 -25.78
CA GLY A 427 -11.22 -12.83 -26.64
C GLY A 427 -11.68 -11.40 -26.89
N VAL A 428 -12.76 -11.01 -26.22
CA VAL A 428 -13.40 -9.72 -26.44
C VAL A 428 -12.96 -8.64 -25.45
N PHE A 429 -12.19 -9.02 -24.44
CA PHE A 429 -11.76 -8.06 -23.41
C PHE A 429 -10.33 -8.35 -22.95
N ARG A 430 -9.55 -7.28 -22.73
CA ARG A 430 -8.14 -7.44 -22.38
C ARG A 430 -7.89 -8.44 -21.23
N THR A 431 -6.85 -9.24 -21.37
CA THR A 431 -6.44 -10.12 -20.26
C THR A 431 -5.43 -9.38 -19.37
N GLU A 432 -4.78 -8.38 -19.95
CA GLU A 432 -3.84 -7.55 -19.24
C GLU A 432 -3.84 -6.18 -19.88
N TYR A 433 -3.40 -5.17 -19.13
CA TYR A 433 -3.26 -3.83 -19.68
C TYR A 433 -2.08 -3.78 -20.64
N GLU A 434 -2.31 -3.28 -21.86
CA GLU A 434 -1.26 -3.19 -22.85
C GLU A 434 -0.39 -1.96 -22.64
N GLY A 435 -1.02 -0.82 -22.37
CA GLY A 435 -0.31 0.41 -22.11
C GLY A 435 -0.43 0.82 -20.65
N THR A 436 0.01 2.04 -20.34
CA THR A 436 -0.01 2.50 -18.96
C THR A 436 -0.96 3.68 -18.77
N THR A 437 -1.35 4.32 -19.86
CA THR A 437 -2.15 5.54 -19.79
C THR A 437 -3.61 5.28 -20.17
N LEU A 438 -4.49 6.21 -19.79
CA LEU A 438 -5.90 6.11 -20.16
C LEU A 438 -6.12 6.19 -21.68
N ARG A 439 -5.37 7.03 -22.37
CA ARG A 439 -5.48 7.06 -23.82
C ARG A 439 -5.10 5.74 -24.47
N GLU A 440 -4.06 5.09 -23.95
CA GLU A 440 -3.69 3.78 -24.49
C GLU A 440 -4.78 2.72 -24.27
N HIS A 441 -5.49 2.80 -23.14
CA HIS A 441 -6.54 1.81 -22.86
C HIS A 441 -7.69 1.96 -23.86
N LEU A 442 -8.01 3.22 -24.15
CA LEU A 442 -9.17 3.57 -24.97
C LEU A 442 -8.82 3.59 -26.45
N GLY A 443 -7.54 3.39 -26.77
CA GLY A 443 -7.09 3.47 -28.15
C GLY A 443 -7.10 4.88 -28.73
N LEU A 444 -6.80 5.87 -27.89
CA LEU A 444 -6.76 7.26 -28.30
C LEU A 444 -5.34 7.72 -28.54
N ALA A 445 -5.13 8.46 -29.62
CA ALA A 445 -3.85 9.08 -29.93
C ALA A 445 -3.43 10.09 -28.86
N HIS A 446 -2.13 10.13 -28.58
CA HIS A 446 -1.52 11.12 -27.68
C HIS A 446 -1.47 12.46 -28.42
N PRO A 447 -2.24 13.46 -27.93
CA PRO A 447 -2.36 14.71 -28.68
C PRO A 447 -1.08 15.51 -28.63
N GLU A 448 -0.80 16.26 -29.69
CA GLU A 448 0.42 17.05 -29.72
C GLU A 448 0.16 18.48 -29.25
N VAL A 449 1.23 19.14 -28.84
CA VAL A 449 1.14 20.49 -28.28
C VAL A 449 0.82 21.51 -29.37
N GLY A 450 -0.14 22.39 -29.09
CA GLY A 450 -0.50 23.46 -29.99
C GLY A 450 -1.70 23.16 -30.87
N ARG B 5 5.88 18.89 29.14
CA ARG B 5 5.47 19.71 28.00
C ARG B 5 6.20 19.21 26.77
N GLN B 6 5.45 18.66 25.82
CA GLN B 6 6.04 18.14 24.58
C GLN B 6 5.88 19.17 23.46
N LEU B 7 6.87 19.22 22.56
CA LEU B 7 6.80 20.13 21.42
C LEU B 7 6.14 19.44 20.22
N HIS B 8 5.67 20.24 19.27
CA HIS B 8 5.05 19.73 18.06
C HIS B 8 5.96 19.95 16.85
N LEU B 9 5.78 19.11 15.83
CA LEU B 9 6.59 19.22 14.62
C LEU B 9 5.70 19.21 13.38
N ALA B 10 6.06 20.04 12.40
CA ALA B 10 5.33 20.11 11.16
C ALA B 10 6.29 20.15 9.97
N GLY B 11 5.95 19.46 8.89
CA GLY B 11 6.65 19.60 7.61
C GLY B 11 5.94 20.69 6.81
N PHE B 12 6.62 21.23 5.81
CA PHE B 12 6.09 22.35 5.05
C PHE B 12 6.93 22.47 3.82
N PHE B 13 6.29 22.33 2.67
CA PHE B 13 6.97 22.45 1.38
C PHE B 13 5.98 22.64 0.27
N SER B 14 6.44 23.26 -0.80
CA SER B 14 5.63 23.52 -1.96
C SER B 14 5.54 22.25 -2.78
N ALA B 15 4.35 21.95 -3.30
CA ALA B 15 4.18 20.84 -4.23
C ALA B 15 4.69 21.33 -5.57
N GLY B 16 6.01 21.38 -5.70
CA GLY B 16 6.64 21.96 -6.87
C GLY B 16 8.13 22.15 -6.64
N ASN B 17 8.71 23.12 -7.34
CA ASN B 17 10.15 23.20 -7.48
C ASN B 17 10.93 23.87 -6.35
N VAL B 18 10.30 24.75 -5.59
CA VAL B 18 11.05 25.54 -4.59
C VAL B 18 10.17 25.91 -3.40
N THR B 19 10.71 25.77 -2.21
CA THR B 19 10.05 26.30 -1.02
C THR B 19 10.81 27.52 -0.50
N HIS B 20 11.80 27.31 0.38
CA HIS B 20 12.60 28.44 0.92
C HIS B 20 14.03 28.50 0.42
N ALA B 21 14.63 27.34 0.19
CA ALA B 21 15.99 27.28 -0.33
C ALA B 21 15.94 27.28 -1.86
N HIS B 22 16.28 28.42 -2.45
CA HIS B 22 16.12 28.58 -3.89
C HIS B 22 17.16 27.85 -4.72
N GLY B 23 18.08 27.15 -4.08
CA GLY B 23 18.95 26.30 -4.86
C GLY B 23 18.56 24.84 -4.75
N ALA B 24 17.50 24.58 -3.99
CA ALA B 24 17.15 23.20 -3.64
C ALA B 24 17.02 22.26 -4.83
N TRP B 25 16.38 22.69 -5.91
CA TRP B 25 16.20 21.81 -7.06
C TRP B 25 17.52 21.39 -7.73
N ARG B 26 18.61 22.11 -7.44
CA ARG B 26 19.92 21.80 -8.06
C ARG B 26 20.78 20.90 -7.20
N HIS B 27 20.37 20.73 -5.95
CA HIS B 27 21.09 19.89 -5.02
C HIS B 27 21.28 18.48 -5.59
N VAL B 28 22.51 17.97 -5.49
CA VAL B 28 22.84 16.62 -5.96
C VAL B 28 21.86 15.56 -5.45
N GLY B 29 21.28 15.81 -4.28
CA GLY B 29 20.35 14.86 -3.69
C GLY B 29 18.88 15.06 -4.04
N ALA B 30 18.54 16.18 -4.65
CA ALA B 30 17.15 16.42 -5.03
C ALA B 30 16.69 15.48 -6.14
N THR B 31 15.58 14.79 -5.90
CA THR B 31 15.02 13.93 -6.94
C THR B 31 14.19 14.74 -7.89
N ASN B 32 13.74 15.91 -7.45
CA ASN B 32 12.80 16.71 -8.22
C ASN B 32 11.59 15.88 -8.69
N GLY B 33 11.10 15.00 -7.81
CA GLY B 33 9.98 14.13 -8.17
C GLY B 33 8.63 14.78 -7.96
N PHE B 34 8.60 16.12 -7.96
CA PHE B 34 7.40 16.86 -7.55
C PHE B 34 6.22 16.78 -8.52
N LEU B 35 6.42 16.10 -9.66
CA LEU B 35 5.31 15.83 -10.59
C LEU B 35 4.77 14.41 -10.40
N THR B 36 5.32 13.63 -9.46
CA THR B 36 4.95 12.22 -9.33
C THR B 36 4.24 11.91 -8.01
N GLY B 37 3.36 10.93 -8.00
CA GLY B 37 2.71 10.56 -6.76
C GLY B 37 3.67 10.00 -5.72
N GLU B 38 4.67 9.24 -6.16
CA GLU B 38 5.56 8.55 -5.23
C GLU B 38 6.39 9.48 -4.34
N PHE B 39 6.83 10.60 -4.92
CA PHE B 39 7.57 11.63 -4.22
C PHE B 39 6.78 12.05 -2.97
N TYR B 40 5.50 12.36 -3.15
CA TYR B 40 4.69 12.84 -2.04
C TYR B 40 4.33 11.74 -1.07
N LYS B 41 4.16 10.54 -1.60
CA LYS B 41 3.87 9.39 -0.75
C LYS B 41 5.05 9.07 0.14
N GLN B 42 6.25 9.09 -0.43
CA GLN B 42 7.45 8.87 0.34
C GLN B 42 7.57 9.89 1.48
N ILE B 43 7.40 11.17 1.17
CA ILE B 43 7.56 12.20 2.19
C ILE B 43 6.51 12.08 3.28
N ALA B 44 5.24 11.89 2.91
CA ALA B 44 4.19 11.69 3.92
C ALA B 44 4.49 10.48 4.82
N ARG B 45 4.90 9.37 4.23
CA ARG B 45 5.23 8.17 5.01
C ARG B 45 6.42 8.42 5.92
N THR B 46 7.35 9.26 5.48
CA THR B 46 8.52 9.54 6.31
C THR B 46 8.15 10.43 7.51
N LEU B 47 7.34 11.43 7.28
CA LEU B 47 6.97 12.31 8.38
C LEU B 47 6.05 11.59 9.38
N GLU B 48 5.22 10.68 8.87
CA GLU B 48 4.41 9.83 9.73
C GLU B 48 5.28 8.89 10.56
N ARG B 49 6.24 8.24 9.92
CA ARG B 49 7.25 7.46 10.64
C ARG B 49 7.90 8.30 11.76
N GLY B 50 8.17 9.58 11.49
CA GLY B 50 8.74 10.46 12.49
C GLY B 50 7.74 11.03 13.48
N LYS B 51 6.47 10.62 13.35
CA LYS B 51 5.43 11.00 14.30
C LYS B 51 5.10 12.49 14.28
N PHE B 52 5.31 13.12 13.14
CA PHE B 52 5.02 14.54 13.00
C PHE B 52 3.54 14.82 13.26
N ASP B 53 3.24 16.00 13.79
CA ASP B 53 1.86 16.44 13.93
C ASP B 53 1.21 16.67 12.58
N LEU B 54 1.94 17.27 11.65
CA LEU B 54 1.32 17.63 10.39
C LEU B 54 2.29 18.01 9.27
N LEU B 55 1.78 17.88 8.05
CA LEU B 55 2.49 18.27 6.84
C LEU B 55 1.52 19.21 6.15
N PHE B 56 2.04 20.31 5.66
CA PHE B 56 1.23 21.45 5.27
C PHE B 56 1.81 21.96 3.94
N LEU B 57 0.95 22.21 2.96
CA LEU B 57 1.42 22.70 1.66
C LEU B 57 0.91 24.10 1.43
N PRO B 58 1.80 25.02 1.06
CA PRO B 58 1.38 26.37 0.70
C PRO B 58 0.88 26.31 -0.74
N ASP B 59 0.31 27.39 -1.28
CA ASP B 59 -0.06 27.40 -2.69
C ASP B 59 0.21 28.74 -3.35
N GLY B 60 0.58 28.71 -4.63
CA GLY B 60 0.65 29.92 -5.43
C GLY B 60 -0.03 29.67 -6.76
N LEU B 61 -0.84 30.63 -7.22
CA LEU B 61 -1.68 30.38 -8.38
C LEU B 61 -1.15 31.02 -9.66
N ALA B 62 0.14 31.34 -9.66
CA ALA B 62 0.78 31.84 -10.88
C ALA B 62 2.29 31.70 -10.83
N ILE B 63 2.91 31.50 -11.99
CA ILE B 63 4.36 31.51 -12.05
C ILE B 63 4.81 32.96 -11.76
N GLU B 64 5.67 33.14 -10.75
CA GLU B 64 6.13 34.48 -10.37
C GLU B 64 6.57 35.28 -11.59
N ASP B 65 5.95 36.44 -11.76
CA ASP B 65 5.98 37.17 -13.01
C ASP B 65 6.66 38.54 -12.93
N SER B 66 6.54 39.17 -11.77
CA SER B 66 6.93 40.57 -11.59
C SER B 66 8.35 40.86 -12.06
N TYR B 67 9.30 40.11 -11.54
CA TYR B 67 10.70 40.30 -11.89
C TYR B 67 10.93 40.05 -13.39
N GLY B 68 11.17 41.13 -14.12
CA GLY B 68 11.34 41.07 -15.56
C GLY B 68 10.02 41.02 -16.33
N ASP B 69 8.91 41.12 -15.60
CA ASP B 69 7.55 40.90 -16.15
C ASP B 69 7.51 39.89 -17.29
N ASN B 70 8.18 38.76 -17.06
CA ASN B 70 8.21 37.64 -17.98
C ASN B 70 8.55 36.34 -17.26
N LEU B 71 8.55 35.25 -18.01
CA LEU B 71 8.77 33.93 -17.47
C LEU B 71 10.24 33.58 -17.50
N GLU B 72 11.08 34.53 -17.88
CA GLU B 72 12.50 34.26 -18.07
C GLU B 72 13.15 33.77 -16.79
N THR B 73 12.94 34.50 -15.71
CA THR B 73 13.62 34.16 -14.47
C THR B 73 12.94 33.00 -13.77
N GLY B 74 11.63 33.09 -13.59
CA GLY B 74 10.87 32.03 -12.94
C GLY B 74 11.03 30.68 -13.63
N VAL B 75 10.80 30.66 -14.94
CA VAL B 75 10.87 29.41 -15.69
C VAL B 75 12.29 28.98 -15.97
N GLY B 76 13.13 29.92 -16.37
CA GLY B 76 14.49 29.58 -16.73
C GLY B 76 15.34 29.10 -15.57
N LEU B 77 15.08 29.61 -14.38
CA LEU B 77 16.00 29.35 -13.27
C LEU B 77 15.33 28.64 -12.12
N GLY B 78 14.01 28.49 -12.21
CA GLY B 78 13.28 27.75 -11.19
C GLY B 78 12.80 28.60 -10.03
N GLY B 79 12.18 29.73 -10.31
CA GLY B 79 11.68 30.60 -9.27
C GLY B 79 10.35 30.18 -8.69
N GLN B 80 9.83 31.03 -7.81
CA GLN B 80 8.62 30.70 -7.07
C GLN B 80 7.44 30.42 -7.98
N GLY B 81 6.75 29.32 -7.72
CA GLY B 81 5.57 28.97 -8.47
C GLY B 81 5.81 28.48 -9.89
N ALA B 82 7.07 28.22 -10.25
CA ALA B 82 7.36 27.71 -11.59
C ALA B 82 6.52 26.44 -11.86
N VAL B 83 6.68 25.45 -11.00
CA VAL B 83 5.75 24.34 -10.97
C VAL B 83 5.01 24.39 -9.64
N ALA B 84 3.68 24.36 -9.68
CA ALA B 84 2.85 24.30 -8.48
C ALA B 84 1.59 23.45 -8.68
N LEU B 85 1.62 22.21 -8.20
CA LEU B 85 0.46 21.31 -8.27
C LEU B 85 -0.69 21.80 -7.40
N GLU B 86 -1.93 21.54 -7.81
CA GLU B 86 -3.07 21.89 -6.99
C GLU B 86 -2.92 21.10 -5.70
N PRO B 87 -2.98 21.77 -4.55
CA PRO B 87 -2.56 21.11 -3.29
C PRO B 87 -3.57 20.16 -2.64
N THR B 88 -4.86 20.36 -2.84
CA THR B 88 -5.82 19.43 -2.25
C THR B 88 -5.69 18.01 -2.81
N SER B 89 -5.43 17.88 -4.11
CA SER B 89 -5.19 16.58 -4.73
C SER B 89 -3.97 15.91 -4.14
N VAL B 90 -2.92 16.72 -3.93
CA VAL B 90 -1.68 16.21 -3.38
C VAL B 90 -1.90 15.70 -1.95
N ILE B 91 -2.58 16.44 -1.10
CA ILE B 91 -2.76 15.90 0.25
C ILE B 91 -3.71 14.68 0.29
N ALA B 92 -4.70 14.63 -0.60
CA ALA B 92 -5.50 13.41 -0.73
C ALA B 92 -4.62 12.21 -1.05
N THR B 93 -3.70 12.40 -1.99
CA THR B 93 -2.75 11.34 -2.33
C THR B 93 -2.01 10.89 -1.07
N MET B 94 -1.58 11.87 -0.27
CA MET B 94 -0.84 11.60 0.95
C MET B 94 -1.69 10.93 2.02
N ALA B 95 -2.93 11.40 2.16
CA ALA B 95 -3.83 10.86 3.17
C ALA B 95 -4.07 9.39 2.88
N ALA B 96 -4.00 9.02 1.60
CA ALA B 96 -4.31 7.64 1.19
C ALA B 96 -3.28 6.64 1.66
N VAL B 97 -2.06 7.10 1.96
CA VAL B 97 -1.00 6.17 2.37
C VAL B 97 -0.50 6.40 3.80
N THR B 98 -1.26 7.14 4.59
CA THR B 98 -0.90 7.40 5.99
C THR B 98 -2.16 7.21 6.84
N GLN B 99 -2.02 7.15 8.15
CA GLN B 99 -3.20 7.01 9.00
C GLN B 99 -3.20 7.84 10.27
N ARG B 100 -2.14 8.62 10.46
CA ARG B 100 -2.07 9.45 11.66
C ARG B 100 -1.65 10.86 11.34
N LEU B 101 -0.64 11.01 10.47
CA LEU B 101 -0.12 12.31 10.07
C LEU B 101 -1.21 13.31 9.69
N GLY B 102 -1.16 14.51 10.28
CA GLY B 102 -2.07 15.58 9.91
C GLY B 102 -1.68 16.20 8.58
N LEU B 103 -2.64 16.78 7.87
CA LEU B 103 -2.37 17.25 6.51
C LEU B 103 -3.14 18.51 6.24
N GLY B 104 -2.45 19.50 5.69
CA GLY B 104 -3.08 20.80 5.50
C GLY B 104 -2.79 21.38 4.13
N ALA B 105 -3.69 22.24 3.65
CA ALA B 105 -3.45 22.88 2.36
C ALA B 105 -3.92 24.31 2.38
N THR B 106 -3.20 25.16 1.66
CA THR B 106 -3.63 26.53 1.42
C THR B 106 -4.72 26.55 0.37
N VAL B 107 -5.87 27.11 0.71
CA VAL B 107 -6.89 27.48 -0.27
C VAL B 107 -7.30 28.94 -0.04
N SER B 108 -7.36 29.70 -1.14
CA SER B 108 -7.60 31.14 -1.07
C SER B 108 -9.10 31.51 -1.02
N THR B 109 -9.48 32.31 -0.02
CA THR B 109 -10.84 32.86 0.04
C THR B 109 -11.04 33.88 -1.08
N THR B 110 -9.96 34.33 -1.71
CA THR B 110 -10.06 35.31 -2.79
C THR B 110 -10.67 34.72 -4.06
N TYR B 111 -10.34 33.47 -4.36
CA TYR B 111 -10.70 32.90 -5.66
C TYR B 111 -11.78 31.82 -5.60
N TYR B 112 -12.07 31.33 -4.40
CA TYR B 112 -13.04 30.27 -4.24
C TYR B 112 -14.14 30.66 -3.28
N PRO B 113 -15.36 30.18 -3.54
CA PRO B 113 -16.52 30.46 -2.69
C PRO B 113 -16.58 29.55 -1.47
N PRO B 114 -17.29 29.98 -0.43
CA PRO B 114 -17.34 29.21 0.82
C PRO B 114 -17.77 27.76 0.60
N TYR B 115 -18.78 27.55 -0.23
CA TYR B 115 -19.31 26.19 -0.44
C TYR B 115 -18.25 25.25 -0.96
N HIS B 116 -17.43 25.71 -1.89
CA HIS B 116 -16.39 24.87 -2.46
C HIS B 116 -15.37 24.49 -1.37
N VAL B 117 -14.89 25.49 -0.65
CA VAL B 117 -13.90 25.28 0.41
C VAL B 117 -14.44 24.36 1.49
N ALA B 118 -15.66 24.62 1.95
CA ALA B 118 -16.26 23.81 3.00
C ALA B 118 -16.37 22.34 2.54
N ARG B 119 -16.84 22.12 1.33
CA ARG B 119 -17.05 20.75 0.85
C ARG B 119 -15.72 20.02 0.56
N VAL B 120 -14.75 20.70 -0.03
CA VAL B 120 -13.46 20.06 -0.28
C VAL B 120 -12.77 19.65 1.04
N PHE B 121 -12.85 20.50 2.06
CA PHE B 121 -12.22 20.14 3.34
C PHE B 121 -12.99 19.10 4.17
N ALA B 122 -14.31 19.21 4.20
CA ALA B 122 -15.13 18.15 4.82
C ALA B 122 -14.91 16.78 4.15
N THR B 123 -14.74 16.79 2.83
CA THR B 123 -14.46 15.57 2.08
C THR B 123 -13.11 14.98 2.48
N LEU B 124 -12.09 15.83 2.47
CA LEU B 124 -10.74 15.40 2.83
C LEU B 124 -10.73 14.98 4.29
N ASP B 125 -11.46 15.71 5.12
CA ASP B 125 -11.53 15.36 6.53
C ASP B 125 -12.14 13.97 6.71
N ASN B 126 -13.22 13.66 5.98
CA ASN B 126 -13.79 12.33 6.04
C ASN B 126 -12.89 11.26 5.43
N LEU B 127 -12.35 11.52 4.24
CA LEU B 127 -11.47 10.54 3.60
C LEU B 127 -10.26 10.19 4.45
N SER B 128 -9.77 11.16 5.23
CA SER B 128 -8.58 10.95 6.06
C SER B 128 -8.94 10.60 7.51
N ASP B 129 -10.23 10.46 7.78
CA ASP B 129 -10.71 10.08 9.10
C ASP B 129 -10.31 11.11 10.17
N GLY B 130 -10.41 12.39 9.83
CA GLY B 130 -10.25 13.47 10.80
C GLY B 130 -8.83 13.99 10.96
N ARG B 131 -8.09 14.07 9.87
CA ARG B 131 -6.71 14.51 9.93
C ARG B 131 -6.43 15.80 9.14
N ILE B 132 -7.46 16.55 8.77
CA ILE B 132 -7.23 17.63 7.81
C ILE B 132 -7.24 19.05 8.40
N SER B 133 -6.55 19.96 7.72
CA SER B 133 -6.55 21.36 8.08
C SER B 133 -6.50 22.25 6.85
N TRP B 134 -6.98 23.48 7.02
CA TRP B 134 -7.07 24.46 5.94
C TRP B 134 -6.26 25.68 6.33
N ASN B 135 -5.25 26.02 5.54
CA ASN B 135 -4.56 27.28 5.74
C ASN B 135 -5.29 28.38 4.98
N VAL B 136 -5.83 29.34 5.72
CA VAL B 136 -6.67 30.38 5.14
C VAL B 136 -5.85 31.55 4.61
N VAL B 137 -6.06 31.89 3.35
CA VAL B 137 -5.27 32.93 2.71
C VAL B 137 -6.20 33.94 2.05
N THR B 138 -5.77 35.21 2.00
CA THR B 138 -6.64 36.30 1.57
C THR B 138 -5.98 37.23 0.58
N SER B 139 -4.79 36.84 0.11
CA SER B 139 -3.94 37.69 -0.72
C SER B 139 -4.51 37.93 -2.11
N LEU B 140 -4.08 39.02 -2.72
CA LEU B 140 -4.41 39.32 -4.12
C LEU B 140 -3.12 39.67 -4.85
N ASN B 141 -2.63 38.73 -5.63
CA ASN B 141 -1.45 38.93 -6.45
C ASN B 141 -1.91 39.13 -7.90
N ASP B 142 -1.35 40.14 -8.56
CA ASP B 142 -1.77 40.51 -9.93
C ASP B 142 -1.82 39.32 -10.91
N SER B 143 -0.74 38.54 -10.95
CA SER B 143 -0.63 37.39 -11.85
C SER B 143 -1.66 36.30 -11.56
N GLU B 144 -1.86 35.98 -10.29
CA GLU B 144 -2.90 35.05 -9.88
C GLU B 144 -4.24 35.56 -10.41
N ALA B 145 -4.52 36.82 -10.12
CA ALA B 145 -5.76 37.46 -10.54
C ALA B 145 -5.96 37.37 -12.05
N ARG B 146 -4.88 37.46 -12.83
CA ARG B 146 -4.99 37.41 -14.28
C ARG B 146 -5.32 35.98 -14.75
N ASN B 147 -4.81 34.98 -14.04
CA ASN B 147 -5.14 33.58 -14.34
C ASN B 147 -6.61 33.23 -14.04
N PHE B 148 -7.20 33.93 -13.07
CA PHE B 148 -8.58 33.67 -12.69
C PHE B 148 -9.53 34.68 -13.31
N GLY B 149 -8.99 35.59 -14.13
CA GLY B 149 -9.80 36.57 -14.83
C GLY B 149 -10.49 37.54 -13.88
N VAL B 150 -9.81 37.89 -12.80
CA VAL B 150 -10.36 38.82 -11.83
C VAL B 150 -9.86 40.26 -12.07
N ASP B 151 -10.79 41.22 -11.97
CA ASP B 151 -10.48 42.63 -12.17
C ASP B 151 -10.67 43.40 -10.85
N GLU B 152 -11.71 43.03 -10.11
CA GLU B 152 -12.02 43.63 -8.82
C GLU B 152 -10.76 43.72 -7.94
N HIS B 153 -10.68 44.76 -7.11
CA HIS B 153 -9.54 44.94 -6.24
C HIS B 153 -9.95 45.45 -4.87
N LEU B 154 -9.93 44.56 -3.87
CA LEU B 154 -10.27 44.93 -2.50
C LEU B 154 -9.00 45.27 -1.72
N GLU B 155 -9.07 46.28 -0.86
CA GLU B 155 -7.93 46.67 -0.02
C GLU B 155 -7.51 45.54 0.92
N HIS B 156 -6.19 45.42 1.14
CA HIS B 156 -5.62 44.40 2.01
C HIS B 156 -6.44 44.07 3.27
N ASP B 157 -6.84 45.10 4.01
CA ASP B 157 -7.55 44.89 5.28
C ASP B 157 -9.03 44.51 5.08
N ILE B 158 -9.60 44.92 3.95
CA ILE B 158 -10.98 44.56 3.66
C ILE B 158 -11.11 43.08 3.25
N ARG B 159 -10.10 42.56 2.57
CA ARG B 159 -10.08 41.13 2.24
C ARG B 159 -10.18 40.31 3.52
N TYR B 160 -9.57 40.82 4.60
CA TYR B 160 -9.67 40.14 5.90
C TYR B 160 -11.06 40.28 6.54
N ASP B 161 -11.75 41.39 6.28
CA ASP B 161 -13.11 41.55 6.77
C ASP B 161 -14.03 40.54 6.05
N ARG B 162 -13.85 40.43 4.75
CA ARG B 162 -14.65 39.54 3.91
C ARG B 162 -14.35 38.09 4.27
N ALA B 163 -13.07 37.82 4.55
CA ALA B 163 -12.63 36.52 5.05
C ALA B 163 -13.28 36.16 6.38
N ASP B 164 -13.58 37.15 7.22
CA ASP B 164 -14.28 36.90 8.49
C ASP B 164 -15.65 36.28 8.19
N GLU B 165 -16.37 36.88 7.23
CA GLU B 165 -17.69 36.37 6.85
C GLU B 165 -17.57 35.03 6.14
N PHE B 166 -16.50 34.88 5.35
CA PHE B 166 -16.21 33.66 4.64
C PHE B 166 -16.14 32.52 5.65
N LEU B 167 -15.34 32.72 6.70
CA LEU B 167 -15.13 31.73 7.74
C LEU B 167 -16.41 31.41 8.47
N GLU B 168 -17.20 32.45 8.74
CA GLU B 168 -18.53 32.25 9.34
C GLU B 168 -19.32 31.30 8.47
N ALA B 169 -19.39 31.63 7.19
CA ALA B 169 -20.12 30.84 6.20
C ALA B 169 -19.64 29.39 6.20
N VAL B 170 -18.32 29.21 6.18
CA VAL B 170 -17.74 27.87 6.16
C VAL B 170 -18.09 27.05 7.39
N LYS B 171 -17.96 27.66 8.57
CA LYS B 171 -18.30 26.96 9.79
C LYS B 171 -19.80 26.58 9.92
N LYS B 172 -20.68 27.43 9.43
CA LYS B 172 -22.10 27.11 9.40
C LYS B 172 -22.33 25.85 8.55
N LEU B 173 -21.74 25.82 7.37
CA LEU B 173 -21.80 24.67 6.50
C LEU B 173 -21.31 23.40 7.20
N TRP B 174 -20.17 23.50 7.88
CA TRP B 174 -19.63 22.37 8.62
C TRP B 174 -20.52 21.93 9.78
N SER B 175 -21.43 22.82 10.18
CA SER B 175 -22.41 22.48 11.21
C SER B 175 -23.79 22.10 10.63
N SER B 176 -23.91 22.06 9.31
CA SER B 176 -25.22 21.76 8.73
C SER B 176 -25.71 20.36 9.06
N TRP B 177 -24.78 19.42 9.26
CA TRP B 177 -25.14 18.09 9.72
C TRP B 177 -24.78 17.90 11.18
N SER B 178 -25.75 17.53 12.01
CA SER B 178 -25.42 17.15 13.37
C SER B 178 -24.63 15.86 13.32
N GLU B 179 -23.86 15.61 14.36
CA GLU B 179 -23.01 14.44 14.42
C GLU B 179 -23.81 13.14 14.60
N ASP B 180 -25.09 13.30 14.93
CA ASP B 180 -25.94 12.13 15.07
C ASP B 180 -27.03 12.10 14.01
N ALA B 181 -26.88 12.93 12.98
CA ALA B 181 -27.89 13.02 11.93
C ALA B 181 -28.02 11.77 11.05
N LEU B 182 -26.88 11.19 10.65
CA LEU B 182 -26.87 10.07 9.74
C LEU B 182 -27.27 8.77 10.46
N LEU B 183 -28.32 8.11 9.96
CA LEU B 183 -28.90 6.95 10.62
C LEU B 183 -28.54 5.62 9.96
N LEU B 184 -28.71 5.58 8.64
CA LEU B 184 -28.52 4.36 7.87
C LEU B 184 -29.36 3.22 8.42
N ASP B 185 -30.62 3.50 8.71
CA ASP B 185 -31.50 2.49 9.23
C ASP B 185 -32.14 1.75 8.06
N LYS B 186 -31.48 0.67 7.63
CA LYS B 186 -31.85 -0.07 6.42
C LYS B 186 -33.23 -0.69 6.55
N VAL B 187 -33.42 -1.49 7.58
CA VAL B 187 -34.69 -2.15 7.81
C VAL B 187 -35.80 -1.12 7.81
N GLY B 188 -35.60 -0.04 8.56
CA GLY B 188 -36.62 0.99 8.71
C GLY B 188 -36.75 2.00 7.58
N GLY B 189 -35.79 2.03 6.66
CA GLY B 189 -35.85 2.96 5.54
C GLY B 189 -35.49 4.40 5.92
N ARG B 190 -34.94 4.59 7.11
CA ARG B 190 -34.52 5.93 7.55
C ARG B 190 -33.05 6.19 7.26
N PHE B 191 -32.79 7.04 6.27
CA PHE B 191 -31.42 7.30 5.85
C PHE B 191 -30.72 8.22 6.86
N ALA B 192 -31.31 9.39 7.10
CA ALA B 192 -30.75 10.37 8.03
C ALA B 192 -31.93 11.13 8.66
N ASP B 193 -31.73 11.73 9.82
CA ASP B 193 -32.80 12.49 10.47
C ASP B 193 -32.90 13.89 9.89
N PRO B 194 -33.96 14.16 9.10
CA PRO B 194 -34.06 15.47 8.45
C PRO B 194 -34.15 16.62 9.43
N LYS B 195 -34.44 16.34 10.70
CA LYS B 195 -34.46 17.39 11.70
C LYS B 195 -33.04 17.78 12.11
N LYS B 196 -32.07 16.92 11.83
CA LYS B 196 -30.70 17.15 12.27
C LYS B 196 -29.75 17.61 11.16
N VAL B 197 -30.32 17.99 10.02
CA VAL B 197 -29.58 18.53 8.90
C VAL B 197 -30.33 19.77 8.51
N GLN B 198 -29.66 20.91 8.55
CA GLN B 198 -30.34 22.20 8.43
C GLN B 198 -29.80 23.02 7.29
N TYR B 199 -30.69 23.78 6.66
CA TYR B 199 -30.27 24.80 5.72
C TYR B 199 -29.39 25.80 6.46
N VAL B 200 -28.53 26.47 5.71
CA VAL B 200 -27.65 27.46 6.30
C VAL B 200 -28.20 28.86 6.00
N ASN B 201 -28.72 29.05 4.79
CA ASN B 201 -29.28 30.33 4.40
C ASN B 201 -28.42 31.49 4.82
N HIS B 202 -27.13 31.42 4.54
CA HIS B 202 -26.25 32.53 4.83
C HIS B 202 -26.42 33.64 3.79
N ARG B 203 -26.77 34.83 4.25
CA ARG B 203 -26.82 35.98 3.38
C ARG B 203 -26.14 37.15 4.07
N GLY B 204 -24.97 37.52 3.57
CA GLY B 204 -24.19 38.56 4.21
C GLY B 204 -23.81 39.66 3.26
N ARG B 205 -23.07 40.64 3.77
CA ARG B 205 -22.60 41.74 2.94
C ARG B 205 -21.82 41.22 1.73
N TRP B 206 -21.04 40.16 1.94
CA TRP B 206 -20.14 39.67 0.91
C TRP B 206 -20.65 38.42 0.18
N LEU B 207 -21.31 37.54 0.91
CA LEU B 207 -21.53 36.20 0.39
C LEU B 207 -22.93 35.66 0.63
N SER B 208 -23.40 34.85 -0.30
CA SER B 208 -24.62 34.06 -0.13
C SER B 208 -24.35 32.58 -0.33
N VAL B 209 -24.81 31.76 0.60
CA VAL B 209 -24.81 30.31 0.39
C VAL B 209 -25.91 29.66 1.20
N ARG B 210 -26.73 28.87 0.51
CA ARG B 210 -27.94 28.30 1.09
C ARG B 210 -27.69 27.04 1.92
N GLY B 211 -26.90 26.12 1.40
CA GLY B 211 -26.70 24.85 2.08
C GLY B 211 -27.89 23.92 1.88
N PRO B 212 -27.98 22.85 2.68
CA PRO B 212 -26.93 22.42 3.60
C PRO B 212 -25.74 21.86 2.84
N LEU B 213 -24.64 21.60 3.56
CA LEU B 213 -23.50 20.94 2.95
C LEU B 213 -23.87 19.48 2.67
N GLN B 214 -23.35 18.93 1.58
CA GLN B 214 -23.58 17.52 1.27
C GLN B 214 -22.57 16.56 1.92
N VAL B 215 -21.92 17.00 2.99
CA VAL B 215 -20.94 16.17 3.68
C VAL B 215 -21.07 16.28 5.20
N PRO B 216 -21.33 15.16 5.87
CA PRO B 216 -21.37 15.16 7.34
C PRO B 216 -19.98 15.46 7.94
N ARG B 217 -19.93 15.63 9.26
CA ARG B 217 -18.70 15.94 9.97
C ARG B 217 -17.86 14.69 10.22
N SER B 218 -16.53 14.82 10.15
CA SER B 218 -15.60 13.71 10.45
C SER B 218 -15.50 13.48 11.97
N ARG B 219 -14.68 12.50 12.37
CA ARG B 219 -14.34 12.23 13.77
C ARG B 219 -13.94 13.46 14.58
N GLN B 220 -13.23 14.39 13.94
CA GLN B 220 -12.69 15.55 14.64
C GLN B 220 -13.59 16.78 14.53
N GLY B 221 -14.83 16.57 14.10
CA GLY B 221 -15.80 17.64 14.09
C GLY B 221 -15.67 18.56 12.90
N GLU B 222 -14.62 19.38 12.91
CA GLU B 222 -14.31 20.31 11.81
C GLU B 222 -12.82 20.24 11.52
N PRO B 223 -12.44 20.57 10.27
CA PRO B 223 -11.02 20.74 9.94
C PRO B 223 -10.36 21.82 10.81
N VAL B 224 -9.07 21.66 11.08
CA VAL B 224 -8.31 22.63 11.86
C VAL B 224 -7.95 23.86 11.03
N ILE B 225 -8.12 25.05 11.61
CA ILE B 225 -7.83 26.29 10.88
C ILE B 225 -6.38 26.73 11.08
N LEU B 226 -5.68 26.91 9.97
CA LEU B 226 -4.29 27.33 9.97
C LEU B 226 -4.17 28.75 9.44
N GLN B 227 -3.22 29.50 9.99
CA GLN B 227 -3.02 30.89 9.57
C GLN B 227 -1.53 31.23 9.58
N ALA B 228 -1.07 31.89 8.53
CA ALA B 228 0.35 32.25 8.41
C ALA B 228 0.60 33.72 8.08
N GLY B 229 -0.47 34.49 7.90
CA GLY B 229 -0.32 35.92 7.66
C GLY B 229 -0.11 36.70 8.95
N LEU B 230 0.95 37.48 9.03
CA LEU B 230 1.26 38.20 10.27
C LEU B 230 1.28 39.74 10.16
N SER B 231 0.52 40.29 9.22
CA SER B 231 0.29 41.72 9.19
C SER B 231 -0.57 42.08 10.39
N PRO B 232 -0.64 43.36 10.72
CA PRO B 232 -1.45 43.72 11.89
C PRO B 232 -2.86 43.14 11.77
N ARG B 233 -3.49 43.30 10.61
CA ARG B 233 -4.81 42.74 10.35
C ARG B 233 -4.80 41.21 10.48
N GLY B 234 -3.80 40.58 9.87
CA GLY B 234 -3.66 39.14 9.92
C GLY B 234 -3.54 38.59 11.33
N ARG B 235 -2.88 39.34 12.20
CA ARG B 235 -2.71 38.91 13.58
C ARG B 235 -4.05 38.92 14.30
N ARG B 236 -4.88 39.92 14.00
CA ARG B 236 -6.23 39.98 14.55
C ARG B 236 -7.04 38.81 13.99
N PHE B 237 -6.98 38.61 12.68
CA PHE B 237 -7.67 37.48 12.05
C PHE B 237 -7.24 36.18 12.73
N ALA B 238 -5.95 36.05 13.02
CA ALA B 238 -5.42 34.85 13.68
C ALA B 238 -5.99 34.75 15.09
N GLY B 239 -6.11 35.89 15.77
CA GLY B 239 -6.67 35.92 17.11
C GLY B 239 -8.08 35.33 17.13
N ARG B 240 -8.88 35.71 16.15
CA ARG B 240 -10.27 35.29 16.13
C ARG B 240 -10.46 33.86 15.65
N TRP B 241 -9.66 33.44 14.66
CA TRP B 241 -9.96 32.20 13.93
C TRP B 241 -8.88 31.11 14.02
N ALA B 242 -7.62 31.51 14.08
CA ALA B 242 -6.55 30.52 13.94
C ALA B 242 -6.57 29.51 15.09
N GLU B 243 -6.29 28.25 14.76
CA GLU B 243 -6.06 27.22 15.76
C GLU B 243 -4.59 26.80 15.74
N ALA B 244 -3.91 27.09 14.63
CA ALA B 244 -2.47 26.94 14.57
C ALA B 244 -1.95 28.06 13.68
N VAL B 245 -0.82 28.62 14.08
CA VAL B 245 -0.24 29.76 13.39
C VAL B 245 1.19 29.43 12.98
N PHE B 246 1.55 29.82 11.77
CA PHE B 246 2.87 29.52 11.27
C PHE B 246 3.63 30.79 10.96
N SER B 247 4.85 30.83 11.46
CA SER B 247 5.60 32.06 11.56
C SER B 247 7.05 31.85 11.19
N VAL B 248 7.61 32.81 10.49
CA VAL B 248 9.04 32.79 10.19
C VAL B 248 9.76 33.90 10.98
N SER B 249 10.67 33.51 11.86
CA SER B 249 11.46 34.46 12.65
C SER B 249 12.94 34.10 12.66
N PRO B 250 13.80 35.09 12.39
CA PRO B 250 15.24 34.79 12.29
C PRO B 250 15.96 34.47 13.62
N ASN B 251 15.41 34.84 14.77
CA ASN B 251 16.14 34.62 16.01
C ASN B 251 15.21 34.58 17.22
N LEU B 252 15.78 34.20 18.36
CA LEU B 252 14.98 33.92 19.54
C LEU B 252 14.24 35.15 20.04
N ASP B 253 14.90 36.32 20.03
CA ASP B 253 14.23 37.54 20.45
C ASP B 253 12.95 37.75 19.64
N ILE B 254 13.04 37.59 18.33
CA ILE B 254 11.85 37.78 17.50
C ILE B 254 10.82 36.66 17.70
N MET B 255 11.28 35.42 17.77
CA MET B 255 10.34 34.33 17.99
C MET B 255 9.50 34.61 19.25
N ARG B 256 10.14 35.05 20.32
CA ARG B 256 9.43 35.21 21.58
C ARG B 256 8.45 36.36 21.50
N ALA B 257 8.84 37.43 20.81
CA ALA B 257 7.97 38.58 20.65
C ALA B 257 6.76 38.19 19.82
N VAL B 258 6.99 37.48 18.72
CA VAL B 258 5.89 37.02 17.88
C VAL B 258 4.97 36.07 18.68
N TYR B 259 5.55 35.09 19.35
CA TYR B 259 4.79 34.17 20.19
C TYR B 259 3.82 34.88 21.14
N GLN B 260 4.36 35.78 21.97
CA GLN B 260 3.56 36.50 22.96
C GLN B 260 2.47 37.34 22.31
N ASP B 261 2.82 38.04 21.23
CA ASP B 261 1.84 38.87 20.54
C ASP B 261 0.67 38.02 19.99
N ILE B 262 0.98 36.86 19.44
CA ILE B 262 -0.08 36.01 18.91
C ILE B 262 -0.94 35.50 20.05
N LYS B 263 -0.30 34.99 21.10
CA LYS B 263 -1.05 34.53 22.27
C LYS B 263 -1.96 35.63 22.80
N ALA B 264 -1.52 36.88 22.67
CA ALA B 264 -2.28 38.01 23.19
C ALA B 264 -3.45 38.38 22.27
N HIS B 265 -3.27 38.23 20.97
CA HIS B 265 -4.37 38.49 20.04
C HIS B 265 -5.49 37.48 20.24
N VAL B 266 -5.13 36.25 20.58
CA VAL B 266 -6.11 35.19 20.78
C VAL B 266 -6.93 35.51 22.02
N ALA B 267 -6.25 35.83 23.11
CA ALA B 267 -6.90 36.20 24.37
C ALA B 267 -7.76 37.44 24.22
N ALA B 268 -7.35 38.36 23.34
CA ALA B 268 -8.11 39.58 23.11
C ALA B 268 -9.40 39.29 22.36
N ALA B 269 -9.42 38.16 21.68
CA ALA B 269 -10.59 37.74 20.91
C ALA B 269 -11.51 36.88 21.77
N GLY B 270 -11.14 36.67 23.03
CA GLY B 270 -11.99 35.96 23.95
C GLY B 270 -11.71 34.47 24.02
N ARG B 271 -10.64 34.04 23.35
CA ARG B 271 -10.32 32.63 23.26
C ARG B 271 -9.19 32.24 24.20
N ASP B 272 -9.05 30.95 24.43
CA ASP B 272 -7.97 30.39 25.24
C ASP B 272 -6.68 30.40 24.41
N PRO B 273 -5.64 31.11 24.88
CA PRO B 273 -4.35 31.16 24.18
C PRO B 273 -3.73 29.77 24.00
N GLU B 274 -3.92 28.89 24.96
CA GLU B 274 -3.37 27.54 24.85
C GLU B 274 -4.06 26.68 23.78
N GLN B 275 -5.14 27.19 23.20
CA GLN B 275 -5.87 26.48 22.16
C GLN B 275 -5.51 27.00 20.77
N THR B 276 -4.41 27.74 20.69
CA THR B 276 -3.85 28.13 19.41
C THR B 276 -2.38 27.79 19.47
N LYS B 277 -1.91 26.92 18.60
CA LYS B 277 -0.53 26.45 18.63
C LYS B 277 0.33 27.27 17.68
N VAL B 278 1.40 27.88 18.23
CA VAL B 278 2.36 28.64 17.41
C VAL B 278 3.57 27.81 16.96
N PHE B 279 3.77 27.74 15.65
CA PHE B 279 4.93 27.05 15.07
C PHE B 279 5.89 28.08 14.48
N THR B 280 7.19 27.86 14.62
CA THR B 280 8.17 28.77 14.01
C THR B 280 9.04 27.94 13.08
N ALA B 281 9.41 28.52 11.94
CA ALA B 281 10.18 27.82 10.91
C ALA B 281 11.68 27.74 11.17
N VAL B 282 12.26 26.58 10.88
N VAL B 282 12.25 26.58 10.84
CA VAL B 282 13.71 26.42 10.94
CA VAL B 282 13.68 26.34 10.97
C VAL B 282 14.17 25.48 9.82
C VAL B 282 14.17 25.45 9.82
N MET B 283 15.36 25.73 9.29
CA MET B 283 15.89 24.94 8.20
C MET B 283 17.17 24.26 8.68
N PRO B 284 17.04 23.05 9.23
CA PRO B 284 18.21 22.34 9.75
C PRO B 284 19.03 21.70 8.63
N VAL B 285 20.34 21.66 8.82
CA VAL B 285 21.25 21.00 7.92
C VAL B 285 22.16 20.15 8.77
N LEU B 286 22.05 18.85 8.60
CA LEU B 286 22.69 17.87 9.46
C LEU B 286 24.05 17.44 8.93
N GLY B 287 24.91 17.02 9.85
CA GLY B 287 26.14 16.32 9.48
C GLY B 287 26.56 15.35 10.58
N GLU B 288 27.31 14.33 10.20
CA GLU B 288 27.89 13.42 11.18
C GLU B 288 28.69 14.22 12.21
N THR B 289 29.34 15.27 11.73
CA THR B 289 30.05 16.20 12.62
C THR B 289 29.60 17.63 12.29
N GLU B 290 29.82 18.55 13.23
CA GLU B 290 29.48 19.95 13.00
C GLU B 290 30.20 20.47 11.76
N GLN B 291 31.44 20.04 11.57
CA GLN B 291 32.20 20.40 10.39
C GLN B 291 31.53 19.98 9.07
N VAL B 292 31.22 18.70 8.94
CA VAL B 292 30.42 18.22 7.82
C VAL B 292 29.14 19.06 7.65
N ALA B 293 28.43 19.29 8.74
CA ALA B 293 27.19 20.06 8.65
C ALA B 293 27.45 21.43 8.00
N ARG B 294 28.56 22.06 8.37
CA ARG B 294 28.85 23.40 7.90
C ARG B 294 29.24 23.40 6.42
N GLU B 295 29.97 22.37 6.01
CA GLU B 295 30.29 22.20 4.61
C GLU B 295 29.03 21.95 3.81
N ARG B 296 28.09 21.19 4.36
CA ARG B 296 26.85 20.89 3.63
C ARG B 296 25.98 22.14 3.45
N LEU B 297 25.96 23.01 4.46
CA LEU B 297 25.18 24.24 4.39
C LEU B 297 25.81 25.17 3.37
N GLU B 298 27.13 25.23 3.39
CA GLU B 298 27.86 26.04 2.43
C GLU B 298 27.57 25.55 1.00
N TYR B 299 27.61 24.24 0.80
CA TYR B 299 27.25 23.67 -0.51
C TYR B 299 25.83 24.08 -0.91
N LEU B 300 24.89 23.90 0.01
CA LEU B 300 23.49 24.24 -0.28
C LEU B 300 23.28 25.72 -0.65
N ASN B 301 23.86 26.63 0.12
CA ASN B 301 23.74 28.05 -0.16
C ASN B 301 24.46 28.46 -1.44
N SER B 302 25.48 27.71 -1.83
CA SER B 302 26.22 28.02 -3.05
C SER B 302 25.38 27.78 -4.31
N LEU B 303 24.24 27.09 -4.18
CA LEU B 303 23.45 26.72 -5.37
C LEU B 303 22.48 27.79 -5.80
N VAL B 304 22.27 28.78 -4.93
CA VAL B 304 21.30 29.81 -5.21
C VAL B 304 21.79 30.73 -6.31
N HIS B 305 20.98 30.88 -7.36
CA HIS B 305 21.25 31.85 -8.42
C HIS B 305 20.81 33.26 -7.98
N PRO B 306 21.70 34.24 -8.11
CA PRO B 306 21.42 35.61 -7.64
C PRO B 306 20.08 36.16 -8.16
N GLU B 307 19.82 35.99 -9.45
CA GLU B 307 18.54 36.46 -10.00
C GLU B 307 17.27 35.78 -9.46
N VAL B 308 17.31 34.48 -9.14
CA VAL B 308 16.10 33.87 -8.58
C VAL B 308 15.85 34.43 -7.20
N GLY B 309 16.92 34.51 -6.41
CA GLY B 309 16.83 35.13 -5.09
C GLY B 309 16.30 36.55 -5.14
N LEU B 310 16.82 37.35 -6.08
CA LEU B 310 16.37 38.73 -6.28
C LEU B 310 14.88 38.79 -6.65
N SER B 311 14.46 37.89 -7.52
CA SER B 311 13.08 37.82 -7.97
C SER B 311 12.15 37.69 -6.77
N THR B 312 12.42 36.74 -5.89
CA THR B 312 11.59 36.54 -4.69
C THR B 312 11.67 37.73 -3.74
N LEU B 313 12.86 38.30 -3.59
CA LEU B 313 13.01 39.49 -2.76
C LEU B 313 12.16 40.62 -3.32
N SER B 314 12.15 40.76 -4.63
CA SER B 314 11.28 41.76 -5.25
C SER B 314 9.82 41.54 -4.93
N SER B 315 9.34 40.30 -5.12
CA SER B 315 7.93 39.99 -4.82
C SER B 315 7.58 40.27 -3.37
N HIS B 316 8.40 39.78 -2.45
CA HIS B 316 8.10 39.93 -1.03
C HIS B 316 8.20 41.38 -0.55
N SER B 317 9.14 42.15 -1.11
CA SER B 317 9.31 43.54 -0.69
C SER B 317 8.28 44.46 -1.35
N GLY B 318 7.76 44.05 -2.51
CA GLY B 318 6.82 44.88 -3.24
C GLY B 318 7.50 45.96 -4.05
N LEU B 319 8.83 45.90 -4.13
CA LEU B 319 9.60 46.80 -4.96
C LEU B 319 10.27 46.01 -6.07
N ASN B 320 10.02 46.38 -7.32
CA ASN B 320 10.53 45.63 -8.48
C ASN B 320 12.03 45.90 -8.76
N LEU B 321 12.89 45.05 -8.23
CA LEU B 321 14.32 45.31 -8.30
C LEU B 321 14.96 44.94 -9.65
N SER B 322 14.19 44.34 -10.54
CA SER B 322 14.70 43.96 -11.86
C SER B 322 14.91 45.19 -12.75
N LYS B 323 14.37 46.33 -12.34
CA LYS B 323 14.60 47.57 -13.07
C LYS B 323 16.08 47.97 -13.05
N TYR B 324 16.79 47.59 -11.98
CA TYR B 324 18.17 48.01 -11.81
C TYR B 324 19.15 46.96 -12.28
N PRO B 325 20.33 47.40 -12.74
CA PRO B 325 21.43 46.48 -13.01
C PRO B 325 21.77 45.74 -11.73
N LEU B 326 22.17 44.47 -11.85
CA LEU B 326 22.44 43.64 -10.68
C LEU B 326 23.53 44.18 -9.77
N ASP B 327 24.48 44.91 -10.34
CA ASP B 327 25.63 45.44 -9.59
C ASP B 327 25.30 46.70 -8.80
N THR B 328 24.05 47.13 -8.86
CA THR B 328 23.63 48.35 -8.17
C THR B 328 23.74 48.14 -6.67
N LYS B 329 24.43 49.05 -6.00
CA LYS B 329 24.60 48.98 -4.55
C LYS B 329 23.32 49.41 -3.85
N PHE B 330 23.09 48.90 -2.65
CA PHE B 330 21.83 49.19 -1.98
C PHE B 330 21.73 50.68 -1.65
N SER B 331 22.84 51.26 -1.19
CA SER B 331 22.83 52.68 -0.88
C SER B 331 22.39 53.48 -2.10
N ASP B 332 22.75 53.01 -3.29
CA ASP B 332 22.37 53.70 -4.51
C ASP B 332 20.87 53.61 -4.79
N ILE B 333 20.25 52.52 -4.35
CA ILE B 333 18.84 52.37 -4.56
C ILE B 333 18.09 53.30 -3.61
N VAL B 334 18.53 53.35 -2.36
CA VAL B 334 17.93 54.28 -1.41
C VAL B 334 18.11 55.72 -1.89
N ALA B 335 19.31 56.07 -2.34
CA ALA B 335 19.52 57.40 -2.90
C ALA B 335 18.60 57.68 -4.09
N ASP B 336 18.43 56.69 -4.97
CA ASP B 336 17.64 56.88 -6.17
C ASP B 336 16.16 57.07 -5.86
N LEU B 337 15.67 56.37 -4.84
CA LEU B 337 14.24 56.33 -4.60
C LEU B 337 13.77 57.22 -3.45
N GLY B 338 14.65 57.50 -2.52
CA GLY B 338 14.26 58.19 -1.30
C GLY B 338 13.99 57.15 -0.22
N ASP B 339 14.49 57.41 0.97
CA ASP B 339 14.31 56.54 2.13
C ASP B 339 12.85 56.22 2.41
N ARG B 340 11.96 57.14 2.03
CA ARG B 340 10.51 56.95 2.20
C ARG B 340 9.92 55.96 1.20
N HIS B 341 10.65 55.67 0.13
CA HIS B 341 10.09 54.84 -0.93
C HIS B 341 10.77 53.50 -1.11
N VAL B 342 11.66 53.16 -0.17
CA VAL B 342 12.23 51.83 -0.13
C VAL B 342 11.62 51.09 1.06
N PRO B 343 10.92 49.99 0.78
CA PRO B 343 10.18 49.28 1.84
C PRO B 343 11.07 48.97 3.05
N THR B 344 10.49 49.02 4.24
CA THR B 344 11.25 48.82 5.46
C THR B 344 11.85 47.43 5.57
N MET B 345 11.08 46.41 5.19
CA MET B 345 11.58 45.04 5.32
C MET B 345 12.86 44.91 4.48
N LEU B 346 12.91 45.66 3.40
CA LEU B 346 14.02 45.59 2.46
C LEU B 346 15.24 46.26 3.06
N GLN B 347 15.04 47.40 3.71
CA GLN B 347 16.14 48.10 4.36
C GLN B 347 16.62 47.30 5.55
N MET B 348 15.68 46.72 6.28
CA MET B 348 16.04 45.86 7.39
C MET B 348 16.83 44.64 6.87
N PHE B 349 16.40 44.06 5.76
CA PHE B 349 17.11 42.88 5.26
C PHE B 349 18.54 43.21 4.83
N SER B 350 18.68 44.26 4.04
CA SER B 350 19.99 44.75 3.68
C SER B 350 20.92 44.91 4.91
N ALA B 351 20.42 45.59 5.94
CA ALA B 351 21.22 45.84 7.14
C ALA B 351 21.67 44.53 7.81
N VAL B 352 20.73 43.61 8.00
CA VAL B 352 21.05 42.36 8.69
C VAL B 352 21.87 41.40 7.83
N ALA B 353 21.46 41.21 6.57
CA ALA B 353 22.18 40.27 5.69
C ALA B 353 23.61 40.71 5.41
N GLY B 354 23.85 42.02 5.34
CA GLY B 354 25.22 42.52 5.09
C GLY B 354 26.04 42.83 6.33
N GLY B 355 25.41 42.78 7.51
CA GLY B 355 26.08 43.13 8.74
C GLY B 355 26.63 44.54 8.72
N GLY B 356 26.07 45.39 7.87
CA GLY B 356 26.52 46.76 7.76
C GLY B 356 27.14 47.02 6.41
N ALA B 357 27.49 45.96 5.70
CA ALA B 357 28.09 46.13 4.38
C ALA B 357 27.10 46.71 3.35
N ASP B 358 27.61 47.43 2.37
CA ASP B 358 26.78 47.95 1.32
C ASP B 358 26.81 46.95 0.16
N LEU B 359 25.75 46.14 0.03
CA LEU B 359 25.76 45.01 -0.92
C LEU B 359 25.08 45.36 -2.24
N THR B 360 25.50 44.72 -3.32
CA THR B 360 24.80 44.90 -4.58
C THR B 360 23.51 44.11 -4.53
N LEU B 361 22.64 44.37 -5.51
CA LEU B 361 21.40 43.64 -5.66
C LEU B 361 21.67 42.16 -5.87
N ALA B 362 22.71 41.84 -6.65
CA ALA B 362 22.96 40.44 -6.94
C ALA B 362 23.27 39.67 -5.67
N GLU B 363 24.02 40.28 -4.76
CA GLU B 363 24.47 39.62 -3.55
C GLU B 363 23.36 39.59 -2.50
N LEU B 364 22.55 40.65 -2.46
CA LEU B 364 21.32 40.64 -1.68
C LEU B 364 20.38 39.52 -2.10
N GLY B 365 20.19 39.39 -3.42
CA GLY B 365 19.30 38.37 -3.96
C GLY B 365 19.81 36.98 -3.61
N ARG B 366 21.12 36.79 -3.76
N ARG B 366 21.13 36.80 -3.76
CA ARG B 366 21.74 35.51 -3.47
CA ARG B 366 21.78 35.52 -3.47
C ARG B 366 21.53 35.10 -2.01
C ARG B 366 21.54 35.11 -2.02
N ARG B 367 21.72 36.04 -1.11
CA ARG B 367 21.54 35.77 0.31
C ARG B 367 20.07 35.57 0.66
N TYR B 368 19.21 36.42 0.13
CA TYR B 368 17.78 36.29 0.40
C TYR B 368 17.27 34.91 -0.05
N GLY B 369 17.75 34.45 -1.21
CA GLY B 369 17.32 33.18 -1.78
C GLY B 369 17.72 31.94 -0.98
N THR B 370 18.65 32.07 -0.04
CA THR B 370 19.08 30.90 0.71
C THR B 370 17.98 30.46 1.67
N ASN B 371 17.21 31.43 2.17
CA ASN B 371 16.34 31.17 3.30
C ASN B 371 15.20 32.17 3.34
N VAL B 372 14.89 32.70 2.18
CA VAL B 372 13.86 33.70 2.04
C VAL B 372 14.10 34.80 3.09
N GLY B 373 15.36 35.09 3.33
CA GLY B 373 15.73 36.17 4.25
C GLY B 373 15.80 35.80 5.71
N PHE B 374 14.74 35.19 6.22
CA PHE B 374 14.53 35.10 7.67
C PHE B 374 14.34 33.72 8.28
N VAL B 375 14.29 32.67 7.47
CA VAL B 375 14.26 31.34 8.05
C VAL B 375 15.64 30.97 8.56
N PRO B 376 15.76 30.74 9.86
CA PRO B 376 17.07 30.44 10.45
C PRO B 376 17.62 29.13 9.90
N GLN B 377 18.85 29.15 9.44
CA GLN B 377 19.54 27.95 9.01
C GLN B 377 20.35 27.43 10.19
N TRP B 378 20.08 26.18 10.60
CA TRP B 378 20.77 25.57 11.72
C TRP B 378 21.61 24.41 11.25
N ALA B 379 22.93 24.61 11.20
CA ALA B 379 23.84 23.55 10.77
C ALA B 379 24.48 22.94 12.00
N GLY B 380 24.36 21.62 12.15
CA GLY B 380 24.99 20.94 13.26
C GLY B 380 24.79 19.44 13.23
N THR B 381 25.28 18.78 14.28
CA THR B 381 25.03 17.36 14.44
C THR B 381 23.60 17.17 14.88
N ALA B 382 23.10 15.94 14.74
CA ALA B 382 21.76 15.62 15.21
C ALA B 382 21.59 16.06 16.66
N GLU B 383 22.61 15.80 17.49
CA GLU B 383 22.56 16.16 18.89
C GLU B 383 22.42 17.69 19.07
N GLN B 384 23.13 18.43 18.23
CA GLN B 384 23.11 19.88 18.31
C GLN B 384 21.77 20.47 17.91
N ILE B 385 21.21 19.94 16.83
CA ILE B 385 19.89 20.40 16.37
C ILE B 385 18.83 20.10 17.41
N ALA B 386 18.86 18.88 17.95
CA ALA B 386 17.94 18.52 19.04
C ALA B 386 18.05 19.51 20.21
N ASP B 387 19.29 19.76 20.64
CA ASP B 387 19.59 20.74 21.69
C ASP B 387 18.95 22.09 21.42
N GLN B 388 19.17 22.63 20.24
CA GLN B 388 18.65 23.94 19.90
C GLN B 388 17.12 23.97 19.85
N LEU B 389 16.53 22.94 19.24
CA LEU B 389 15.07 22.82 19.22
C LEU B 389 14.56 22.85 20.65
N ILE B 390 15.17 22.03 21.49
CA ILE B 390 14.76 21.94 22.89
C ILE B 390 14.93 23.24 23.67
N SER B 391 16.08 23.91 23.51
CA SER B 391 16.32 25.14 24.27
C SER B 391 15.43 26.29 23.81
N HIS B 392 15.21 26.41 22.50
CA HIS B 392 14.27 27.41 21.99
C HIS B 392 12.85 27.13 22.50
N PHE B 393 12.47 25.86 22.51
CA PHE B 393 11.17 25.48 23.02
C PHE B 393 11.06 25.90 24.47
N GLU B 394 12.06 25.54 25.27
CA GLU B 394 12.03 25.86 26.70
C GLU B 394 12.07 27.36 26.98
N ALA B 395 12.67 28.13 26.08
CA ALA B 395 12.74 29.57 26.23
C ALA B 395 11.49 30.26 25.72
N GLY B 396 10.51 29.48 25.27
CA GLY B 396 9.25 30.04 24.80
C GLY B 396 9.25 30.62 23.39
N ALA B 397 10.09 30.11 22.51
CA ALA B 397 10.09 30.54 21.11
C ALA B 397 8.79 30.14 20.39
N ALA B 398 8.22 29.00 20.79
CA ALA B 398 7.10 28.42 20.05
C ALA B 398 6.54 27.16 20.72
N ASP B 399 5.36 26.75 20.27
CA ASP B 399 4.77 25.50 20.72
C ASP B 399 5.31 24.36 19.86
N GLY B 400 5.78 24.70 18.66
CA GLY B 400 6.34 23.71 17.77
C GLY B 400 7.17 24.32 16.66
N PHE B 401 7.78 23.49 15.84
CA PHE B 401 8.60 23.97 14.73
C PHE B 401 8.15 23.42 13.41
N ILE B 402 8.16 24.28 12.40
CA ILE B 402 8.05 23.87 11.02
C ILE B 402 9.46 23.57 10.56
N ILE B 403 9.69 22.37 10.05
CA ILE B 403 10.99 22.02 9.48
C ILE B 403 10.99 22.36 7.99
N SER B 404 11.72 23.41 7.63
CA SER B 404 11.82 23.84 6.25
C SER B 404 12.93 23.06 5.60
N PRO B 405 12.64 22.41 4.47
CA PRO B 405 13.55 21.42 3.90
C PRO B 405 14.58 21.99 2.94
N ALA B 406 15.84 21.68 3.17
CA ALA B 406 16.90 22.16 2.30
C ALA B 406 16.80 21.51 0.92
N TYR B 407 16.47 20.21 0.90
CA TYR B 407 16.22 19.52 -0.36
C TYR B 407 15.32 18.30 -0.11
N LEU B 408 14.65 17.81 -1.15
CA LEU B 408 13.64 16.79 -0.95
C LEU B 408 13.87 15.62 -1.89
N PRO B 409 13.52 14.42 -1.44
CA PRO B 409 12.95 14.16 -0.11
C PRO B 409 14.00 13.98 0.98
N GLY B 410 15.27 13.90 0.59
CA GLY B 410 16.34 13.49 1.49
C GLY B 410 16.43 14.10 2.88
N ILE B 411 16.18 15.40 3.01
CA ILE B 411 16.36 16.09 4.29
C ILE B 411 15.39 15.61 5.37
N TYR B 412 14.16 15.28 4.97
CA TYR B 412 13.22 14.76 5.95
C TYR B 412 13.61 13.35 6.40
N GLU B 413 14.22 12.58 5.51
CA GLU B 413 14.71 11.26 5.92
C GLU B 413 15.78 11.44 6.99
N GLU B 414 16.74 12.31 6.69
CA GLU B 414 17.81 12.57 7.64
C GLU B 414 17.24 13.09 8.95
N PHE B 415 16.30 14.02 8.88
CA PHE B 415 15.75 14.56 10.11
C PHE B 415 15.00 13.51 10.92
N VAL B 416 14.16 12.73 10.26
CA VAL B 416 13.39 11.70 10.96
C VAL B 416 14.30 10.62 11.55
N ASP B 417 15.27 10.16 10.78
CA ASP B 417 16.18 9.11 11.24
C ASP B 417 17.12 9.59 12.34
N GLN B 418 17.55 10.84 12.28
CA GLN B 418 18.65 11.28 13.16
C GLN B 418 18.20 12.12 14.35
N VAL B 419 17.38 13.14 14.09
CA VAL B 419 16.94 14.07 15.12
C VAL B 419 15.73 13.61 15.94
N VAL B 420 14.69 13.11 15.29
CA VAL B 420 13.48 12.73 16.02
C VAL B 420 13.73 11.77 17.20
N PRO B 421 14.52 10.70 16.98
CA PRO B 421 14.78 9.78 18.10
C PRO B 421 15.42 10.44 19.33
N LEU B 422 16.26 11.45 19.12
CA LEU B 422 16.92 12.15 20.23
C LEU B 422 15.90 12.98 20.99
N LEU B 423 15.04 13.68 20.24
CA LEU B 423 13.90 14.37 20.83
C LEU B 423 13.03 13.42 21.65
N GLN B 424 12.79 12.22 21.10
CA GLN B 424 12.01 11.20 21.82
C GLN B 424 12.71 10.70 23.09
N GLN B 425 14.00 10.41 22.98
CA GLN B 425 14.81 10.00 24.13
C GLN B 425 14.83 11.05 25.25
N ARG B 426 14.72 12.32 24.88
CA ARG B 426 14.77 13.38 25.87
C ARG B 426 13.39 13.65 26.49
N GLY B 427 12.36 13.02 25.93
CA GLY B 427 11.02 13.12 26.48
C GLY B 427 10.26 14.36 26.08
N VAL B 428 10.76 15.09 25.09
CA VAL B 428 10.11 16.34 24.68
C VAL B 428 9.22 16.16 23.43
N PHE B 429 9.18 14.94 22.89
CA PHE B 429 8.43 14.66 21.66
C PHE B 429 7.87 13.25 21.71
N ARG B 430 6.64 13.09 21.24
CA ARG B 430 5.92 11.82 21.31
C ARG B 430 6.73 10.66 20.71
N THR B 431 6.66 9.50 21.36
CA THR B 431 7.25 8.27 20.84
C THR B 431 6.22 7.55 19.96
N GLU B 432 4.96 7.87 20.20
CA GLU B 432 3.88 7.32 19.38
C GLU B 432 2.70 8.26 19.42
N TYR B 433 1.89 8.19 18.37
CA TYR B 433 0.68 8.97 18.31
C TYR B 433 -0.30 8.49 19.38
N GLU B 434 -0.80 9.44 20.16
CA GLU B 434 -1.68 9.10 21.26
C GLU B 434 -3.11 8.93 20.74
N GLY B 435 -3.53 9.87 19.90
CA GLY B 435 -4.85 9.79 19.30
C GLY B 435 -4.78 9.57 17.79
N THR B 436 -5.92 9.73 17.13
CA THR B 436 -5.98 9.44 15.72
C THR B 436 -6.21 10.72 14.88
N THR B 437 -6.70 11.78 15.50
CA THR B 437 -7.03 12.99 14.76
C THR B 437 -5.98 14.10 14.89
N LEU B 438 -6.02 15.06 13.98
CA LEU B 438 -5.12 16.20 14.02
C LEU B 438 -5.36 17.05 15.26
N ARG B 439 -6.63 17.27 15.59
CA ARG B 439 -6.99 17.96 16.82
C ARG B 439 -6.37 17.29 18.05
N GLU B 440 -6.38 15.97 18.11
CA GLU B 440 -5.70 15.30 19.22
C GLU B 440 -4.17 15.50 19.23
N HIS B 441 -3.54 15.46 18.05
CA HIS B 441 -2.10 15.67 17.98
C HIS B 441 -1.75 17.05 18.52
N LEU B 442 -2.51 18.06 18.10
CA LEU B 442 -2.26 19.43 18.51
C LEU B 442 -2.81 19.77 19.91
N GLY B 443 -3.54 18.86 20.54
CA GLY B 443 -4.11 19.14 21.84
C GLY B 443 -5.30 20.09 21.77
N LEU B 444 -6.01 20.08 20.64
CA LEU B 444 -7.15 20.98 20.45
C LEU B 444 -8.44 20.26 20.78
N ALA B 445 -9.46 21.05 21.11
CA ALA B 445 -10.75 20.48 21.49
C ALA B 445 -11.62 20.25 20.26
N HIS B 446 -12.44 19.21 20.35
CA HIS B 446 -13.43 18.87 19.33
C HIS B 446 -14.56 19.90 19.37
N PRO B 447 -14.74 20.68 18.31
CA PRO B 447 -15.76 21.73 18.32
C PRO B 447 -17.20 21.19 18.38
N GLU B 448 -18.07 21.92 19.08
CA GLU B 448 -19.47 21.56 19.21
C GLU B 448 -20.26 22.08 18.02
N VAL B 449 -21.22 21.29 17.56
CA VAL B 449 -22.04 21.70 16.44
C VAL B 449 -22.78 22.97 16.83
N GLY B 450 -22.83 23.91 15.89
CA GLY B 450 -23.52 25.17 16.09
C GLY B 450 -22.67 26.19 16.83
N ARG C 5 -19.45 -9.30 26.96
CA ARG C 5 -19.02 -10.59 26.42
C ARG C 5 -19.08 -10.54 24.90
N GLN C 6 -17.92 -10.57 24.25
CA GLN C 6 -17.87 -10.51 22.78
C GLN C 6 -17.29 -11.79 22.16
N LEU C 7 -17.83 -12.21 21.03
CA LEU C 7 -17.28 -13.37 20.35
C LEU C 7 -16.08 -12.99 19.48
N HIS C 8 -15.34 -14.00 19.04
CA HIS C 8 -14.18 -13.80 18.18
C HIS C 8 -14.45 -14.41 16.83
N LEU C 9 -13.72 -13.95 15.83
CA LEU C 9 -13.94 -14.46 14.49
C LEU C 9 -12.61 -14.73 13.83
N ALA C 10 -12.53 -15.85 13.11
CA ALA C 10 -11.30 -16.19 12.42
C ALA C 10 -11.63 -16.74 11.06
N GLY C 11 -10.75 -16.50 10.10
CA GLY C 11 -10.89 -17.09 8.78
C GLY C 11 -9.89 -18.21 8.67
N PHE C 12 -10.16 -19.16 7.80
CA PHE C 12 -9.32 -20.34 7.70
C PHE C 12 -9.47 -20.80 6.27
N PHE C 13 -8.36 -20.95 5.57
CA PHE C 13 -8.41 -21.47 4.21
C PHE C 13 -7.03 -21.87 3.74
N SER C 14 -7.02 -22.85 2.86
CA SER C 14 -5.77 -23.37 2.33
C SER C 14 -5.18 -22.35 1.36
N ALA C 15 -3.86 -22.17 1.42
CA ALA C 15 -3.18 -21.41 0.38
C ALA C 15 -3.03 -22.35 -0.81
N GLY C 16 -4.15 -22.55 -1.52
CA GLY C 16 -4.21 -23.55 -2.57
C GLY C 16 -5.64 -23.75 -3.04
N ASN C 17 -5.89 -24.89 -3.67
CA ASN C 17 -7.13 -25.08 -4.41
C ASN C 17 -8.36 -25.41 -3.57
N VAL C 18 -8.17 -26.00 -2.40
CA VAL C 18 -9.33 -26.49 -1.67
C VAL C 18 -9.17 -26.50 -0.15
N THR C 19 -10.26 -26.18 0.55
CA THR C 19 -10.29 -26.24 2.01
C THR C 19 -11.29 -27.30 2.50
N HIS C 20 -12.54 -26.91 2.75
CA HIS C 20 -13.54 -27.89 3.15
C HIS C 20 -14.55 -28.18 2.05
N ALA C 21 -14.84 -27.18 1.23
CA ALA C 21 -15.80 -27.34 0.14
C ALA C 21 -15.12 -27.79 -1.14
N HIS C 22 -15.27 -29.05 -1.50
CA HIS C 22 -14.43 -29.64 -2.55
C HIS C 22 -14.84 -29.22 -3.97
N GLY C 23 -15.93 -28.49 -4.09
CA GLY C 23 -16.33 -27.91 -5.36
C GLY C 23 -15.89 -26.46 -5.55
N ALA C 24 -15.22 -25.90 -4.54
CA ALA C 24 -14.96 -24.46 -4.49
C ALA C 24 -14.31 -23.94 -5.76
N TRP C 25 -13.26 -24.62 -6.22
CA TRP C 25 -12.51 -24.15 -7.37
C TRP C 25 -13.32 -24.06 -8.67
N ARG C 26 -14.43 -24.78 -8.73
CA ARG C 26 -15.31 -24.74 -9.92
C ARG C 26 -16.41 -23.67 -9.81
N HIS C 27 -16.59 -23.13 -8.61
CA HIS C 27 -17.63 -22.13 -8.37
C HIS C 27 -17.45 -20.99 -9.36
N VAL C 28 -18.55 -20.48 -9.90
CA VAL C 28 -18.47 -19.40 -10.88
C VAL C 28 -17.75 -18.15 -10.30
N GLY C 29 -17.86 -17.95 -8.99
CA GLY C 29 -17.22 -16.81 -8.35
C GLY C 29 -15.79 -17.04 -7.86
N ALA C 30 -15.30 -18.28 -7.89
CA ALA C 30 -13.91 -18.52 -7.46
C ALA C 30 -12.92 -17.94 -8.45
N THR C 31 -11.96 -17.16 -7.96
CA THR C 31 -10.97 -16.57 -8.86
C THR C 31 -9.83 -17.54 -9.12
N ASN C 32 -9.68 -18.52 -8.21
CA ASN C 32 -8.54 -19.41 -8.21
C ASN C 32 -7.24 -18.62 -8.27
N GLY C 33 -7.21 -17.50 -7.57
CA GLY C 33 -6.04 -16.64 -7.56
C GLY C 33 -4.97 -17.13 -6.61
N PHE C 34 -5.07 -18.39 -6.16
CA PHE C 34 -4.20 -18.90 -5.09
C PHE C 34 -2.68 -18.95 -5.38
N LEU C 35 -2.26 -18.61 -6.59
CA LEU C 35 -0.83 -18.54 -6.91
C LEU C 35 -0.32 -17.10 -6.95
N THR C 36 -1.20 -16.14 -6.63
CA THR C 36 -0.84 -14.73 -6.76
C THR C 36 -0.85 -14.00 -5.42
N GLY C 37 0.02 -13.00 -5.30
CA GLY C 37 0.07 -12.17 -4.12
C GLY C 37 -1.26 -11.48 -3.86
N GLU C 38 -1.87 -10.95 -4.92
CA GLU C 38 -3.05 -10.10 -4.74
C GLU C 38 -4.26 -10.83 -4.13
N PHE C 39 -4.38 -12.13 -4.44
CA PHE C 39 -5.45 -12.97 -3.89
C PHE C 39 -5.38 -12.95 -2.36
N TYR C 40 -4.21 -13.24 -1.81
CA TYR C 40 -3.98 -13.25 -0.37
C TYR C 40 -4.05 -11.87 0.28
N LYS C 41 -3.51 -10.84 -0.40
CA LYS C 41 -3.60 -9.47 0.12
C LYS C 41 -5.06 -9.06 0.24
N GLN C 42 -5.83 -9.36 -0.80
CA GLN C 42 -7.24 -8.99 -0.83
C GLN C 42 -8.03 -9.58 0.32
N ILE C 43 -7.83 -10.88 0.54
CA ILE C 43 -8.50 -11.58 1.62
C ILE C 43 -8.09 -11.03 3.00
N ALA C 44 -6.79 -10.86 3.21
CA ALA C 44 -6.31 -10.31 4.47
C ALA C 44 -6.94 -8.94 4.72
N ARG C 45 -6.90 -8.06 3.72
CA ARG C 45 -7.50 -6.73 3.86
C ARG C 45 -8.99 -6.82 4.16
N THR C 46 -9.67 -7.77 3.51
CA THR C 46 -11.09 -7.93 3.72
C THR C 46 -11.39 -8.34 5.16
N LEU C 47 -10.67 -9.32 5.69
CA LEU C 47 -10.90 -9.74 7.08
C LEU C 47 -10.45 -8.68 8.12
N GLU C 48 -9.44 -7.89 7.77
CA GLU C 48 -9.04 -6.80 8.64
C GLU C 48 -10.13 -5.74 8.63
N ARG C 49 -10.69 -5.47 7.44
CA ARG C 49 -11.81 -4.55 7.35
C ARG C 49 -12.93 -5.03 8.29
N GLY C 50 -13.14 -6.34 8.37
CA GLY C 50 -14.22 -6.87 9.20
C GLY C 50 -13.81 -7.08 10.64
N LYS C 51 -12.65 -6.56 11.02
CA LYS C 51 -12.16 -6.63 12.40
C LYS C 51 -12.01 -8.07 12.91
N PHE C 52 -11.66 -8.99 12.03
CA PHE C 52 -11.42 -10.39 12.44
C PHE C 52 -10.25 -10.50 13.42
N ASP C 53 -10.35 -11.44 14.35
CA ASP C 53 -9.22 -11.72 15.24
C ASP C 53 -8.03 -12.30 14.50
N LEU C 54 -8.27 -13.25 13.62
CA LEU C 54 -7.13 -13.86 12.96
C LEU C 54 -7.54 -14.55 11.68
N LEU C 55 -6.57 -14.81 10.82
CA LEU C 55 -6.75 -15.69 9.70
C LEU C 55 -5.57 -16.65 9.70
N PHE C 56 -5.83 -17.95 9.61
CA PHE C 56 -4.71 -18.88 9.61
C PHE C 56 -4.84 -19.95 8.54
N LEU C 57 -3.68 -20.43 8.10
CA LEU C 57 -3.56 -21.30 6.97
C LEU C 57 -3.17 -22.70 7.45
N PRO C 58 -3.96 -23.71 7.10
CA PRO C 58 -3.51 -25.06 7.38
C PRO C 58 -2.36 -25.35 6.44
N ASP C 59 -1.78 -26.55 6.50
CA ASP C 59 -0.75 -26.93 5.54
C ASP C 59 -0.73 -28.43 5.31
N GLY C 60 -0.30 -28.82 4.12
CA GLY C 60 -0.17 -30.22 3.74
C GLY C 60 1.05 -30.32 2.85
N LEU C 61 1.91 -31.29 3.15
CA LEU C 61 3.20 -31.37 2.47
C LEU C 61 3.27 -32.39 1.32
N ALA C 62 2.12 -32.83 0.81
CA ALA C 62 2.09 -33.64 -0.40
C ALA C 62 0.73 -33.58 -1.05
N ILE C 63 0.69 -33.71 -2.37
CA ILE C 63 -0.57 -33.93 -3.05
C ILE C 63 -1.14 -35.25 -2.57
N GLU C 64 -2.35 -35.22 -2.03
CA GLU C 64 -2.97 -36.43 -1.50
C GLU C 64 -2.87 -37.55 -2.55
N ASP C 65 -2.57 -38.75 -2.09
CA ASP C 65 -2.08 -39.81 -2.97
C ASP C 65 -2.77 -41.16 -2.79
N SER C 66 -3.17 -41.44 -1.55
CA SER C 66 -3.72 -42.74 -1.19
C SER C 66 -4.72 -43.25 -2.23
N TYR C 67 -5.83 -42.53 -2.37
CA TYR C 67 -6.85 -42.89 -3.32
C TYR C 67 -6.26 -43.11 -4.71
N GLY C 68 -6.08 -44.37 -5.06
CA GLY C 68 -5.59 -44.75 -6.39
C GLY C 68 -4.09 -45.00 -6.49
N ASP C 69 -3.34 -44.63 -5.45
CA ASP C 69 -1.88 -44.71 -5.48
C ASP C 69 -1.31 -43.95 -6.68
N ASN C 70 -1.89 -42.78 -6.94
CA ASN C 70 -1.54 -41.99 -8.11
C ASN C 70 -2.10 -40.57 -8.03
N LEU C 71 -1.76 -39.76 -9.04
CA LEU C 71 -2.11 -38.35 -9.06
C LEU C 71 -3.40 -38.09 -9.82
N GLU C 72 -3.96 -39.12 -10.45
CA GLU C 72 -5.11 -38.94 -11.33
C GLU C 72 -6.28 -38.23 -10.64
N THR C 73 -6.58 -38.61 -9.41
CA THR C 73 -7.69 -38.00 -8.68
C THR C 73 -7.34 -36.63 -8.08
N GLY C 74 -6.23 -36.57 -7.33
CA GLY C 74 -5.78 -35.31 -6.74
C GLY C 74 -5.53 -34.21 -7.75
N VAL C 75 -4.71 -34.52 -8.76
CA VAL C 75 -4.34 -33.55 -9.78
C VAL C 75 -5.46 -33.31 -10.79
N GLY C 76 -6.11 -34.38 -11.22
CA GLY C 76 -7.14 -34.28 -12.24
C GLY C 76 -8.39 -33.57 -11.79
N LEU C 77 -8.77 -33.75 -10.53
CA LEU C 77 -10.06 -33.22 -10.07
C LEU C 77 -9.90 -32.10 -9.03
N GLY C 78 -8.67 -31.83 -8.62
CA GLY C 78 -8.39 -30.80 -7.63
C GLY C 78 -8.63 -31.25 -6.19
N GLY C 79 -8.00 -32.34 -5.79
CA GLY C 79 -8.12 -32.84 -4.43
C GLY C 79 -7.20 -32.14 -3.44
N GLN C 80 -7.26 -32.55 -2.17
CA GLN C 80 -6.47 -31.94 -1.11
C GLN C 80 -5.00 -31.79 -1.45
N GLY C 81 -4.51 -30.57 -1.35
CA GLY C 81 -3.09 -30.32 -1.50
C GLY C 81 -2.53 -30.50 -2.90
N ALA C 82 -3.40 -30.48 -3.91
CA ALA C 82 -2.94 -30.44 -5.31
C ALA C 82 -2.02 -29.23 -5.50
N VAL C 83 -2.49 -28.07 -5.04
CA VAL C 83 -1.65 -26.89 -4.94
C VAL C 83 -1.60 -26.47 -3.48
N ALA C 84 -0.40 -26.26 -2.96
CA ALA C 84 -0.22 -25.86 -1.58
C ALA C 84 1.04 -25.04 -1.41
N LEU C 85 0.87 -23.73 -1.37
CA LEU C 85 1.98 -22.80 -1.17
C LEU C 85 2.50 -22.89 0.26
N GLU C 86 3.81 -22.68 0.42
CA GLU C 86 4.43 -22.63 1.73
C GLU C 86 3.79 -21.49 2.54
N PRO C 87 3.15 -21.81 3.68
CA PRO C 87 2.26 -20.89 4.38
C PRO C 87 2.91 -19.70 5.11
N THR C 88 4.11 -19.85 5.67
CA THR C 88 4.77 -18.72 6.31
C THR C 88 5.05 -17.58 5.33
N SER C 89 5.46 -17.92 4.10
CA SER C 89 5.64 -16.91 3.06
C SER C 89 4.34 -16.17 2.77
N VAL C 90 3.26 -16.93 2.69
CA VAL C 90 1.95 -16.34 2.44
C VAL C 90 1.49 -15.41 3.57
N ILE C 91 1.64 -15.83 4.83
CA ILE C 91 1.20 -14.91 5.87
C ILE C 91 2.11 -13.70 6.02
N ALA C 92 3.40 -13.85 5.76
CA ALA C 92 4.28 -12.67 5.70
C ALA C 92 3.74 -11.69 4.67
N THR C 93 3.34 -12.21 3.51
CA THR C 93 2.75 -11.37 2.47
C THR C 93 1.53 -10.58 2.99
N MET C 94 0.67 -11.28 3.73
CA MET C 94 -0.53 -10.72 4.32
C MET C 94 -0.26 -9.69 5.42
N ALA C 95 0.76 -9.95 6.24
CA ALA C 95 1.12 -9.06 7.34
C ALA C 95 1.57 -7.73 6.77
N ALA C 96 2.20 -7.79 5.61
CA ALA C 96 2.77 -6.63 4.96
C ALA C 96 1.73 -5.59 4.59
N VAL C 97 0.49 -6.03 4.34
CA VAL C 97 -0.54 -5.10 3.93
C VAL C 97 -1.66 -4.99 4.96
N THR C 98 -1.43 -5.49 6.16
CA THR C 98 -2.40 -5.33 7.23
C THR C 98 -1.71 -4.74 8.45
N GLN C 99 -2.47 -4.33 9.46
CA GLN C 99 -1.83 -3.89 10.69
C GLN C 99 -2.50 -4.28 11.99
N ARG C 100 -3.61 -5.00 11.93
CA ARG C 100 -4.25 -5.42 13.17
C ARG C 100 -4.58 -6.90 13.16
N LEU C 101 -4.97 -7.41 11.99
CA LEU C 101 -5.36 -8.80 11.82
C LEU C 101 -4.28 -9.78 12.29
N GLY C 102 -4.69 -10.73 13.11
CA GLY C 102 -3.81 -11.82 13.53
C GLY C 102 -3.62 -12.81 12.40
N LEU C 103 -2.45 -13.41 12.36
CA LEU C 103 -2.09 -14.33 11.28
C LEU C 103 -1.40 -15.57 11.82
N GLY C 104 -1.77 -16.72 11.31
CA GLY C 104 -1.22 -17.95 11.80
C GLY C 104 -0.94 -18.92 10.69
N ALA C 105 0.06 -19.77 10.91
CA ALA C 105 0.42 -20.79 9.93
C ALA C 105 0.73 -22.11 10.64
N THR C 106 0.42 -23.19 9.95
CA THR C 106 0.77 -24.52 10.41
C THR C 106 2.20 -24.83 10.01
N VAL C 107 3.01 -25.24 10.97
CA VAL C 107 4.31 -25.81 10.67
C VAL C 107 4.44 -27.09 11.49
N SER C 108 4.95 -28.13 10.85
CA SER C 108 4.95 -29.45 11.46
C SER C 108 6.17 -29.65 12.33
N THR C 109 5.98 -30.07 13.58
CA THR C 109 7.10 -30.50 14.42
C THR C 109 7.76 -31.77 13.88
N THR C 110 7.08 -32.50 13.00
CA THR C 110 7.65 -33.73 12.47
C THR C 110 8.85 -33.44 11.56
N TYR C 111 8.67 -32.51 10.64
CA TYR C 111 9.66 -32.30 9.59
C TYR C 111 10.61 -31.13 9.80
N TYR C 112 10.34 -30.29 10.80
CA TYR C 112 11.19 -29.12 11.07
C TYR C 112 11.76 -29.12 12.48
N PRO C 113 12.98 -28.60 12.63
CA PRO C 113 13.56 -28.57 13.98
C PRO C 113 13.10 -27.33 14.74
N PRO C 114 13.20 -27.39 16.08
CA PRO C 114 12.75 -26.34 17.00
C PRO C 114 13.39 -24.99 16.74
N TYR C 115 14.69 -24.98 16.43
CA TYR C 115 15.35 -23.70 16.19
C TYR C 115 14.69 -23.01 15.00
N HIS C 116 14.41 -23.80 13.98
CA HIS C 116 13.82 -23.27 12.76
C HIS C 116 12.44 -22.71 13.01
N VAL C 117 11.61 -23.46 13.73
CA VAL C 117 10.25 -23.01 14.01
C VAL C 117 10.28 -21.76 14.88
N ALA C 118 11.10 -21.78 15.94
CA ALA C 118 11.26 -20.61 16.79
C ALA C 118 11.67 -19.38 16.01
N ARG C 119 12.64 -19.53 15.11
CA ARG C 119 13.17 -18.35 14.44
C ARG C 119 12.16 -17.77 13.46
N VAL C 120 11.55 -18.62 12.63
CA VAL C 120 10.64 -18.11 11.62
C VAL C 120 9.46 -17.41 12.28
N PHE C 121 8.95 -17.96 13.37
CA PHE C 121 7.83 -17.31 14.04
C PHE C 121 8.19 -16.04 14.83
N ALA C 122 9.36 -16.03 15.46
CA ALA C 122 9.82 -14.79 16.08
C ALA C 122 10.02 -13.73 14.99
N THR C 123 10.46 -14.16 13.82
CA THR C 123 10.72 -13.23 12.72
C THR C 123 9.41 -12.62 12.26
N LEU C 124 8.43 -13.48 11.99
CA LEU C 124 7.12 -13.03 11.59
C LEU C 124 6.46 -12.17 12.65
N ASP C 125 6.62 -12.58 13.90
CA ASP C 125 6.03 -11.84 15.01
C ASP C 125 6.57 -10.42 15.00
N ASN C 126 7.88 -10.28 14.79
CA ASN C 126 8.47 -8.95 14.78
C ASN C 126 8.02 -8.14 13.56
N LEU C 127 8.04 -8.78 12.40
CA LEU C 127 7.63 -8.14 11.17
C LEU C 127 6.18 -7.65 11.23
N SER C 128 5.33 -8.35 11.96
CA SER C 128 3.91 -8.00 12.02
C SER C 128 3.63 -7.19 13.27
N ASP C 129 4.67 -6.96 14.05
CA ASP C 129 4.52 -6.19 15.28
C ASP C 129 3.59 -6.89 16.28
N GLY C 130 3.74 -8.20 16.43
CA GLY C 130 3.03 -8.95 17.46
C GLY C 130 1.66 -9.48 17.09
N ARG C 131 1.51 -9.95 15.85
CA ARG C 131 0.20 -10.46 15.40
C ARG C 131 0.24 -11.93 14.97
N ILE C 132 1.37 -12.60 15.17
CA ILE C 132 1.57 -13.94 14.62
C ILE C 132 1.18 -15.08 15.57
N SER C 133 0.81 -16.22 14.98
CA SER C 133 0.51 -17.44 15.71
C SER C 133 0.97 -18.67 14.93
N TRP C 134 1.22 -19.76 15.64
CA TRP C 134 1.73 -20.99 15.06
C TRP C 134 0.74 -22.12 15.30
N ASN C 135 0.19 -22.68 14.23
CA ASN C 135 -0.62 -23.88 14.40
C ASN C 135 0.27 -25.11 14.44
N VAL C 136 0.30 -25.76 15.59
CA VAL C 136 1.18 -26.88 15.84
C VAL C 136 0.58 -28.21 15.35
N VAL C 137 1.23 -28.84 14.39
CA VAL C 137 0.83 -30.18 13.98
C VAL C 137 1.96 -31.17 14.16
N THR C 138 1.62 -32.45 14.31
CA THR C 138 2.59 -33.46 14.68
C THR C 138 2.38 -34.72 13.88
N SER C 139 1.51 -34.64 12.88
CA SER C 139 1.15 -35.80 12.08
C SER C 139 2.36 -36.35 11.30
N LEU C 140 2.27 -37.62 10.91
CA LEU C 140 3.30 -38.24 10.08
C LEU C 140 2.66 -39.10 8.98
N ASN C 141 2.22 -38.43 7.91
CA ASN C 141 1.63 -39.09 6.75
C ASN C 141 2.70 -39.67 5.81
N ASP C 142 2.40 -40.82 5.22
CA ASP C 142 3.31 -41.53 4.34
C ASP C 142 3.82 -40.69 3.14
N SER C 143 2.90 -40.11 2.39
CA SER C 143 3.27 -39.29 1.22
C SER C 143 4.10 -38.03 1.55
N GLU C 144 3.78 -37.36 2.66
CA GLU C 144 4.60 -36.23 3.11
C GLU C 144 6.01 -36.69 3.46
N ALA C 145 6.11 -37.81 4.18
CA ALA C 145 7.42 -38.34 4.57
C ALA C 145 8.28 -38.67 3.35
N ARG C 146 7.64 -39.15 2.28
CA ARG C 146 8.38 -39.47 1.05
C ARG C 146 8.92 -38.20 0.41
N ASN C 147 8.20 -37.10 0.60
CA ASN C 147 8.65 -35.81 0.10
C ASN C 147 9.86 -35.29 0.86
N PHE C 148 9.96 -35.70 2.12
CA PHE C 148 11.05 -35.25 3.00
C PHE C 148 12.16 -36.28 3.21
N GLY C 149 12.06 -37.44 2.57
CA GLY C 149 13.09 -38.47 2.71
C GLY C 149 13.13 -39.03 4.12
N VAL C 150 11.97 -39.07 4.78
CA VAL C 150 11.86 -39.67 6.10
C VAL C 150 11.37 -41.10 5.96
N ASP C 151 12.03 -42.03 6.64
CA ASP C 151 11.62 -43.43 6.57
C ASP C 151 11.21 -43.91 7.96
N GLU C 152 11.56 -43.14 8.98
CA GLU C 152 11.27 -43.52 10.35
C GLU C 152 9.78 -43.43 10.71
N HIS C 153 9.35 -44.31 11.60
CA HIS C 153 8.00 -44.27 12.15
C HIS C 153 8.02 -43.71 13.58
N LEU C 154 6.89 -43.20 14.03
CA LEU C 154 6.67 -42.83 15.43
C LEU C 154 5.16 -42.83 15.73
N GLU C 155 4.74 -43.63 16.71
CA GLU C 155 3.32 -43.82 16.98
C GLU C 155 2.61 -42.49 17.33
N HIS C 156 1.35 -42.39 16.92
CA HIS C 156 0.55 -41.17 17.07
C HIS C 156 0.74 -40.42 18.41
N ASP C 157 0.52 -41.12 19.53
CA ASP C 157 0.61 -40.48 20.84
C ASP C 157 2.03 -40.07 21.20
N ILE C 158 3.01 -40.81 20.71
CA ILE C 158 4.41 -40.52 21.02
C ILE C 158 4.86 -39.24 20.31
N ARG C 159 4.37 -39.03 19.09
CA ARG C 159 4.67 -37.79 18.38
C ARG C 159 4.25 -36.59 19.22
N TYR C 160 3.15 -36.73 19.95
CA TYR C 160 2.73 -35.68 20.90
C TYR C 160 3.67 -35.50 22.10
N ASP C 161 4.16 -36.60 22.69
CA ASP C 161 5.13 -36.49 23.78
C ASP C 161 6.37 -35.81 23.24
N ARG C 162 6.79 -36.20 22.05
CA ARG C 162 7.89 -35.52 21.39
C ARG C 162 7.53 -34.04 21.20
N ALA C 163 6.33 -33.78 20.70
CA ALA C 163 5.83 -32.42 20.57
C ALA C 163 5.93 -31.63 21.89
N ASP C 164 5.65 -32.26 23.02
CA ASP C 164 5.76 -31.57 24.32
C ASP C 164 7.15 -30.96 24.52
N GLU C 165 8.18 -31.74 24.19
CA GLU C 165 9.55 -31.28 24.39
C GLU C 165 9.92 -30.22 23.35
N PHE C 166 9.40 -30.39 22.15
CA PHE C 166 9.56 -29.41 21.08
C PHE C 166 9.06 -28.05 21.59
N LEU C 167 7.84 -28.02 22.10
CA LEU C 167 7.24 -26.79 22.62
C LEU C 167 8.07 -26.21 23.75
N GLU C 168 8.63 -27.06 24.60
CA GLU C 168 9.52 -26.56 25.65
C GLU C 168 10.75 -25.88 25.05
N ALA C 169 11.33 -26.53 24.05
CA ALA C 169 12.53 -26.03 23.40
C ALA C 169 12.26 -24.68 22.74
N VAL C 170 11.19 -24.62 21.95
CA VAL C 170 10.80 -23.40 21.28
C VAL C 170 10.55 -22.29 22.28
N LYS C 171 9.79 -22.57 23.34
CA LYS C 171 9.50 -21.53 24.32
C LYS C 171 10.77 -21.00 24.99
N LYS C 172 11.73 -21.88 25.26
CA LYS C 172 13.00 -21.44 25.82
C LYS C 172 13.70 -20.49 24.86
N LEU C 173 13.74 -20.86 23.57
CA LEU C 173 14.31 -19.98 22.56
C LEU C 173 13.63 -18.61 22.55
N TRP C 174 12.30 -18.57 22.57
CA TRP C 174 11.60 -17.30 22.59
C TRP C 174 11.93 -16.51 23.85
N SER C 175 12.44 -17.20 24.87
CA SER C 175 12.82 -16.52 26.10
C SER C 175 14.32 -16.24 26.19
N SER C 176 15.06 -16.50 25.12
CA SER C 176 16.51 -16.35 25.22
C SER C 176 16.99 -14.88 25.19
N TRP C 177 16.17 -13.98 24.66
CA TRP C 177 16.39 -12.53 24.82
C TRP C 177 15.44 -11.98 25.88
N SER C 178 15.97 -11.33 26.91
CA SER C 178 15.10 -10.62 27.83
C SER C 178 14.53 -9.43 27.09
N GLU C 179 13.37 -8.94 27.53
CA GLU C 179 12.72 -7.82 26.84
C GLU C 179 13.43 -6.48 27.04
N ASP C 180 14.38 -6.42 27.97
CA ASP C 180 15.24 -5.26 28.13
C ASP C 180 16.70 -5.53 27.72
N ALA C 181 16.91 -6.60 26.95
CA ALA C 181 18.26 -6.99 26.54
C ALA C 181 18.85 -6.06 25.49
N LEU C 182 18.06 -5.72 24.47
CA LEU C 182 18.54 -4.90 23.37
C LEU C 182 18.71 -3.46 23.84
N LEU C 183 19.90 -2.91 23.63
CA LEU C 183 20.22 -1.58 24.15
C LEU C 183 20.32 -0.49 23.08
N LEU C 184 21.05 -0.78 21.99
CA LEU C 184 21.30 0.19 20.93
C LEU C 184 21.89 1.47 21.49
N ASP C 185 22.86 1.32 22.38
CA ASP C 185 23.49 2.48 23.00
C ASP C 185 24.64 2.91 22.09
N LYS C 186 24.30 3.72 21.09
CA LYS C 186 25.24 4.07 20.03
C LYS C 186 26.50 4.78 20.55
N VAL C 187 26.29 5.79 21.38
CA VAL C 187 27.39 6.53 22.00
C VAL C 187 28.28 5.57 22.76
N GLY C 188 27.73 4.89 23.76
CA GLY C 188 28.48 3.95 24.56
C GLY C 188 29.04 2.75 23.81
N GLY C 189 28.40 2.39 22.70
CA GLY C 189 28.86 1.23 21.94
C GLY C 189 28.35 -0.10 22.49
N ARG C 190 27.36 -0.02 23.37
CA ARG C 190 26.76 -1.23 23.91
C ARG C 190 25.51 -1.61 23.10
N PHE C 191 25.62 -2.69 22.33
CA PHE C 191 24.55 -3.09 21.42
C PHE C 191 23.43 -3.79 22.16
N ALA C 192 23.81 -4.72 23.04
CA ALA C 192 22.85 -5.40 23.89
C ALA C 192 23.55 -5.86 25.15
N ASP C 193 22.77 -6.09 26.20
CA ASP C 193 23.29 -6.53 27.48
C ASP C 193 23.52 -8.04 27.45
N PRO C 194 24.79 -8.46 27.40
CA PRO C 194 25.14 -9.89 27.28
C PRO C 194 24.71 -10.76 28.48
N LYS C 195 24.33 -10.14 29.59
CA LYS C 195 23.76 -10.88 30.73
C LYS C 195 22.26 -11.10 30.55
N LYS C 196 21.69 -10.50 29.51
CA LYS C 196 20.24 -10.58 29.33
C LYS C 196 19.86 -11.35 28.07
N VAL C 197 20.87 -11.90 27.42
CA VAL C 197 20.68 -12.80 26.30
C VAL C 197 21.42 -14.07 26.67
N GLN C 198 20.73 -15.19 26.73
CA GLN C 198 21.36 -16.39 27.24
C GLN C 198 21.16 -17.64 26.38
N TYR C 199 22.16 -18.49 26.40
CA TYR C 199 22.08 -19.80 25.78
C TYR C 199 20.93 -20.59 26.37
N VAL C 200 20.36 -21.47 25.54
CA VAL C 200 19.27 -22.31 25.97
C VAL C 200 19.80 -23.69 26.42
N ASN C 201 20.77 -24.22 25.68
CA ASN C 201 21.35 -25.51 26.00
C ASN C 201 20.33 -26.58 26.31
N HIS C 202 19.29 -26.67 25.49
CA HIS C 202 18.30 -27.72 25.62
C HIS C 202 18.87 -29.05 25.09
N ARG C 203 18.86 -30.06 25.94
CA ARG C 203 19.38 -31.37 25.56
C ARG C 203 18.42 -32.40 26.12
N GLY C 204 17.44 -32.80 25.33
CA GLY C 204 16.40 -33.68 25.83
C GLY C 204 16.42 -35.06 25.23
N ARG C 205 15.48 -35.87 25.67
CA ARG C 205 15.31 -37.22 25.16
C ARG C 205 15.25 -37.20 23.64
N TRP C 206 14.52 -36.20 23.12
CA TRP C 206 14.20 -36.13 21.71
C TRP C 206 15.04 -35.15 20.89
N LEU C 207 15.43 -34.02 21.51
CA LEU C 207 15.96 -32.90 20.73
C LEU C 207 17.13 -32.21 21.42
N SER C 208 17.97 -31.59 20.61
CA SER C 208 19.08 -30.78 21.10
C SER C 208 19.14 -29.43 20.38
N VAL C 209 19.18 -28.34 21.14
CA VAL C 209 19.37 -27.02 20.55
C VAL C 209 20.04 -26.08 21.54
N ARG C 210 21.15 -25.49 21.09
CA ARG C 210 21.98 -24.66 21.93
C ARG C 210 21.41 -23.27 22.18
N GLY C 211 21.11 -22.54 21.10
CA GLY C 211 20.73 -21.15 21.19
C GLY C 211 21.95 -20.24 21.36
N PRO C 212 21.72 -18.97 21.73
CA PRO C 212 20.38 -18.40 21.90
C PRO C 212 19.73 -18.14 20.53
N LEU C 213 18.46 -17.73 20.54
CA LEU C 213 17.76 -17.42 19.30
C LEU C 213 18.32 -16.08 18.80
N GLN C 214 18.44 -15.93 17.48
CA GLN C 214 18.96 -14.69 16.92
C GLN C 214 17.86 -13.66 16.71
N VAL C 215 16.72 -13.85 17.37
CA VAL C 215 15.63 -12.89 17.26
C VAL C 215 14.99 -12.61 18.62
N PRO C 216 14.98 -11.32 19.03
CA PRO C 216 14.34 -10.89 20.29
C PRO C 216 12.82 -10.93 20.20
N ARG C 217 12.17 -10.62 21.31
CA ARG C 217 10.73 -10.73 21.45
C ARG C 217 9.95 -9.55 20.87
N SER C 218 8.88 -9.85 20.14
CA SER C 218 8.00 -8.81 19.65
C SER C 218 7.27 -8.21 20.83
N ARG C 219 6.42 -7.23 20.55
CA ARG C 219 5.60 -6.60 21.57
C ARG C 219 4.51 -7.50 22.15
N GLN C 220 4.20 -8.62 21.53
CA GLN C 220 3.27 -9.53 22.22
C GLN C 220 4.01 -10.61 23.01
N GLY C 221 5.35 -10.54 23.02
CA GLY C 221 6.16 -11.44 23.83
C GLY C 221 6.48 -12.75 23.12
N GLU C 222 5.45 -13.54 22.86
CA GLU C 222 5.57 -14.80 22.09
C GLU C 222 4.37 -14.97 21.18
N PRO C 223 4.61 -15.55 19.98
CA PRO C 223 3.53 -15.97 19.08
C PRO C 223 2.49 -16.77 19.84
N VAL C 224 1.24 -16.73 19.38
CA VAL C 224 0.16 -17.47 20.01
C VAL C 224 0.19 -18.91 19.49
N ILE C 225 -0.04 -19.88 20.38
CA ILE C 225 -0.03 -21.28 20.01
C ILE C 225 -1.44 -21.72 19.66
N LEU C 226 -1.62 -22.23 18.44
CA LEU C 226 -2.90 -22.71 17.97
C LEU C 226 -2.87 -24.23 17.92
N GLN C 227 -4.03 -24.84 18.15
CA GLN C 227 -4.15 -26.28 18.12
C GLN C 227 -5.45 -26.67 17.45
N ALA C 228 -5.42 -27.68 16.58
CA ALA C 228 -6.63 -28.10 15.88
C ALA C 228 -6.89 -29.61 15.92
N GLY C 229 -5.92 -30.39 16.35
CA GLY C 229 -6.09 -31.83 16.41
C GLY C 229 -6.84 -32.26 17.66
N LEU C 230 -8.07 -32.72 17.50
CA LEU C 230 -8.90 -33.04 18.66
C LEU C 230 -9.07 -34.54 18.96
N SER C 231 -8.03 -35.33 18.72
CA SER C 231 -7.99 -36.69 19.23
C SER C 231 -7.71 -36.62 20.74
N PRO C 232 -7.94 -37.73 21.46
CA PRO C 232 -7.70 -37.75 22.90
C PRO C 232 -6.37 -37.12 23.29
N ARG C 233 -5.29 -37.54 22.64
CA ARG C 233 -3.96 -37.01 22.95
C ARG C 233 -3.83 -35.54 22.50
N GLY C 234 -4.48 -35.21 21.38
CA GLY C 234 -4.53 -33.84 20.90
C GLY C 234 -5.21 -32.96 21.93
N ARG C 235 -6.26 -33.47 22.54
CA ARG C 235 -6.99 -32.71 23.55
C ARG C 235 -6.10 -32.44 24.76
N ARG C 236 -5.28 -33.41 25.15
CA ARG C 236 -4.36 -33.19 26.25
C ARG C 236 -3.31 -32.18 25.85
N PHE C 237 -2.82 -32.29 24.62
CA PHE C 237 -1.78 -31.39 24.16
C PHE C 237 -2.35 -29.96 24.12
N ALA C 238 -3.60 -29.82 23.70
CA ALA C 238 -4.24 -28.50 23.66
C ALA C 238 -4.37 -27.97 25.07
N GLY C 239 -4.75 -28.87 25.98
CA GLY C 239 -4.93 -28.52 27.37
C GLY C 239 -3.66 -27.94 27.97
N ARG C 240 -2.53 -28.46 27.56
CA ARG C 240 -1.25 -28.01 28.08
C ARG C 240 -0.65 -26.77 27.38
N TRP C 241 -0.83 -26.67 26.06
CA TRP C 241 -0.10 -25.66 25.30
C TRP C 241 -0.98 -24.65 24.54
N ALA C 242 -2.20 -25.02 24.20
CA ALA C 242 -3.00 -24.18 23.31
C ALA C 242 -3.52 -22.92 23.99
N GLU C 243 -3.49 -21.83 23.23
CA GLU C 243 -4.12 -20.57 23.62
C GLU C 243 -5.33 -20.30 22.73
N ALA C 244 -5.38 -20.98 21.59
CA ALA C 244 -6.59 -21.00 20.79
C ALA C 244 -6.73 -22.40 20.20
N VAL C 245 -7.97 -22.91 20.19
CA VAL C 245 -8.23 -24.24 19.69
C VAL C 245 -9.31 -24.14 18.63
N PHE C 246 -9.14 -24.90 17.56
CA PHE C 246 -10.09 -24.87 16.48
C PHE C 246 -10.75 -26.21 16.30
N SER C 247 -12.07 -26.21 16.34
CA SER C 247 -12.83 -27.44 16.38
C SER C 247 -13.92 -27.46 15.31
N VAL C 248 -14.33 -28.66 14.93
CA VAL C 248 -15.44 -28.86 14.01
C VAL C 248 -16.50 -29.74 14.69
N SER C 249 -17.71 -29.21 14.83
CA SER C 249 -18.83 -29.96 15.37
C SER C 249 -20.05 -29.63 14.51
N PRO C 250 -20.84 -30.66 14.16
CA PRO C 250 -21.97 -30.47 13.24
C PRO C 250 -23.14 -29.70 13.85
N ASN C 251 -23.25 -29.65 15.17
CA ASN C 251 -24.35 -28.92 15.78
C ASN C 251 -24.05 -28.37 17.17
N LEU C 252 -25.00 -27.60 17.69
CA LEU C 252 -24.85 -26.93 18.97
C LEU C 252 -24.52 -27.88 20.11
N ASP C 253 -25.27 -28.98 20.20
CA ASP C 253 -25.11 -29.97 21.27
C ASP C 253 -23.69 -30.50 21.35
N ILE C 254 -23.13 -30.85 20.19
CA ILE C 254 -21.79 -31.39 20.13
C ILE C 254 -20.74 -30.29 20.35
N MET C 255 -20.99 -29.11 19.80
CA MET C 255 -20.17 -27.94 20.09
C MET C 255 -20.08 -27.74 21.59
N ARG C 256 -21.22 -27.74 22.26
CA ARG C 256 -21.23 -27.51 23.71
C ARG C 256 -20.39 -28.57 24.42
N ALA C 257 -20.56 -29.82 23.99
CA ALA C 257 -19.80 -30.93 24.55
C ALA C 257 -18.30 -30.72 24.41
N VAL C 258 -17.86 -30.42 23.18
CA VAL C 258 -16.43 -30.22 22.89
C VAL C 258 -15.88 -29.01 23.66
N TYR C 259 -16.66 -27.93 23.67
CA TYR C 259 -16.27 -26.72 24.36
C TYR C 259 -15.94 -27.01 25.81
N GLN C 260 -16.86 -27.67 26.50
CA GLN C 260 -16.66 -27.95 27.91
C GLN C 260 -15.48 -28.89 28.09
N ASP C 261 -15.33 -29.85 27.17
CA ASP C 261 -14.24 -30.81 27.28
C ASP C 261 -12.86 -30.17 27.10
N ILE C 262 -12.73 -29.27 26.14
CA ILE C 262 -11.49 -28.54 25.98
C ILE C 262 -11.18 -27.66 27.20
N LYS C 263 -12.16 -26.91 27.69
CA LYS C 263 -11.94 -26.06 28.86
C LYS C 263 -11.55 -26.92 30.06
N ALA C 264 -12.18 -28.09 30.18
CA ALA C 264 -11.85 -29.02 31.28
C ALA C 264 -10.42 -29.51 31.14
N HIS C 265 -9.99 -29.79 29.91
CA HIS C 265 -8.61 -30.18 29.70
C HIS C 265 -7.62 -29.11 30.11
N VAL C 266 -7.93 -27.86 29.81
CA VAL C 266 -7.05 -26.74 30.15
C VAL C 266 -6.91 -26.60 31.67
N ALA C 267 -8.04 -26.59 32.37
CA ALA C 267 -8.02 -26.51 33.83
C ALA C 267 -7.27 -27.72 34.42
N ALA C 268 -7.49 -28.89 33.83
CA ALA C 268 -6.82 -30.10 34.28
C ALA C 268 -5.31 -30.04 34.10
N ALA C 269 -4.84 -29.20 33.17
CA ALA C 269 -3.41 -29.02 32.99
C ALA C 269 -2.89 -27.89 33.90
N GLY C 270 -3.75 -27.42 34.80
CA GLY C 270 -3.35 -26.39 35.74
C GLY C 270 -3.34 -25.01 35.13
N ARG C 271 -4.09 -24.81 34.05
CA ARG C 271 -4.13 -23.51 33.37
C ARG C 271 -5.50 -22.87 33.51
N ASP C 272 -5.60 -21.59 33.16
CA ASP C 272 -6.86 -20.86 33.26
C ASP C 272 -7.67 -21.03 31.99
N PRO C 273 -8.84 -21.68 32.09
CA PRO C 273 -9.67 -22.01 30.92
C PRO C 273 -10.04 -20.78 30.10
N GLU C 274 -10.19 -19.65 30.76
CA GLU C 274 -10.50 -18.40 30.08
C GLU C 274 -9.32 -17.87 29.27
N GLN C 275 -8.13 -18.43 29.49
CA GLN C 275 -6.97 -18.07 28.66
C GLN C 275 -6.74 -19.05 27.50
N THR C 276 -7.75 -19.86 27.19
CA THR C 276 -7.71 -20.67 25.97
C THR C 276 -9.03 -20.47 25.23
N LYS C 277 -8.95 -19.84 24.05
CA LYS C 277 -10.13 -19.48 23.28
C LYS C 277 -10.51 -20.60 22.31
N VAL C 278 -11.76 -21.04 22.38
CA VAL C 278 -12.24 -22.14 21.55
C VAL C 278 -13.04 -21.62 20.36
N PHE C 279 -12.60 -21.97 19.17
CA PHE C 279 -13.29 -21.58 17.95
C PHE C 279 -13.96 -22.80 17.32
N THR C 280 -15.18 -22.64 16.86
CA THR C 280 -15.84 -23.71 16.15
C THR C 280 -16.17 -23.30 14.72
N ALA C 281 -15.95 -24.22 13.78
CA ALA C 281 -16.11 -23.95 12.36
C ALA C 281 -17.55 -23.96 11.89
N VAL C 282 -17.89 -23.04 11.00
N VAL C 282 -17.86 -23.04 10.99
CA VAL C 282 -19.17 -23.00 10.33
CA VAL C 282 -19.16 -22.96 10.35
C VAL C 282 -18.94 -22.52 8.92
C VAL C 282 -18.93 -22.52 8.91
N MET C 283 -19.76 -23.00 7.99
CA MET C 283 -19.60 -22.63 6.59
C MET C 283 -20.89 -21.95 6.14
N PRO C 284 -20.92 -20.61 6.23
CA PRO C 284 -22.11 -19.83 5.92
C PRO C 284 -22.31 -19.66 4.41
N VAL C 285 -23.57 -19.65 4.00
CA VAL C 285 -23.93 -19.36 2.62
C VAL C 285 -25.05 -18.33 2.66
N LEU C 286 -24.70 -17.10 2.34
CA LEU C 286 -25.65 -15.99 2.45
C LEU C 286 -26.56 -15.88 1.23
N GLY C 287 -27.74 -15.32 1.46
CA GLY C 287 -28.61 -14.90 0.38
C GLY C 287 -29.44 -13.73 0.86
N GLU C 288 -29.81 -12.85 -0.06
CA GLU C 288 -30.67 -11.72 0.25
C GLU C 288 -32.00 -12.19 0.85
N THR C 289 -32.49 -13.34 0.40
CA THR C 289 -33.61 -14.02 1.03
C THR C 289 -33.13 -15.43 1.37
N GLU C 290 -33.84 -16.08 2.28
CA GLU C 290 -33.49 -17.43 2.68
C GLU C 290 -33.55 -18.40 1.49
N GLN C 291 -34.55 -18.20 0.64
CA GLN C 291 -34.67 -18.97 -0.58
C GLN C 291 -33.43 -18.86 -1.48
N VAL C 292 -32.95 -17.64 -1.68
CA VAL C 292 -31.72 -17.45 -2.47
C VAL C 292 -30.58 -18.20 -1.82
N ALA C 293 -30.47 -18.11 -0.51
CA ALA C 293 -29.40 -18.78 0.22
C ALA C 293 -29.41 -20.27 -0.02
N ARG C 294 -30.58 -20.88 0.09
CA ARG C 294 -30.73 -22.31 -0.11
C ARG C 294 -30.33 -22.72 -1.52
N GLU C 295 -30.76 -21.95 -2.52
CA GLU C 295 -30.42 -22.24 -3.90
C GLU C 295 -28.91 -22.19 -4.11
N ARG C 296 -28.27 -21.18 -3.52
CA ARG C 296 -26.82 -21.04 -3.60
C ARG C 296 -26.07 -22.20 -2.93
N LEU C 297 -26.54 -22.65 -1.77
CA LEU C 297 -25.92 -23.79 -1.11
C LEU C 297 -26.09 -25.03 -1.98
N GLU C 298 -27.28 -25.20 -2.54
CA GLU C 298 -27.53 -26.32 -3.44
C GLU C 298 -26.59 -26.28 -4.65
N TYR C 299 -26.45 -25.09 -5.25
CA TYR C 299 -25.50 -24.95 -6.35
C TYR C 299 -24.08 -25.33 -5.91
N LEU C 300 -23.68 -24.88 -4.72
CA LEU C 300 -22.30 -25.11 -4.28
C LEU C 300 -22.01 -26.60 -4.08
N ASN C 301 -22.91 -27.28 -3.39
CA ASN C 301 -22.78 -28.70 -3.09
C ASN C 301 -22.82 -29.55 -4.36
N SER C 302 -23.52 -29.07 -5.38
CA SER C 302 -23.61 -29.78 -6.65
C SER C 302 -22.29 -29.80 -7.42
N LEU C 303 -21.29 -29.06 -6.94
CA LEU C 303 -20.02 -28.95 -7.66
C LEU C 303 -19.04 -30.04 -7.22
N VAL C 304 -19.36 -30.71 -6.12
CA VAL C 304 -18.49 -31.76 -5.59
C VAL C 304 -18.48 -33.01 -6.47
N HIS C 305 -17.28 -33.41 -6.89
CA HIS C 305 -17.10 -34.68 -7.60
C HIS C 305 -16.98 -35.80 -6.56
N PRO C 306 -17.76 -36.88 -6.72
CA PRO C 306 -17.80 -37.94 -5.70
C PRO C 306 -16.40 -38.44 -5.34
N GLU C 307 -15.55 -38.64 -6.33
CA GLU C 307 -14.21 -39.18 -6.08
C GLU C 307 -13.23 -38.23 -5.35
N VAL C 308 -13.35 -36.91 -5.54
CA VAL C 308 -12.52 -36.02 -4.74
C VAL C 308 -12.96 -36.15 -3.29
N GLY C 309 -14.27 -36.16 -3.09
CA GLY C 309 -14.83 -36.32 -1.76
C GLY C 309 -14.37 -37.62 -1.13
N LEU C 310 -14.48 -38.70 -1.91
CA LEU C 310 -14.08 -40.04 -1.47
C LEU C 310 -12.61 -40.09 -1.05
N SER C 311 -11.73 -39.45 -1.82
CA SER C 311 -10.29 -39.43 -1.51
C SER C 311 -9.95 -38.73 -0.20
N THR C 312 -10.58 -37.60 0.07
CA THR C 312 -10.42 -36.92 1.35
C THR C 312 -10.98 -37.76 2.48
N LEU C 313 -12.06 -38.49 2.20
CA LEU C 313 -12.68 -39.38 3.17
C LEU C 313 -11.75 -40.54 3.55
N SER C 314 -10.98 -41.00 2.58
CA SER C 314 -10.01 -42.07 2.83
C SER C 314 -8.90 -41.58 3.71
N SER C 315 -8.32 -40.44 3.36
CA SER C 315 -7.27 -39.84 4.18
C SER C 315 -7.72 -39.69 5.63
N HIS C 316 -8.84 -39.02 5.81
CA HIS C 316 -9.31 -38.72 7.16
C HIS C 316 -9.70 -39.95 7.98
N SER C 317 -10.13 -41.02 7.32
CA SER C 317 -10.60 -42.21 8.05
C SER C 317 -9.50 -43.25 8.21
N GLY C 318 -8.41 -43.10 7.47
CA GLY C 318 -7.30 -44.03 7.54
C GLY C 318 -7.45 -45.19 6.58
N LEU C 319 -8.67 -45.36 6.09
CA LEU C 319 -9.01 -46.45 5.16
C LEU C 319 -8.90 -46.01 3.71
N ASN C 320 -8.14 -46.73 2.89
CA ASN C 320 -8.11 -46.46 1.45
C ASN C 320 -9.33 -47.04 0.73
N LEU C 321 -10.36 -46.23 0.56
CA LEU C 321 -11.63 -46.68 -0.02
C LEU C 321 -11.61 -46.87 -1.56
N SER C 322 -10.51 -46.47 -2.21
CA SER C 322 -10.40 -46.63 -3.65
C SER C 322 -10.41 -48.12 -4.00
N LYS C 323 -10.00 -48.95 -3.05
CA LYS C 323 -9.95 -50.38 -3.23
C LYS C 323 -11.33 -50.93 -3.60
N TYR C 324 -12.38 -50.26 -3.15
CA TYR C 324 -13.74 -50.70 -3.41
C TYR C 324 -14.36 -50.04 -4.64
N PRO C 325 -15.28 -50.76 -5.29
CA PRO C 325 -16.05 -50.18 -6.40
C PRO C 325 -16.85 -49.00 -5.88
N LEU C 326 -17.02 -47.98 -6.72
CA LEU C 326 -17.76 -46.79 -6.35
C LEU C 326 -19.20 -47.06 -5.93
N ASP C 327 -19.82 -48.10 -6.51
CA ASP C 327 -21.22 -48.41 -6.20
C ASP C 327 -21.40 -49.35 -5.01
N THR C 328 -20.29 -49.83 -4.45
CA THR C 328 -20.31 -50.61 -3.22
C THR C 328 -21.12 -49.88 -2.15
N LYS C 329 -22.01 -50.59 -1.47
CA LYS C 329 -22.74 -49.97 -0.38
C LYS C 329 -21.95 -50.03 0.91
N PHE C 330 -22.31 -49.18 1.86
CA PHE C 330 -21.56 -49.09 3.12
C PHE C 330 -21.64 -50.38 3.90
N SER C 331 -22.83 -50.99 3.92
CA SER C 331 -23.01 -52.30 4.56
C SER C 331 -22.01 -53.32 4.01
N ASP C 332 -21.95 -53.44 2.69
CA ASP C 332 -21.03 -54.38 2.04
C ASP C 332 -19.58 -54.13 2.47
N ILE C 333 -19.32 -52.97 3.05
CA ILE C 333 -17.99 -52.63 3.54
C ILE C 333 -17.91 -52.84 5.04
N VAL C 334 -18.99 -52.48 5.73
CA VAL C 334 -19.07 -52.65 7.18
C VAL C 334 -19.01 -54.13 7.56
N ALA C 335 -19.52 -54.98 6.67
CA ALA C 335 -19.51 -56.42 6.90
C ALA C 335 -18.19 -57.06 6.49
N ASP C 336 -17.58 -56.53 5.44
CA ASP C 336 -16.30 -57.04 4.97
C ASP C 336 -15.17 -56.68 5.94
N LEU C 337 -15.47 -55.81 6.91
CA LEU C 337 -14.47 -55.40 7.90
C LEU C 337 -14.85 -55.80 9.32
N GLY C 338 -16.16 -55.89 9.58
CA GLY C 338 -16.66 -56.23 10.90
C GLY C 338 -16.97 -54.98 11.72
N ASP C 339 -18.01 -55.04 12.54
CA ASP C 339 -18.44 -53.89 13.34
C ASP C 339 -17.33 -53.35 14.23
N ARG C 340 -16.22 -54.07 14.30
CA ARG C 340 -15.07 -53.65 15.12
C ARG C 340 -14.04 -52.91 14.27
N HIS C 341 -13.83 -53.38 13.05
CA HIS C 341 -12.76 -52.88 12.18
C HIS C 341 -13.22 -51.79 11.23
N VAL C 342 -13.97 -50.82 11.75
CA VAL C 342 -14.39 -49.67 10.96
C VAL C 342 -14.25 -48.40 11.78
N PRO C 343 -13.33 -47.51 11.35
CA PRO C 343 -13.05 -46.24 12.04
C PRO C 343 -14.32 -45.58 12.56
N THR C 344 -14.25 -45.04 13.78
CA THR C 344 -15.41 -44.45 14.44
C THR C 344 -15.98 -43.28 13.66
N MET C 345 -15.10 -42.47 13.07
CA MET C 345 -15.52 -41.29 12.32
C MET C 345 -16.35 -41.69 11.12
N LEU C 346 -16.03 -42.85 10.55
CA LEU C 346 -16.72 -43.34 9.36
C LEU C 346 -18.16 -43.77 9.66
N GLN C 347 -18.33 -44.52 10.75
CA GLN C 347 -19.67 -44.91 11.21
C GLN C 347 -20.51 -43.69 11.55
N MET C 348 -19.90 -42.74 12.26
CA MET C 348 -20.58 -41.53 12.65
C MET C 348 -20.99 -40.69 11.45
N PHE C 349 -20.09 -40.53 10.50
CA PHE C 349 -20.44 -39.83 9.27
C PHE C 349 -21.53 -40.54 8.48
N SER C 350 -21.40 -41.86 8.35
CA SER C 350 -22.35 -42.66 7.58
C SER C 350 -23.76 -42.51 8.14
N ALA C 351 -23.85 -42.45 9.46
CA ALA C 351 -25.13 -42.36 10.14
C ALA C 351 -25.78 -40.99 9.93
N VAL C 352 -24.98 -39.93 10.09
CA VAL C 352 -25.48 -38.57 9.93
C VAL C 352 -25.77 -38.24 8.46
N ALA C 353 -24.86 -38.62 7.58
CA ALA C 353 -25.00 -38.28 6.17
C ALA C 353 -26.23 -38.92 5.52
N GLY C 354 -26.38 -40.23 5.69
CA GLY C 354 -27.49 -40.96 5.07
C GLY C 354 -28.78 -40.89 5.84
N GLY C 355 -28.72 -40.32 7.05
CA GLY C 355 -29.88 -40.21 7.92
C GLY C 355 -30.55 -41.55 8.15
N GLY C 356 -29.75 -42.62 8.11
CA GLY C 356 -30.27 -43.97 8.24
C GLY C 356 -30.11 -44.79 6.97
N ALA C 357 -30.16 -44.13 5.82
CA ALA C 357 -30.03 -44.80 4.53
C ALA C 357 -28.68 -45.52 4.39
N ASP C 358 -28.65 -46.56 3.56
CA ASP C 358 -27.42 -47.26 3.24
C ASP C 358 -26.90 -46.72 1.91
N LEU C 359 -25.83 -45.93 1.95
CA LEU C 359 -25.36 -45.23 0.75
C LEU C 359 -24.20 -45.96 0.07
N THR C 360 -24.01 -45.69 -1.22
CA THR C 360 -22.82 -46.15 -1.93
C THR C 360 -21.59 -45.36 -1.44
N LEU C 361 -20.40 -45.84 -1.80
CA LEU C 361 -19.18 -45.10 -1.54
C LEU C 361 -19.27 -43.77 -2.24
N ALA C 362 -19.64 -43.83 -3.53
CA ALA C 362 -19.81 -42.63 -4.34
C ALA C 362 -20.59 -41.53 -3.64
N GLU C 363 -21.72 -41.91 -3.05
CA GLU C 363 -22.61 -40.92 -2.45
C GLU C 363 -22.08 -40.39 -1.11
N LEU C 364 -21.46 -41.27 -0.33
CA LEU C 364 -20.82 -40.87 0.92
C LEU C 364 -19.70 -39.89 0.61
N GLY C 365 -18.91 -40.19 -0.42
CA GLY C 365 -17.77 -39.35 -0.78
C GLY C 365 -18.23 -37.98 -1.25
N ARG C 366 -19.29 -37.97 -2.05
CA ARG C 366 -19.87 -36.74 -2.54
C ARG C 366 -20.36 -35.88 -1.36
N ARG C 367 -21.13 -36.48 -0.47
CA ARG C 367 -21.60 -35.77 0.72
C ARG C 367 -20.44 -35.31 1.59
N TYR C 368 -19.43 -36.16 1.74
CA TYR C 368 -18.28 -35.84 2.56
C TYR C 368 -17.56 -34.64 1.99
N GLY C 369 -17.54 -34.56 0.66
CA GLY C 369 -16.80 -33.55 -0.05
C GLY C 369 -17.42 -32.17 0.03
N THR C 370 -18.66 -32.08 0.49
CA THR C 370 -19.32 -30.78 0.61
C THR C 370 -18.80 -29.98 1.81
N ASN C 371 -18.50 -30.66 2.91
CA ASN C 371 -18.27 -30.00 4.19
C ASN C 371 -17.34 -30.78 5.10
N VAL C 372 -16.47 -31.58 4.48
CA VAL C 372 -15.57 -32.46 5.19
C VAL C 372 -16.36 -33.21 6.29
N GLY C 373 -17.59 -33.55 5.94
CA GLY C 373 -18.44 -34.36 6.79
C GLY C 373 -19.15 -33.61 7.89
N PHE C 374 -18.40 -32.83 8.65
CA PHE C 374 -18.93 -32.30 9.90
C PHE C 374 -18.98 -30.77 10.02
N VAL C 375 -18.46 -30.05 9.04
CA VAL C 375 -18.63 -28.58 9.10
C VAL C 375 -20.05 -28.20 8.70
N PRO C 376 -20.80 -27.65 9.66
CA PRO C 376 -22.19 -27.22 9.44
C PRO C 376 -22.28 -26.19 8.32
N GLN C 377 -23.17 -26.40 7.36
CA GLN C 377 -23.44 -25.40 6.34
C GLN C 377 -24.66 -24.60 6.77
N TRP C 378 -24.46 -23.31 7.00
CA TRP C 378 -25.57 -22.45 7.41
C TRP C 378 -26.02 -21.58 6.25
N ALA C 379 -27.14 -21.91 5.65
CA ALA C 379 -27.66 -21.10 4.57
C ALA C 379 -28.74 -20.19 5.15
N GLY C 380 -28.64 -18.90 4.86
CA GLY C 380 -29.64 -17.98 5.35
C GLY C 380 -29.35 -16.54 4.98
N THR C 381 -30.27 -15.66 5.33
CA THR C 381 -30.04 -14.24 5.20
C THR C 381 -28.99 -13.84 6.22
N ALA C 382 -28.43 -12.65 6.07
CA ALA C 382 -27.44 -12.15 7.03
C ALA C 382 -28.03 -12.11 8.43
N GLU C 383 -29.24 -11.60 8.54
CA GLU C 383 -29.91 -11.56 9.83
C GLU C 383 -29.99 -12.96 10.45
N GLN C 384 -30.36 -13.97 9.66
CA GLN C 384 -30.46 -15.33 10.19
C GLN C 384 -29.11 -15.88 10.61
N ILE C 385 -28.09 -15.63 9.79
CA ILE C 385 -26.74 -16.08 10.13
C ILE C 385 -26.26 -15.42 11.42
N ALA C 386 -26.47 -14.12 11.54
CA ALA C 386 -26.03 -13.40 12.74
C ALA C 386 -26.80 -13.90 13.95
N ASP C 387 -28.11 -14.10 13.78
CA ASP C 387 -28.94 -14.60 14.87
C ASP C 387 -28.40 -15.92 15.37
N GLN C 388 -28.03 -16.79 14.45
CA GLN C 388 -27.57 -18.12 14.82
C GLN C 388 -26.19 -18.07 15.47
N LEU C 389 -25.29 -17.26 14.92
CA LEU C 389 -23.98 -17.11 15.56
C LEU C 389 -24.18 -16.63 16.99
N ILE C 390 -25.00 -15.60 17.16
CA ILE C 390 -25.21 -15.03 18.50
C ILE C 390 -25.84 -16.06 19.42
N SER C 391 -26.86 -16.74 18.91
CA SER C 391 -27.57 -17.78 19.63
C SER C 391 -26.63 -18.90 20.11
N HIS C 392 -25.77 -19.40 19.22
CA HIS C 392 -24.83 -20.45 19.61
C HIS C 392 -23.82 -19.96 20.63
N PHE C 393 -23.35 -18.74 20.42
CA PHE C 393 -22.40 -18.11 21.30
C PHE C 393 -22.97 -18.00 22.70
N GLU C 394 -24.19 -17.46 22.79
CA GLU C 394 -24.83 -17.31 24.09
C GLU C 394 -25.10 -18.67 24.74
N ALA C 395 -25.30 -19.69 23.91
CA ALA C 395 -25.57 -21.04 24.40
C ALA C 395 -24.29 -21.80 24.76
N GLY C 396 -23.15 -21.12 24.69
CA GLY C 396 -21.88 -21.73 25.08
C GLY C 396 -21.33 -22.72 24.07
N ALA C 397 -21.57 -22.46 22.79
CA ALA C 397 -21.01 -23.31 21.73
C ALA C 397 -19.50 -23.14 21.62
N ALA C 398 -19.03 -21.93 21.88
CA ALA C 398 -17.63 -21.57 21.60
C ALA C 398 -17.36 -20.15 22.02
N ASP C 399 -16.08 -19.78 22.08
CA ASP C 399 -15.73 -18.37 22.34
C ASP C 399 -15.73 -17.60 21.04
N GLY C 400 -15.69 -18.33 19.93
CA GLY C 400 -15.56 -17.70 18.62
C GLY C 400 -15.89 -18.64 17.48
N PHE C 401 -15.91 -18.10 16.26
CA PHE C 401 -16.17 -18.91 15.09
C PHE C 401 -15.08 -18.82 14.02
N ILE C 402 -14.71 -19.95 13.44
CA ILE C 402 -13.85 -19.96 12.27
C ILE C 402 -14.80 -20.07 11.11
N ILE C 403 -14.68 -19.16 10.19
CA ILE C 403 -15.59 -19.10 9.07
C ILE C 403 -14.91 -19.84 7.94
N SER C 404 -15.50 -20.97 7.56
CA SER C 404 -14.98 -21.80 6.49
C SER C 404 -15.58 -21.32 5.18
N PRO C 405 -14.72 -21.03 4.20
CA PRO C 405 -15.15 -20.34 2.97
C PRO C 405 -15.64 -21.27 1.87
N ALA C 406 -16.88 -21.11 1.43
CA ALA C 406 -17.40 -21.90 0.32
C ALA C 406 -16.59 -21.68 -0.97
N TYR C 407 -16.14 -20.45 -1.20
CA TYR C 407 -15.31 -20.10 -2.34
C TYR C 407 -14.67 -18.75 -2.08
N LEU C 408 -13.55 -18.48 -2.74
CA LEU C 408 -12.75 -17.31 -2.43
C LEU C 408 -12.45 -16.47 -3.67
N PRO C 409 -12.26 -15.16 -3.47
CA PRO C 409 -12.34 -14.48 -2.18
C PRO C 409 -13.77 -14.08 -1.80
N GLY C 410 -14.74 -14.38 -2.67
CA GLY C 410 -16.05 -13.77 -2.61
C GLY C 410 -16.86 -13.97 -1.34
N ILE C 411 -16.79 -15.17 -0.77
CA ILE C 411 -17.59 -15.44 0.41
C ILE C 411 -17.17 -14.55 1.59
N TYR C 412 -15.88 -14.24 1.69
CA TYR C 412 -15.44 -13.38 2.77
C TYR C 412 -15.92 -11.93 2.57
N GLU C 413 -15.91 -11.45 1.34
CA GLU C 413 -16.47 -10.12 1.04
C GLU C 413 -17.92 -10.07 1.55
N GLU C 414 -18.70 -11.10 1.22
CA GLU C 414 -20.11 -11.11 1.56
C GLU C 414 -20.30 -11.14 3.07
N PHE C 415 -19.50 -11.94 3.75
CA PHE C 415 -19.69 -12.17 5.17
C PHE C 415 -19.31 -10.90 5.92
N VAL C 416 -18.20 -10.29 5.52
CA VAL C 416 -17.75 -9.06 6.16
C VAL C 416 -18.73 -7.92 5.90
N ASP C 417 -19.24 -7.84 4.67
CA ASP C 417 -20.16 -6.76 4.30
C ASP C 417 -21.55 -6.94 4.90
N GLN C 418 -21.99 -8.17 5.04
CA GLN C 418 -23.38 -8.42 5.42
C GLN C 418 -23.58 -8.81 6.88
N VAL C 419 -22.71 -9.67 7.41
CA VAL C 419 -22.93 -10.25 8.73
C VAL C 419 -22.28 -9.48 9.85
N VAL C 420 -21.02 -9.12 9.68
CA VAL C 420 -20.26 -8.41 10.69
C VAL C 420 -20.99 -7.16 11.25
N PRO C 421 -21.48 -6.27 10.38
CA PRO C 421 -22.17 -5.07 10.89
C PRO C 421 -23.33 -5.40 11.83
N LEU C 422 -24.05 -6.49 11.56
CA LEU C 422 -25.16 -6.91 12.40
C LEU C 422 -24.69 -7.41 13.78
N LEU C 423 -23.60 -8.17 13.78
CA LEU C 423 -22.98 -8.60 15.05
C LEU C 423 -22.53 -7.35 15.81
N GLN C 424 -21.95 -6.41 15.10
CA GLN C 424 -21.46 -5.17 15.69
C GLN C 424 -22.60 -4.35 16.27
N GLN C 425 -23.71 -4.30 15.54
CA GLN C 425 -24.86 -3.52 15.97
C GLN C 425 -25.56 -4.16 17.16
N ARG C 426 -25.51 -5.49 17.23
CA ARG C 426 -26.07 -6.20 18.36
C ARG C 426 -25.14 -6.14 19.58
N GLY C 427 -23.93 -5.62 19.38
CA GLY C 427 -22.99 -5.48 20.49
C GLY C 427 -22.19 -6.71 20.89
N VAL C 428 -22.25 -7.79 20.11
CA VAL C 428 -21.51 -8.99 20.47
C VAL C 428 -20.15 -9.09 19.78
N PHE C 429 -19.83 -8.15 18.91
CA PHE C 429 -18.58 -8.19 18.18
C PHE C 429 -17.97 -6.78 18.05
N ARG C 430 -16.66 -6.69 18.23
CA ARG C 430 -15.96 -5.41 18.22
C ARG C 430 -16.29 -4.57 16.98
N THR C 431 -16.36 -3.25 17.16
CA THR C 431 -16.61 -2.30 16.09
C THR C 431 -15.26 -1.78 15.62
N GLU C 432 -14.26 -1.93 16.48
CA GLU C 432 -12.90 -1.51 16.15
C GLU C 432 -11.94 -2.34 16.99
N TYR C 433 -10.73 -2.53 16.50
CA TYR C 433 -9.68 -3.14 17.30
C TYR C 433 -9.35 -2.23 18.49
N GLU C 434 -9.31 -2.81 19.69
CA GLU C 434 -8.98 -2.08 20.89
C GLU C 434 -7.46 -2.07 21.08
N GLY C 435 -6.81 -3.16 20.71
CA GLY C 435 -5.37 -3.26 20.81
C GLY C 435 -4.72 -3.55 19.46
N THR C 436 -3.41 -3.75 19.49
CA THR C 436 -2.63 -3.88 18.27
C THR C 436 -2.08 -5.28 18.04
N THR C 437 -2.02 -6.10 19.09
CA THR C 437 -1.48 -7.45 18.98
C THR C 437 -2.58 -8.52 18.95
N LEU C 438 -2.25 -9.71 18.45
CA LEU C 438 -3.19 -10.83 18.46
C LEU C 438 -3.56 -11.21 19.89
N ARG C 439 -2.60 -11.16 20.80
CA ARG C 439 -2.91 -11.48 22.19
C ARG C 439 -4.02 -10.58 22.75
N GLU C 440 -3.94 -9.28 22.48
CA GLU C 440 -4.99 -8.35 22.91
C GLU C 440 -6.34 -8.61 22.26
N HIS C 441 -6.34 -8.98 20.98
CA HIS C 441 -7.60 -9.30 20.30
C HIS C 441 -8.26 -10.47 21.00
N LEU C 442 -7.46 -11.47 21.34
CA LEU C 442 -7.99 -12.70 21.91
C LEU C 442 -8.26 -12.57 23.41
N GLY C 443 -7.76 -11.51 24.03
CA GLY C 443 -7.94 -11.29 25.46
C GLY C 443 -6.95 -12.12 26.27
N LEU C 444 -5.79 -12.38 25.68
CA LEU C 444 -4.76 -13.19 26.29
C LEU C 444 -3.68 -12.31 26.95
N ALA C 445 -3.16 -12.78 28.08
CA ALA C 445 -2.09 -12.07 28.77
C ALA C 445 -0.79 -12.10 27.96
N HIS C 446 0.05 -11.09 28.17
CA HIS C 446 1.40 -11.03 27.59
C HIS C 446 2.35 -11.85 28.47
N PRO C 447 2.88 -12.97 27.93
CA PRO C 447 3.65 -13.88 28.79
C PRO C 447 4.93 -13.24 29.29
N GLU C 448 5.42 -13.69 30.44
CA GLU C 448 6.70 -13.19 30.93
C GLU C 448 7.82 -14.07 30.43
N VAL C 449 8.98 -13.46 30.22
CA VAL C 449 10.20 -14.20 29.88
C VAL C 449 10.53 -15.26 30.95
N GLY C 450 10.89 -16.45 30.50
CA GLY C 450 11.30 -17.51 31.42
C GLY C 450 12.76 -17.88 31.26
N ARG D 5 25.27 -1.57 -24.15
CA ARG D 5 25.62 -2.51 -23.08
C ARG D 5 25.41 -1.85 -21.72
N GLN D 6 24.60 -2.48 -20.86
CA GLN D 6 24.25 -1.87 -19.56
C GLN D 6 24.69 -2.71 -18.35
N LEU D 7 25.10 -2.03 -17.28
CA LEU D 7 25.51 -2.73 -16.06
C LEU D 7 24.33 -3.00 -15.14
N HIS D 8 24.54 -3.89 -14.17
CA HIS D 8 23.48 -4.27 -13.24
C HIS D 8 23.79 -3.81 -11.84
N LEU D 9 22.75 -3.51 -11.07
CA LEU D 9 22.93 -3.14 -9.68
C LEU D 9 22.16 -4.07 -8.74
N ALA D 10 22.80 -4.44 -7.63
CA ALA D 10 22.16 -5.27 -6.62
C ALA D 10 22.39 -4.67 -5.24
N GLY D 11 21.40 -4.83 -4.36
CA GLY D 11 21.52 -4.45 -2.97
C GLY D 11 21.76 -5.72 -2.17
N PHE D 12 22.32 -5.56 -0.98
CA PHE D 12 22.74 -6.73 -0.23
C PHE D 12 22.96 -6.30 1.20
N PHE D 13 22.25 -6.94 2.13
CA PHE D 13 22.45 -6.61 3.54
C PHE D 13 21.85 -7.65 4.46
N SER D 14 22.34 -7.71 5.69
CA SER D 14 21.84 -8.67 6.65
C SER D 14 20.46 -8.23 7.12
N ALA D 15 19.53 -9.17 7.25
CA ALA D 15 18.27 -8.84 7.91
C ALA D 15 18.56 -8.84 9.40
N GLY D 16 19.24 -7.78 9.85
CA GLY D 16 19.71 -7.69 11.20
C GLY D 16 20.68 -6.53 11.40
N ASN D 17 21.58 -6.69 12.37
CA ASN D 17 22.36 -5.55 12.85
C ASN D 17 23.58 -5.13 12.02
N VAL D 18 24.16 -6.05 11.25
CA VAL D 18 25.45 -5.77 10.63
C VAL D 18 25.66 -6.53 9.33
N THR D 19 26.21 -5.85 8.33
CA THR D 19 26.59 -6.50 7.08
C THR D 19 28.13 -6.51 6.94
N HIS D 20 28.70 -5.48 6.33
CA HIS D 20 30.16 -5.39 6.16
C HIS D 20 30.80 -4.32 7.03
N ALA D 21 30.09 -3.21 7.20
CA ALA D 21 30.58 -2.13 8.05
C ALA D 21 30.15 -2.38 9.49
N HIS D 22 31.12 -2.75 10.32
CA HIS D 22 30.82 -3.26 11.66
C HIS D 22 30.49 -2.19 12.70
N GLY D 23 30.54 -0.92 12.30
CA GLY D 23 30.10 0.18 13.14
C GLY D 23 28.76 0.77 12.70
N ALA D 24 28.15 0.15 11.70
CA ALA D 24 26.91 0.63 11.09
C ALA D 24 25.79 0.91 12.07
N TRP D 25 25.54 -0.02 12.98
CA TRP D 25 24.44 0.15 13.92
C TRP D 25 24.69 1.36 14.81
N ARG D 26 25.94 1.82 14.85
CA ARG D 26 26.28 2.94 15.72
C ARG D 26 26.12 4.29 15.03
N HIS D 27 26.01 4.27 13.70
CA HIS D 27 25.91 5.49 12.90
C HIS D 27 24.74 6.35 13.39
N VAL D 28 24.96 7.66 13.49
CA VAL D 28 23.89 8.58 13.89
C VAL D 28 22.66 8.40 12.99
N GLY D 29 22.89 8.03 11.72
CA GLY D 29 21.82 7.85 10.75
C GLY D 29 21.16 6.47 10.66
N ALA D 30 21.70 5.49 11.38
CA ALA D 30 21.12 4.15 11.38
C ALA D 30 19.83 4.13 12.21
N THR D 31 18.72 3.70 11.62
CA THR D 31 17.49 3.65 12.39
C THR D 31 17.46 2.40 13.24
N ASN D 32 18.30 1.44 12.87
CA ASN D 32 18.24 0.10 13.47
C ASN D 32 16.82 -0.47 13.50
N GLY D 33 16.07 -0.26 12.42
CA GLY D 33 14.71 -0.80 12.31
C GLY D 33 14.66 -2.25 11.84
N PHE D 34 15.76 -2.98 11.99
CA PHE D 34 15.88 -4.34 11.43
C PHE D 34 14.90 -5.37 12.01
N LEU D 35 14.17 -5.00 13.05
CA LEU D 35 13.12 -5.86 13.58
C LEU D 35 11.74 -5.47 13.06
N THR D 36 11.64 -4.41 12.25
CA THR D 36 10.33 -3.90 11.82
C THR D 36 10.07 -4.14 10.34
N GLY D 37 8.80 -4.31 10.00
CA GLY D 37 8.42 -4.48 8.61
C GLY D 37 8.71 -3.24 7.77
N GLU D 38 8.44 -2.06 8.33
CA GLU D 38 8.60 -0.81 7.59
C GLU D 38 10.04 -0.55 7.12
N PHE D 39 11.01 -0.94 7.94
CA PHE D 39 12.41 -0.80 7.58
C PHE D 39 12.69 -1.56 6.27
N TYR D 40 12.20 -2.80 6.18
CA TYR D 40 12.39 -3.59 4.97
C TYR D 40 11.55 -3.11 3.78
N LYS D 41 10.31 -2.72 4.04
CA LYS D 41 9.48 -2.19 2.99
C LYS D 41 10.14 -0.96 2.37
N GLN D 42 10.67 -0.09 3.22
CA GLN D 42 11.30 1.14 2.76
C GLN D 42 12.53 0.87 1.90
N ILE D 43 13.36 -0.06 2.34
CA ILE D 43 14.53 -0.37 1.53
C ILE D 43 14.12 -0.95 0.19
N ALA D 44 13.20 -1.91 0.20
CA ALA D 44 12.73 -2.51 -1.05
C ALA D 44 12.14 -1.44 -1.98
N ARG D 45 11.26 -0.60 -1.47
CA ARG D 45 10.67 0.45 -2.30
C ARG D 45 11.74 1.40 -2.89
N THR D 46 12.80 1.64 -2.13
CA THR D 46 13.84 2.55 -2.54
C THR D 46 14.68 1.96 -3.66
N LEU D 47 15.06 0.70 -3.52
CA LEU D 47 15.82 0.02 -4.56
C LEU D 47 15.01 -0.15 -5.84
N GLU D 48 13.70 -0.35 -5.69
CA GLU D 48 12.81 -0.43 -6.85
C GLU D 48 12.73 0.93 -7.53
N ARG D 49 12.57 1.99 -6.72
CA ARG D 49 12.63 3.34 -7.24
C ARG D 49 13.93 3.60 -8.05
N GLY D 50 15.04 3.05 -7.57
CA GLY D 50 16.30 3.13 -8.29
C GLY D 50 16.49 2.09 -9.39
N LYS D 51 15.44 1.32 -9.69
CA LYS D 51 15.46 0.30 -10.76
C LYS D 51 16.56 -0.75 -10.58
N PHE D 52 16.89 -1.06 -9.33
CA PHE D 52 17.86 -2.11 -9.07
C PHE D 52 17.40 -3.43 -9.67
N ASP D 53 18.34 -4.25 -10.12
CA ASP D 53 18.04 -5.61 -10.58
C ASP D 53 17.55 -6.47 -9.44
N LEU D 54 18.23 -6.36 -8.30
CA LEU D 54 17.83 -7.15 -7.15
C LEU D 54 18.38 -6.74 -5.80
N LEU D 55 17.73 -7.27 -4.78
CA LEU D 55 18.06 -7.06 -3.40
C LEU D 55 18.17 -8.46 -2.85
N PHE D 56 19.29 -8.74 -2.19
CA PHE D 56 19.62 -10.11 -1.82
C PHE D 56 20.04 -10.15 -0.36
N LEU D 57 19.51 -11.11 0.39
CA LEU D 57 19.78 -11.23 1.82
C LEU D 57 20.64 -12.45 2.13
N PRO D 58 21.78 -12.25 2.80
CA PRO D 58 22.59 -13.38 3.30
C PRO D 58 21.93 -13.96 4.54
N ASP D 59 22.47 -15.05 5.08
CA ASP D 59 21.91 -15.60 6.31
C ASP D 59 22.96 -16.33 7.13
N GLY D 60 22.84 -16.22 8.46
CA GLY D 60 23.64 -16.98 9.40
C GLY D 60 22.72 -17.55 10.47
N LEU D 61 22.96 -18.80 10.86
CA LEU D 61 22.02 -19.50 11.73
C LEU D 61 22.45 -19.56 13.21
N ALA D 62 23.40 -18.71 13.60
CA ALA D 62 23.79 -18.62 15.01
C ALA D 62 24.37 -17.25 15.32
N ILE D 63 24.27 -16.82 16.58
CA ILE D 63 24.99 -15.63 16.99
C ILE D 63 26.47 -16.00 16.98
N GLU D 64 27.31 -15.14 16.40
CA GLU D 64 28.73 -15.42 16.32
C GLU D 64 29.33 -15.63 17.71
N ASP D 65 30.00 -16.77 17.86
CA ASP D 65 30.37 -17.33 19.15
C ASP D 65 31.87 -17.58 19.28
N SER D 66 32.52 -17.81 18.16
CA SER D 66 33.90 -18.31 18.15
C SER D 66 34.83 -17.47 19.00
N TYR D 67 34.84 -16.17 18.75
CA TYR D 67 35.66 -15.24 19.51
C TYR D 67 35.18 -15.14 20.95
N GLY D 68 35.94 -15.74 21.86
CA GLY D 68 35.61 -15.69 23.28
C GLY D 68 34.86 -16.91 23.80
N ASP D 69 34.37 -17.74 22.86
CA ASP D 69 33.60 -18.93 23.20
C ASP D 69 32.31 -18.55 23.94
N ASN D 70 32.01 -17.25 23.93
CA ASN D 70 30.82 -16.74 24.58
C ASN D 70 30.11 -15.66 23.76
N LEU D 71 29.04 -15.11 24.33
CA LEU D 71 28.24 -14.13 23.62
C LEU D 71 28.68 -12.69 23.92
N GLU D 72 29.66 -12.53 24.80
CA GLU D 72 30.09 -11.21 25.26
C GLU D 72 30.35 -10.23 24.13
N THR D 73 31.11 -10.67 23.14
CA THR D 73 31.47 -9.83 22.01
C THR D 73 30.32 -9.63 21.01
N GLY D 74 29.74 -10.74 20.55
CA GLY D 74 28.65 -10.69 19.58
C GLY D 74 27.45 -9.91 20.06
N VAL D 75 26.93 -10.26 21.23
CA VAL D 75 25.75 -9.60 21.77
C VAL D 75 26.07 -8.22 22.34
N GLY D 76 27.17 -8.13 23.08
CA GLY D 76 27.55 -6.90 23.74
C GLY D 76 27.92 -5.78 22.78
N LEU D 77 28.60 -6.12 21.69
CA LEU D 77 29.12 -5.12 20.78
C LEU D 77 28.45 -5.13 19.40
N GLY D 78 27.56 -6.09 19.16
CA GLY D 78 26.78 -6.11 17.93
C GLY D 78 27.52 -6.79 16.79
N GLY D 79 27.89 -8.04 16.99
CA GLY D 79 28.67 -8.79 16.02
C GLY D 79 27.82 -9.54 15.00
N GLN D 80 28.48 -10.30 14.15
CA GLN D 80 27.80 -11.03 13.08
C GLN D 80 26.71 -11.95 13.63
N GLY D 81 25.52 -11.84 13.06
CA GLY D 81 24.40 -12.68 13.42
C GLY D 81 23.79 -12.44 14.79
N ALA D 82 24.19 -11.35 15.45
CA ALA D 82 23.62 -11.08 16.77
C ALA D 82 22.10 -11.07 16.64
N VAL D 83 21.62 -10.31 15.68
CA VAL D 83 20.24 -10.39 15.25
C VAL D 83 20.22 -10.80 13.79
N ALA D 84 19.52 -11.88 13.47
CA ALA D 84 19.36 -12.32 12.09
C ALA D 84 17.97 -12.91 11.88
N LEU D 85 17.12 -12.14 11.22
CA LEU D 85 15.76 -12.60 10.92
C LEU D 85 15.80 -13.69 9.87
N GLU D 86 14.85 -14.61 9.93
CA GLU D 86 14.68 -15.60 8.86
C GLU D 86 14.45 -14.88 7.53
N PRO D 87 15.32 -15.12 6.54
CA PRO D 87 15.34 -14.33 5.29
C PRO D 87 14.10 -14.44 4.39
N THR D 88 13.54 -15.64 4.23
CA THR D 88 12.43 -15.81 3.30
C THR D 88 11.20 -15.01 3.73
N SER D 89 10.93 -14.96 5.03
CA SER D 89 9.86 -14.10 5.56
C SER D 89 10.08 -12.64 5.18
N VAL D 90 11.33 -12.20 5.29
CA VAL D 90 11.67 -10.81 4.99
C VAL D 90 11.45 -10.52 3.53
N ILE D 91 11.98 -11.37 2.65
CA ILE D 91 11.77 -11.11 1.22
C ILE D 91 10.29 -11.25 0.76
N ALA D 92 9.52 -12.12 1.39
CA ALA D 92 8.09 -12.15 1.10
C ALA D 92 7.49 -10.81 1.46
N THR D 93 7.93 -10.25 2.59
CA THR D 93 7.46 -8.93 3.00
C THR D 93 7.81 -7.86 1.96
N MET D 94 9.02 -7.92 1.43
CA MET D 94 9.45 -6.96 0.43
C MET D 94 8.74 -7.15 -0.91
N ALA D 95 8.47 -8.41 -1.27
CA ALA D 95 7.76 -8.72 -2.52
C ALA D 95 6.37 -8.13 -2.49
N ALA D 96 5.74 -8.16 -1.31
CA ALA D 96 4.40 -7.65 -1.17
C ALA D 96 4.26 -6.15 -1.47
N VAL D 97 5.36 -5.39 -1.35
CA VAL D 97 5.27 -3.93 -1.59
C VAL D 97 6.02 -3.46 -2.82
N THR D 98 6.52 -4.38 -3.62
CA THR D 98 7.25 -4.03 -4.84
C THR D 98 6.62 -4.80 -6.01
N GLN D 99 7.04 -4.53 -7.24
CA GLN D 99 6.54 -5.33 -8.37
C GLN D 99 7.52 -5.59 -9.50
N ARG D 100 8.75 -5.14 -9.35
CA ARG D 100 9.76 -5.36 -10.37
C ARG D 100 11.08 -5.83 -9.77
N LEU D 101 11.48 -5.19 -8.68
CA LEU D 101 12.71 -5.53 -7.98
C LEU D 101 12.84 -7.03 -7.77
N GLY D 102 14.00 -7.58 -8.11
CA GLY D 102 14.27 -8.98 -7.88
C GLY D 102 14.64 -9.19 -6.42
N LEU D 103 14.33 -10.34 -5.87
CA LEU D 103 14.60 -10.60 -4.46
C LEU D 103 15.18 -11.99 -4.29
N GLY D 104 16.26 -12.09 -3.53
CA GLY D 104 16.91 -13.37 -3.29
C GLY D 104 17.22 -13.58 -1.81
N ALA D 105 17.37 -14.85 -1.42
CA ALA D 105 17.70 -15.17 -0.04
C ALA D 105 18.60 -16.40 0.02
N THR D 106 19.49 -16.41 1.01
CA THR D 106 20.31 -17.57 1.29
C THR D 106 19.51 -18.60 2.06
N VAL D 107 19.59 -19.84 1.59
CA VAL D 107 19.07 -20.99 2.32
C VAL D 107 20.12 -22.12 2.21
N SER D 108 20.46 -22.71 3.34
CA SER D 108 21.52 -23.72 3.39
C SER D 108 21.06 -25.12 2.99
N THR D 109 21.83 -25.76 2.11
CA THR D 109 21.62 -27.17 1.77
C THR D 109 21.95 -28.06 2.95
N THR D 110 22.75 -27.54 3.86
CA THR D 110 23.20 -28.30 5.01
C THR D 110 22.08 -28.62 6.02
N TYR D 111 21.17 -27.68 6.23
CA TYR D 111 20.14 -27.83 7.27
C TYR D 111 18.71 -28.01 6.75
N TYR D 112 18.49 -27.81 5.45
CA TYR D 112 17.13 -28.00 4.92
C TYR D 112 17.08 -29.04 3.83
N PRO D 113 15.95 -29.77 3.77
CA PRO D 113 15.77 -30.76 2.71
C PRO D 113 15.37 -30.08 1.41
N PRO D 114 15.60 -30.78 0.30
CA PRO D 114 15.35 -30.29 -1.07
C PRO D 114 13.88 -29.93 -1.30
N TYR D 115 12.95 -30.69 -0.71
CA TYR D 115 11.54 -30.38 -0.89
C TYR D 115 11.18 -29.02 -0.28
N HIS D 116 11.72 -28.76 0.90
CA HIS D 116 11.49 -27.49 1.58
C HIS D 116 11.99 -26.35 0.72
N VAL D 117 13.25 -26.43 0.30
CA VAL D 117 13.85 -25.37 -0.50
C VAL D 117 13.09 -25.17 -1.81
N ALA D 118 12.75 -26.28 -2.46
CA ALA D 118 11.95 -26.27 -3.68
C ALA D 118 10.62 -25.55 -3.47
N ARG D 119 9.89 -25.95 -2.45
CA ARG D 119 8.55 -25.42 -2.28
C ARG D 119 8.55 -23.97 -1.80
N VAL D 120 9.47 -23.60 -0.92
CA VAL D 120 9.48 -22.23 -0.42
C VAL D 120 9.81 -21.24 -1.55
N PHE D 121 10.75 -21.61 -2.41
CA PHE D 121 11.14 -20.72 -3.49
C PHE D 121 10.14 -20.67 -4.65
N ALA D 122 9.57 -21.81 -5.00
CA ALA D 122 8.47 -21.83 -5.97
C ALA D 122 7.34 -20.94 -5.46
N THR D 123 7.03 -21.04 -4.17
CA THR D 123 5.99 -20.22 -3.56
C THR D 123 6.31 -18.72 -3.69
N LEU D 124 7.49 -18.32 -3.24
CA LEU D 124 7.91 -16.92 -3.36
C LEU D 124 7.97 -16.46 -4.81
N ASP D 125 8.32 -17.38 -5.71
CA ASP D 125 8.43 -17.05 -7.12
C ASP D 125 7.05 -16.73 -7.69
N ASN D 126 6.06 -17.53 -7.30
CA ASN D 126 4.67 -17.22 -7.67
C ASN D 126 4.08 -15.98 -7.00
N LEU D 127 4.29 -15.85 -5.69
CA LEU D 127 3.77 -14.67 -4.98
C LEU D 127 4.34 -13.37 -5.54
N SER D 128 5.57 -13.43 -6.04
CA SER D 128 6.21 -12.23 -6.56
C SER D 128 6.09 -12.15 -8.08
N ASP D 129 5.41 -13.13 -8.68
CA ASP D 129 5.25 -13.16 -10.13
C ASP D 129 6.60 -13.20 -10.87
N GLY D 130 7.49 -14.11 -10.48
CA GLY D 130 8.75 -14.34 -11.16
C GLY D 130 9.93 -13.42 -10.82
N ARG D 131 10.08 -13.03 -9.55
CA ARG D 131 11.16 -12.12 -9.18
C ARG D 131 12.16 -12.69 -8.16
N ILE D 132 12.04 -13.98 -7.87
CA ILE D 132 12.79 -14.59 -6.78
C ILE D 132 14.10 -15.30 -7.19
N SER D 133 15.06 -15.32 -6.27
CA SER D 133 16.29 -16.06 -6.50
C SER D 133 16.76 -16.69 -5.19
N TRP D 134 17.54 -17.75 -5.33
CA TRP D 134 18.05 -18.53 -4.19
C TRP D 134 19.58 -18.51 -4.19
N ASN D 135 20.18 -18.04 -3.09
CA ASN D 135 21.62 -18.11 -2.90
C ASN D 135 21.97 -19.44 -2.23
N VAL D 136 22.57 -20.34 -2.99
CA VAL D 136 22.86 -21.68 -2.50
C VAL D 136 24.10 -21.68 -1.60
N VAL D 137 23.93 -22.12 -0.36
CA VAL D 137 25.05 -22.20 0.58
C VAL D 137 25.24 -23.62 1.11
N THR D 138 26.48 -23.97 1.43
CA THR D 138 26.80 -25.35 1.82
C THR D 138 27.68 -25.42 3.07
N SER D 139 27.76 -24.30 3.79
CA SER D 139 28.63 -24.19 4.96
C SER D 139 28.23 -25.08 6.14
N LEU D 140 29.20 -25.32 7.01
CA LEU D 140 28.97 -26.08 8.25
C LEU D 140 29.75 -25.41 9.37
N ASN D 141 29.07 -24.56 10.12
CA ASN D 141 29.68 -23.86 11.25
C ASN D 141 29.19 -24.50 12.54
N ASP D 142 30.06 -24.58 13.55
CA ASP D 142 29.76 -25.31 14.78
C ASP D 142 28.56 -24.73 15.55
N SER D 143 28.52 -23.41 15.68
CA SER D 143 27.43 -22.78 16.40
C SER D 143 26.09 -23.04 15.69
N GLU D 144 26.10 -23.04 14.36
CA GLU D 144 24.89 -23.32 13.60
C GLU D 144 24.40 -24.76 13.80
N ALA D 145 25.32 -25.71 13.67
CA ALA D 145 25.00 -27.13 13.83
C ALA D 145 24.39 -27.44 15.20
N ARG D 146 24.89 -26.76 16.22
CA ARG D 146 24.42 -26.91 17.60
C ARG D 146 23.02 -26.32 17.76
N ASN D 147 22.67 -25.37 16.90
CA ASN D 147 21.31 -24.84 16.87
C ASN D 147 20.34 -25.79 16.18
N PHE D 148 20.86 -26.58 15.25
CA PHE D 148 20.04 -27.56 14.55
C PHE D 148 20.27 -28.98 15.06
N GLY D 149 21.02 -29.10 16.16
CA GLY D 149 21.26 -30.39 16.79
C GLY D 149 21.95 -31.39 15.88
N VAL D 150 22.79 -30.88 14.99
CA VAL D 150 23.54 -31.70 14.04
C VAL D 150 24.87 -32.13 14.66
N ASP D 151 25.23 -33.39 14.47
CA ASP D 151 26.45 -33.93 15.06
C ASP D 151 27.42 -34.51 14.01
N GLU D 152 26.86 -35.13 12.99
CA GLU D 152 27.63 -35.60 11.84
C GLU D 152 28.52 -34.49 11.27
N HIS D 153 29.46 -34.86 10.40
CA HIS D 153 30.35 -33.90 9.78
C HIS D 153 30.73 -34.37 8.37
N LEU D 154 30.82 -33.42 7.44
CA LEU D 154 31.20 -33.70 6.06
C LEU D 154 32.30 -32.75 5.64
N GLU D 155 33.34 -33.29 5.00
CA GLU D 155 34.46 -32.46 4.55
C GLU D 155 33.97 -31.38 3.59
N HIS D 156 34.62 -30.22 3.64
CA HIS D 156 34.29 -29.08 2.77
C HIS D 156 33.85 -29.44 1.35
N ASP D 157 34.73 -30.10 0.58
CA ASP D 157 34.44 -30.44 -0.81
C ASP D 157 33.29 -31.44 -0.95
N ILE D 158 33.15 -32.31 0.05
CA ILE D 158 32.07 -33.29 0.03
C ILE D 158 30.70 -32.61 0.14
N ARG D 159 30.62 -31.55 0.95
CA ARG D 159 29.38 -30.79 1.09
C ARG D 159 28.90 -30.28 -0.26
N TYR D 160 29.85 -29.87 -1.11
CA TYR D 160 29.52 -29.41 -2.45
C TYR D 160 28.98 -30.55 -3.33
N ASP D 161 29.63 -31.71 -3.29
CA ASP D 161 29.19 -32.88 -4.06
C ASP D 161 27.75 -33.22 -3.68
N ARG D 162 27.46 -33.14 -2.40
CA ARG D 162 26.10 -33.32 -1.90
C ARG D 162 25.16 -32.25 -2.45
N ALA D 163 25.67 -31.04 -2.62
CA ALA D 163 24.86 -29.93 -3.09
C ALA D 163 24.54 -30.08 -4.57
N ASP D 164 25.44 -30.73 -5.30
CA ASP D 164 25.19 -31.05 -6.70
C ASP D 164 23.92 -31.87 -6.84
N GLU D 165 23.77 -32.87 -5.98
CA GLU D 165 22.59 -33.72 -6.01
C GLU D 165 21.37 -32.94 -5.53
N PHE D 166 21.58 -32.12 -4.50
CA PHE D 166 20.54 -31.24 -3.96
C PHE D 166 19.97 -30.38 -5.09
N LEU D 167 20.84 -29.74 -5.86
CA LEU D 167 20.39 -28.92 -6.99
C LEU D 167 19.59 -29.73 -8.02
N GLU D 168 20.08 -30.92 -8.36
CA GLU D 168 19.35 -31.80 -9.26
C GLU D 168 17.93 -32.09 -8.76
N ALA D 169 17.81 -32.41 -7.47
CA ALA D 169 16.50 -32.71 -6.92
C ALA D 169 15.57 -31.50 -6.96
N VAL D 170 16.11 -30.33 -6.60
CA VAL D 170 15.33 -29.09 -6.59
C VAL D 170 14.83 -28.75 -8.00
N LYS D 171 15.72 -28.89 -8.99
CA LYS D 171 15.37 -28.59 -10.36
C LYS D 171 14.33 -29.57 -10.89
N LYS D 172 14.43 -30.82 -10.44
CA LYS D 172 13.46 -31.84 -10.83
C LYS D 172 12.09 -31.44 -10.30
N LEU D 173 12.04 -31.10 -9.02
CA LEU D 173 10.80 -30.66 -8.39
C LEU D 173 10.18 -29.47 -9.11
N TRP D 174 11.02 -28.50 -9.47
CA TRP D 174 10.54 -27.32 -10.20
C TRP D 174 10.00 -27.66 -11.57
N SER D 175 10.35 -28.83 -12.09
CA SER D 175 9.83 -29.25 -13.38
C SER D 175 8.68 -30.24 -13.27
N SER D 176 8.25 -30.55 -12.04
CA SER D 176 7.19 -31.54 -11.87
C SER D 176 5.84 -31.09 -12.46
N TRP D 177 5.63 -29.78 -12.56
CA TRP D 177 4.46 -29.24 -13.25
C TRP D 177 4.85 -28.66 -14.61
N SER D 178 4.32 -29.24 -15.70
CA SER D 178 4.43 -28.60 -17.01
C SER D 178 3.80 -27.22 -16.93
N GLU D 179 4.24 -26.33 -17.81
CA GLU D 179 3.75 -24.96 -17.81
C GLU D 179 2.34 -24.87 -18.40
N ASP D 180 1.81 -26.01 -18.83
CA ASP D 180 0.47 -26.07 -19.38
C ASP D 180 -0.37 -27.13 -18.66
N ALA D 181 0.10 -27.58 -17.50
CA ALA D 181 -0.59 -28.60 -16.72
C ALA D 181 -1.85 -28.11 -16.00
N LEU D 182 -1.80 -26.90 -15.44
CA LEU D 182 -2.95 -26.35 -14.73
C LEU D 182 -4.03 -25.93 -15.72
N LEU D 183 -5.24 -26.44 -15.56
CA LEU D 183 -6.32 -26.21 -16.52
C LEU D 183 -7.43 -25.31 -15.97
N LEU D 184 -7.90 -25.63 -14.77
CA LEU D 184 -8.99 -24.89 -14.14
C LEU D 184 -10.19 -24.81 -15.08
N ASP D 185 -10.49 -25.93 -15.72
CA ASP D 185 -11.67 -26.09 -16.56
C ASP D 185 -12.89 -26.34 -15.66
N LYS D 186 -13.48 -25.26 -15.18
CA LYS D 186 -14.57 -25.34 -14.21
C LYS D 186 -15.75 -26.17 -14.69
N VAL D 187 -16.15 -25.94 -15.94
CA VAL D 187 -17.34 -26.60 -16.47
C VAL D 187 -17.11 -28.10 -16.64
N GLY D 188 -15.99 -28.46 -17.25
CA GLY D 188 -15.65 -29.87 -17.45
C GLY D 188 -15.32 -30.57 -16.14
N GLY D 189 -14.84 -29.79 -15.17
CA GLY D 189 -14.40 -30.34 -13.90
C GLY D 189 -12.98 -30.88 -13.98
N ARG D 190 -12.21 -30.37 -14.93
CA ARG D 190 -10.81 -30.76 -15.08
C ARG D 190 -9.88 -29.71 -14.44
N PHE D 191 -9.39 -29.99 -13.24
CA PHE D 191 -8.48 -29.08 -12.53
C PHE D 191 -7.12 -28.92 -13.21
N ALA D 192 -6.47 -30.05 -13.47
CA ALA D 192 -5.20 -30.06 -14.17
C ALA D 192 -5.08 -31.34 -14.99
N ASP D 193 -4.00 -31.47 -15.76
CA ASP D 193 -3.75 -32.68 -16.56
C ASP D 193 -2.73 -33.55 -15.83
N PRO D 194 -3.19 -34.69 -15.27
CA PRO D 194 -2.32 -35.58 -14.49
C PRO D 194 -1.15 -36.14 -15.32
N LYS D 195 -1.28 -36.12 -16.64
CA LYS D 195 -0.20 -36.51 -17.53
C LYS D 195 0.90 -35.46 -17.58
N LYS D 196 0.61 -34.25 -17.08
CA LYS D 196 1.58 -33.16 -17.14
C LYS D 196 2.15 -32.77 -15.77
N VAL D 197 1.79 -33.54 -14.75
CA VAL D 197 2.37 -33.39 -13.41
C VAL D 197 2.98 -34.74 -13.03
N GLN D 198 4.29 -34.80 -12.84
CA GLN D 198 4.94 -36.08 -12.63
C GLN D 198 5.59 -36.22 -11.26
N TYR D 199 5.57 -37.44 -10.73
CA TYR D 199 6.41 -37.77 -9.60
C TYR D 199 7.85 -37.53 -10.01
N VAL D 200 8.70 -37.26 -9.03
CA VAL D 200 10.11 -37.06 -9.27
C VAL D 200 10.90 -38.34 -8.96
N ASN D 201 10.53 -39.01 -7.87
CA ASN D 201 11.18 -40.26 -7.46
C ASN D 201 12.70 -40.17 -7.51
N HIS D 202 13.24 -39.08 -6.99
CA HIS D 202 14.67 -38.94 -6.88
C HIS D 202 15.15 -39.77 -5.70
N ARG D 203 16.13 -40.63 -5.95
CA ARG D 203 16.70 -41.48 -4.90
C ARG D 203 18.18 -41.65 -5.21
N GLY D 204 18.98 -40.67 -4.79
CA GLY D 204 20.40 -40.68 -5.08
C GLY D 204 21.20 -41.14 -3.89
N ARG D 205 22.50 -40.91 -3.91
CA ARG D 205 23.38 -41.31 -2.81
C ARG D 205 23.10 -40.53 -1.53
N TRP D 206 22.84 -39.23 -1.67
CA TRP D 206 22.69 -38.35 -0.53
C TRP D 206 21.23 -38.13 -0.12
N LEU D 207 20.35 -38.08 -1.11
CA LEU D 207 19.01 -37.56 -0.90
C LEU D 207 17.93 -38.41 -1.52
N SER D 208 16.77 -38.40 -0.88
CA SER D 208 15.59 -39.08 -1.39
C SER D 208 14.38 -38.14 -1.33
N VAL D 209 13.78 -37.87 -2.49
CA VAL D 209 12.54 -37.10 -2.52
C VAL D 209 11.60 -37.59 -3.60
N ARG D 210 10.37 -37.90 -3.21
CA ARG D 210 9.42 -38.51 -4.12
C ARG D 210 8.77 -37.52 -5.08
N GLY D 211 8.34 -36.37 -4.55
CA GLY D 211 7.56 -35.41 -5.33
C GLY D 211 6.16 -35.96 -5.54
N PRO D 212 5.37 -35.31 -6.42
CA PRO D 212 5.76 -34.09 -7.14
C PRO D 212 5.67 -32.86 -6.26
N LEU D 213 6.21 -31.73 -6.72
CA LEU D 213 6.07 -30.46 -6.03
C LEU D 213 4.61 -30.00 -6.02
N GLN D 214 4.18 -29.39 -4.93
CA GLN D 214 2.81 -28.91 -4.82
C GLN D 214 2.61 -27.49 -5.35
N VAL D 215 3.57 -26.98 -6.11
CA VAL D 215 3.50 -25.61 -6.60
C VAL D 215 3.96 -25.52 -8.05
N PRO D 216 3.09 -25.04 -8.94
CA PRO D 216 3.41 -24.92 -10.36
C PRO D 216 4.48 -23.86 -10.61
N ARG D 217 4.88 -23.71 -11.86
CA ARG D 217 5.98 -22.81 -12.19
C ARG D 217 5.53 -21.38 -12.34
N SER D 218 6.35 -20.46 -11.83
CA SER D 218 6.07 -19.04 -12.01
C SER D 218 6.29 -18.67 -13.47
N ARG D 219 6.05 -17.41 -13.79
CA ARG D 219 6.20 -16.95 -15.17
C ARG D 219 7.66 -16.84 -15.59
N GLN D 220 8.59 -16.97 -14.65
CA GLN D 220 10.00 -16.98 -15.03
C GLN D 220 10.57 -18.40 -15.08
N GLY D 221 9.68 -19.39 -14.99
CA GLY D 221 10.07 -20.78 -15.09
C GLY D 221 10.66 -21.34 -13.81
N GLU D 222 11.79 -20.79 -13.40
CA GLU D 222 12.48 -21.24 -12.19
C GLU D 222 13.16 -20.06 -11.51
N PRO D 223 13.31 -20.14 -10.18
CA PRO D 223 14.09 -19.16 -9.45
C PRO D 223 15.51 -19.06 -10.01
N VAL D 224 16.07 -17.86 -9.98
CA VAL D 224 17.45 -17.66 -10.40
C VAL D 224 18.41 -18.20 -9.34
N ILE D 225 19.41 -18.97 -9.75
CA ILE D 225 20.38 -19.53 -8.80
C ILE D 225 21.55 -18.57 -8.57
N LEU D 226 21.79 -18.23 -7.31
CA LEU D 226 22.87 -17.30 -6.94
C LEU D 226 23.91 -18.03 -6.12
N GLN D 227 25.17 -17.70 -6.34
CA GLN D 227 26.28 -18.38 -5.68
C GLN D 227 27.31 -17.34 -5.25
N ALA D 228 27.85 -17.47 -4.04
CA ALA D 228 28.85 -16.53 -3.53
C ALA D 228 30.20 -17.17 -3.21
N GLY D 229 30.20 -18.45 -2.86
CA GLY D 229 31.42 -19.16 -2.48
C GLY D 229 32.50 -19.20 -3.56
N LEU D 230 33.69 -18.69 -3.22
CA LEU D 230 34.79 -18.58 -4.19
C LEU D 230 35.98 -19.50 -3.92
N SER D 231 35.76 -20.53 -3.09
CA SER D 231 36.75 -21.58 -2.92
C SER D 231 36.96 -22.30 -4.25
N PRO D 232 38.10 -22.98 -4.41
CA PRO D 232 38.33 -23.75 -5.63
C PRO D 232 37.12 -24.63 -5.95
N ARG D 233 36.61 -25.33 -4.94
CA ARG D 233 35.46 -26.21 -5.14
C ARG D 233 34.18 -25.43 -5.41
N GLY D 234 34.06 -24.26 -4.79
CA GLY D 234 32.91 -23.39 -4.97
C GLY D 234 32.82 -22.84 -6.38
N ARG D 235 33.96 -22.40 -6.90
CA ARG D 235 34.04 -21.88 -8.27
C ARG D 235 33.55 -22.94 -9.26
N ARG D 236 33.96 -24.18 -9.04
CA ARG D 236 33.51 -25.28 -9.87
C ARG D 236 31.99 -25.41 -9.78
N PHE D 237 31.48 -25.41 -8.55
CA PHE D 237 30.05 -25.55 -8.33
C PHE D 237 29.31 -24.40 -9.01
N ALA D 238 29.90 -23.21 -8.95
CA ALA D 238 29.32 -22.04 -9.58
C ALA D 238 29.26 -22.22 -11.09
N GLY D 239 30.37 -22.65 -11.69
CA GLY D 239 30.42 -22.85 -13.12
C GLY D 239 29.27 -23.73 -13.57
N ARG D 240 28.92 -24.70 -12.73
CA ARG D 240 27.87 -25.65 -13.11
C ARG D 240 26.45 -25.08 -12.98
N TRP D 241 26.14 -24.48 -11.84
CA TRP D 241 24.76 -24.14 -11.50
C TRP D 241 24.42 -22.65 -11.49
N ALA D 242 25.41 -21.81 -11.22
CA ALA D 242 25.16 -20.41 -10.85
C ALA D 242 24.74 -19.54 -12.02
N GLU D 243 23.67 -18.78 -11.82
CA GLU D 243 23.19 -17.84 -12.83
C GLU D 243 23.65 -16.42 -12.54
N ALA D 244 24.10 -16.20 -11.30
CA ALA D 244 24.70 -14.94 -10.91
C ALA D 244 25.64 -15.23 -9.76
N VAL D 245 26.84 -14.65 -9.83
CA VAL D 245 27.84 -14.86 -8.80
C VAL D 245 28.22 -13.57 -8.09
N PHE D 246 28.26 -13.63 -6.78
CA PHE D 246 28.63 -12.46 -6.00
C PHE D 246 30.05 -12.58 -5.46
N SER D 247 30.88 -11.58 -5.79
CA SER D 247 32.30 -11.65 -5.54
C SER D 247 32.77 -10.41 -4.78
N VAL D 248 33.81 -10.57 -3.98
CA VAL D 248 34.41 -9.43 -3.29
C VAL D 248 35.89 -9.33 -3.66
N SER D 249 36.26 -8.23 -4.30
CA SER D 249 37.65 -7.98 -4.68
C SER D 249 38.09 -6.56 -4.31
N PRO D 250 39.29 -6.43 -3.73
CA PRO D 250 39.75 -5.12 -3.25
C PRO D 250 40.19 -4.12 -4.33
N ASN D 251 40.45 -4.58 -5.57
CA ASN D 251 40.81 -3.65 -6.64
C ASN D 251 40.51 -4.16 -8.05
N LEU D 252 40.62 -3.27 -9.03
CA LEU D 252 40.34 -3.59 -10.43
C LEU D 252 41.03 -4.89 -10.90
N ASP D 253 42.35 -4.98 -10.66
CA ASP D 253 43.12 -6.12 -11.14
C ASP D 253 42.57 -7.46 -10.67
N ILE D 254 42.33 -7.58 -9.36
CA ILE D 254 41.71 -8.79 -8.82
C ILE D 254 40.30 -8.98 -9.38
N MET D 255 39.51 -7.90 -9.42
CA MET D 255 38.16 -7.95 -9.99
C MET D 255 38.21 -8.61 -11.37
N ARG D 256 39.10 -8.10 -12.21
CA ARG D 256 39.26 -8.62 -13.56
C ARG D 256 39.73 -10.08 -13.54
N ALA D 257 40.63 -10.42 -12.64
CA ALA D 257 41.11 -11.80 -12.54
C ALA D 257 39.96 -12.71 -12.11
N VAL D 258 39.24 -12.30 -11.09
CA VAL D 258 38.11 -13.09 -10.60
C VAL D 258 37.06 -13.23 -11.70
N TYR D 259 36.80 -12.13 -12.41
CA TYR D 259 35.80 -12.14 -13.45
C TYR D 259 36.10 -13.25 -14.46
N GLN D 260 37.29 -13.20 -15.05
CA GLN D 260 37.64 -14.16 -16.08
C GLN D 260 37.70 -15.60 -15.58
N ASP D 261 38.13 -15.80 -14.35
CA ASP D 261 38.15 -17.15 -13.80
C ASP D 261 36.73 -17.71 -13.74
N ILE D 262 35.79 -16.90 -13.26
CA ILE D 262 34.41 -17.36 -13.14
C ILE D 262 33.84 -17.69 -14.51
N LYS D 263 34.00 -16.77 -15.45
CA LYS D 263 33.49 -16.99 -16.79
C LYS D 263 34.07 -18.27 -17.38
N ALA D 264 35.32 -18.55 -17.07
CA ALA D 264 35.99 -19.75 -17.59
C ALA D 264 35.37 -21.00 -16.99
N HIS D 265 35.24 -21.02 -15.67
CA HIS D 265 34.63 -22.16 -14.98
C HIS D 265 33.26 -22.46 -15.58
N VAL D 266 32.55 -21.42 -16.00
CA VAL D 266 31.23 -21.59 -16.59
C VAL D 266 31.30 -22.23 -17.98
N ALA D 267 32.19 -21.71 -18.82
CA ALA D 267 32.43 -22.30 -20.13
C ALA D 267 32.86 -23.76 -19.97
N ALA D 268 33.73 -24.01 -18.99
CA ALA D 268 34.24 -25.34 -18.71
C ALA D 268 33.13 -26.32 -18.40
N ALA D 269 32.10 -25.83 -17.71
CA ALA D 269 30.99 -26.67 -17.31
C ALA D 269 30.03 -26.91 -18.48
N GLY D 270 30.32 -26.27 -19.61
CA GLY D 270 29.53 -26.45 -20.81
C GLY D 270 28.40 -25.46 -20.99
N ARG D 271 28.49 -24.32 -20.31
CA ARG D 271 27.41 -23.34 -20.31
C ARG D 271 27.85 -22.03 -20.95
N ASP D 272 26.88 -21.21 -21.34
CA ASP D 272 27.15 -19.91 -21.94
C ASP D 272 27.59 -18.91 -20.87
N PRO D 273 28.86 -18.48 -20.94
CA PRO D 273 29.43 -17.52 -19.99
C PRO D 273 28.57 -16.27 -19.85
N GLU D 274 27.92 -15.86 -20.92
CA GLU D 274 27.11 -14.64 -20.90
C GLU D 274 25.76 -14.87 -20.22
N GLN D 275 25.50 -16.12 -19.83
CA GLN D 275 24.29 -16.48 -19.12
C GLN D 275 24.57 -16.66 -17.62
N THR D 276 25.72 -16.17 -17.18
CA THR D 276 26.04 -16.13 -15.76
C THR D 276 26.57 -14.74 -15.45
N LYS D 277 25.79 -13.97 -14.70
CA LYS D 277 26.14 -12.59 -14.42
C LYS D 277 27.05 -12.50 -13.20
N VAL D 278 28.08 -11.67 -13.29
CA VAL D 278 29.07 -11.54 -12.24
C VAL D 278 29.00 -10.15 -11.60
N PHE D 279 28.67 -10.12 -10.30
CA PHE D 279 28.60 -8.87 -9.53
C PHE D 279 29.77 -8.77 -8.58
N THR D 280 30.27 -7.55 -8.37
CA THR D 280 31.35 -7.32 -7.43
C THR D 280 30.96 -6.24 -6.41
N ALA D 281 31.32 -6.45 -5.14
CA ALA D 281 30.84 -5.61 -4.06
C ALA D 281 31.67 -4.34 -3.83
N VAL D 282 30.97 -3.22 -3.66
CA VAL D 282 31.63 -1.97 -3.30
C VAL D 282 30.82 -1.24 -2.24
N MET D 283 31.51 -0.45 -1.42
CA MET D 283 30.86 0.27 -0.34
C MET D 283 31.06 1.75 -0.56
N PRO D 284 30.12 2.37 -1.28
CA PRO D 284 30.24 3.80 -1.55
C PRO D 284 29.85 4.66 -0.35
N VAL D 285 30.56 5.77 -0.20
CA VAL D 285 30.26 6.77 0.81
C VAL D 285 30.22 8.12 0.12
N LEU D 286 29.03 8.69 0.03
CA LEU D 286 28.80 9.90 -0.75
C LEU D 286 29.00 11.15 0.09
N GLY D 287 29.31 12.25 -0.60
CA GLY D 287 29.29 13.57 -0.02
C GLY D 287 29.00 14.57 -1.12
N GLU D 288 28.47 15.73 -0.74
CA GLU D 288 28.16 16.77 -1.72
C GLU D 288 29.45 17.22 -2.39
N THR D 289 30.53 17.24 -1.61
CA THR D 289 31.87 17.47 -2.11
C THR D 289 32.71 16.26 -1.72
N GLU D 290 33.85 16.09 -2.36
CA GLU D 290 34.73 14.99 -2.04
C GLU D 290 35.20 15.07 -0.58
N GLN D 291 35.47 16.28 -0.14
CA GLN D 291 35.91 16.52 1.21
C GLN D 291 34.91 15.99 2.25
N VAL D 292 33.63 16.26 2.01
CA VAL D 292 32.58 15.78 2.90
C VAL D 292 32.55 14.26 2.85
N ALA D 293 32.64 13.70 1.64
CA ALA D 293 32.67 12.26 1.48
C ALA D 293 33.73 11.62 2.36
N ARG D 294 34.97 12.07 2.20
CA ARG D 294 36.09 11.55 2.99
C ARG D 294 35.83 11.69 4.48
N GLU D 295 35.30 12.85 4.87
CA GLU D 295 34.99 13.10 6.27
C GLU D 295 33.96 12.09 6.79
N ARG D 296 32.95 11.80 5.97
CA ARG D 296 31.92 10.85 6.36
C ARG D 296 32.47 9.41 6.45
N LEU D 297 33.38 9.06 5.54
CA LEU D 297 34.00 7.75 5.60
C LEU D 297 34.80 7.60 6.90
N GLU D 298 35.49 8.66 7.29
CA GLU D 298 36.35 8.66 8.47
C GLU D 298 35.51 8.44 9.71
N TYR D 299 34.38 9.13 9.74
CA TYR D 299 33.42 8.97 10.83
C TYR D 299 32.93 7.53 10.89
N LEU D 300 32.58 6.96 9.74
CA LEU D 300 32.01 5.62 9.68
C LEU D 300 32.98 4.57 10.21
N ASN D 301 34.20 4.60 9.69
CA ASN D 301 35.24 3.68 10.13
C ASN D 301 35.62 3.82 11.61
N SER D 302 35.51 5.04 12.13
CA SER D 302 35.87 5.27 13.53
C SER D 302 34.91 4.57 14.50
N LEU D 303 33.80 4.05 13.98
CA LEU D 303 32.77 3.45 14.82
C LEU D 303 33.05 1.97 15.11
N VAL D 304 33.98 1.41 14.35
CA VAL D 304 34.34 0.00 14.45
C VAL D 304 35.11 -0.29 15.75
N HIS D 305 34.54 -1.19 16.55
CA HIS D 305 35.22 -1.70 17.74
C HIS D 305 36.15 -2.84 17.33
N PRO D 306 37.45 -2.74 17.68
CA PRO D 306 38.46 -3.72 17.25
C PRO D 306 38.03 -5.18 17.48
N GLU D 307 37.38 -5.43 18.60
CA GLU D 307 36.98 -6.81 18.93
C GLU D 307 35.84 -7.38 18.07
N VAL D 308 34.86 -6.54 17.68
CA VAL D 308 33.82 -7.05 16.78
C VAL D 308 34.47 -7.44 15.47
N GLY D 309 35.43 -6.63 15.02
CA GLY D 309 36.14 -6.93 13.79
C GLY D 309 36.99 -8.18 13.90
N LEU D 310 37.63 -8.34 15.06
CA LEU D 310 38.45 -9.51 15.33
C LEU D 310 37.56 -10.74 15.35
N SER D 311 36.43 -10.63 16.03
CA SER D 311 35.42 -11.68 16.06
C SER D 311 35.04 -12.17 14.67
N THR D 312 34.80 -11.23 13.75
CA THR D 312 34.45 -11.61 12.40
C THR D 312 35.66 -12.19 11.67
N LEU D 313 36.82 -11.60 11.93
CA LEU D 313 38.09 -12.08 11.35
C LEU D 313 38.38 -13.53 11.76
N SER D 314 38.14 -13.86 13.03
CA SER D 314 38.24 -15.23 13.51
C SER D 314 37.35 -16.19 12.70
N SER D 315 36.08 -15.85 12.58
CA SER D 315 35.12 -16.67 11.85
C SER D 315 35.56 -16.92 10.41
N HIS D 316 36.03 -15.88 9.74
CA HIS D 316 36.35 -15.97 8.32
C HIS D 316 37.65 -16.72 8.05
N SER D 317 38.58 -16.67 8.98
CA SER D 317 39.87 -17.33 8.82
C SER D 317 39.85 -18.76 9.36
N GLY D 318 38.89 -19.04 10.25
CA GLY D 318 38.81 -20.32 10.93
C GLY D 318 39.64 -20.34 12.20
N LEU D 319 40.61 -19.44 12.26
CA LEU D 319 41.50 -19.30 13.40
C LEU D 319 40.78 -18.56 14.54
N ASN D 320 40.81 -19.12 15.75
CA ASN D 320 40.18 -18.44 16.90
C ASN D 320 41.14 -17.49 17.61
N LEU D 321 41.15 -16.24 17.15
CA LEU D 321 42.13 -15.25 17.60
C LEU D 321 41.89 -14.71 19.01
N SER D 322 40.85 -15.19 19.68
CA SER D 322 40.58 -14.77 21.05
C SER D 322 41.61 -15.40 21.99
N LYS D 323 42.26 -16.46 21.51
CA LYS D 323 43.33 -17.14 22.24
C LYS D 323 44.48 -16.17 22.59
N TYR D 324 44.71 -15.20 21.72
CA TYR D 324 45.84 -14.27 21.88
C TYR D 324 45.43 -12.91 22.45
N PRO D 325 46.38 -12.24 23.12
CA PRO D 325 46.16 -10.85 23.54
C PRO D 325 45.98 -9.93 22.33
N LEU D 326 45.22 -8.87 22.51
CA LEU D 326 44.93 -7.92 21.43
C LEU D 326 46.17 -7.18 20.92
N ASP D 327 47.12 -6.94 21.83
CA ASP D 327 48.34 -6.22 21.48
C ASP D 327 49.40 -7.13 20.85
N THR D 328 49.02 -8.39 20.62
CA THR D 328 49.86 -9.36 19.94
C THR D 328 50.15 -8.91 18.50
N LYS D 329 51.41 -8.65 18.20
CA LYS D 329 51.80 -8.33 16.83
C LYS D 329 51.49 -9.55 15.97
N PHE D 330 51.23 -9.33 14.69
CA PHE D 330 50.89 -10.41 13.78
C PHE D 330 52.10 -11.33 13.58
N SER D 331 53.28 -10.80 13.80
CA SER D 331 54.52 -11.57 13.73
C SER D 331 54.45 -12.76 14.68
N ASP D 332 54.30 -12.45 15.96
CA ASP D 332 54.25 -13.46 17.02
C ASP D 332 53.26 -14.59 16.73
N ILE D 333 52.23 -14.30 15.92
CA ILE D 333 51.26 -15.32 15.53
C ILE D 333 51.82 -16.20 14.42
N VAL D 334 52.48 -15.56 13.46
CA VAL D 334 53.16 -16.28 12.39
C VAL D 334 54.14 -17.30 12.96
N ALA D 335 54.95 -16.85 13.91
CA ALA D 335 55.95 -17.69 14.56
C ALA D 335 55.32 -18.73 15.49
N ASP D 336 54.26 -18.34 16.18
CA ASP D 336 53.55 -19.22 17.11
C ASP D 336 52.81 -20.33 16.36
N LEU D 337 52.58 -20.13 15.06
CA LEU D 337 51.78 -21.07 14.26
C LEU D 337 52.56 -21.71 13.12
N GLY D 338 53.50 -20.96 12.54
CA GLY D 338 54.21 -21.41 11.36
C GLY D 338 53.50 -20.95 10.10
N ASP D 339 54.26 -20.40 9.15
CA ASP D 339 53.71 -19.87 7.91
C ASP D 339 53.16 -20.95 6.98
N ARG D 340 52.90 -22.14 7.53
CA ARG D 340 52.40 -23.27 6.76
C ARG D 340 50.96 -23.59 7.12
N HIS D 341 50.56 -23.25 8.33
CA HIS D 341 49.20 -23.54 8.80
C HIS D 341 48.40 -22.26 9.02
N VAL D 342 49.03 -21.12 8.71
CA VAL D 342 48.37 -19.82 8.77
C VAL D 342 47.63 -19.53 7.46
N PRO D 343 46.29 -19.49 7.52
CA PRO D 343 45.46 -19.33 6.31
C PRO D 343 45.96 -18.19 5.45
N THR D 344 45.99 -18.40 4.14
CA THR D 344 46.58 -17.42 3.23
C THR D 344 45.83 -16.09 3.28
N MET D 345 44.51 -16.17 3.37
CA MET D 345 43.68 -14.97 3.41
C MET D 345 44.11 -14.04 4.54
N LEU D 346 44.40 -14.62 5.71
CA LEU D 346 44.94 -13.85 6.83
C LEU D 346 46.21 -13.14 6.43
N GLN D 347 47.19 -13.90 5.96
CA GLN D 347 48.46 -13.30 5.56
C GLN D 347 48.25 -12.29 4.45
N MET D 348 47.28 -12.56 3.59
CA MET D 348 46.92 -11.61 2.55
C MET D 348 46.40 -10.31 3.16
N PHE D 349 45.31 -10.40 3.92
CA PHE D 349 44.74 -9.21 4.53
C PHE D 349 45.80 -8.45 5.31
N SER D 350 46.57 -9.18 6.11
CA SER D 350 47.64 -8.60 6.92
C SER D 350 48.59 -7.73 6.10
N ALA D 351 49.18 -8.32 5.06
CA ALA D 351 50.12 -7.59 4.22
C ALA D 351 49.51 -6.31 3.66
N VAL D 352 48.31 -6.43 3.09
CA VAL D 352 47.64 -5.29 2.47
C VAL D 352 47.18 -4.26 3.50
N ALA D 353 46.75 -4.72 4.67
CA ALA D 353 46.20 -3.85 5.70
C ALA D 353 47.16 -2.73 6.08
N GLY D 354 48.27 -3.11 6.70
CA GLY D 354 49.26 -2.16 7.16
C GLY D 354 50.35 -1.90 6.14
N GLY D 355 50.16 -2.44 4.94
CA GLY D 355 51.10 -2.26 3.85
C GLY D 355 52.47 -2.80 4.19
N GLY D 356 52.53 -4.11 4.45
CA GLY D 356 53.78 -4.76 4.82
C GLY D 356 54.17 -4.49 6.27
N ALA D 357 53.57 -3.47 6.87
CA ALA D 357 53.86 -3.10 8.25
C ALA D 357 53.39 -4.19 9.21
N ASP D 358 53.78 -4.07 10.48
CA ASP D 358 53.41 -5.06 11.49
C ASP D 358 52.33 -4.52 12.43
N LEU D 359 51.16 -5.14 12.40
CA LEU D 359 50.02 -4.64 13.16
C LEU D 359 49.67 -5.51 14.36
N THR D 360 49.10 -4.89 15.39
CA THR D 360 48.53 -5.63 16.50
C THR D 360 47.25 -6.35 16.05
N LEU D 361 46.86 -7.40 16.77
CA LEU D 361 45.61 -8.08 16.49
C LEU D 361 44.44 -7.11 16.54
N ALA D 362 44.49 -6.19 17.51
CA ALA D 362 43.44 -5.20 17.68
C ALA D 362 43.34 -4.33 16.43
N GLU D 363 44.48 -3.89 15.91
CA GLU D 363 44.47 -3.01 14.75
C GLU D 363 44.03 -3.72 13.48
N LEU D 364 44.36 -5.01 13.35
CA LEU D 364 43.91 -5.81 12.20
C LEU D 364 42.41 -6.08 12.24
N GLY D 365 41.90 -6.36 13.44
CA GLY D 365 40.47 -6.57 13.63
C GLY D 365 39.70 -5.30 13.36
N ARG D 366 40.21 -4.19 13.86
CA ARG D 366 39.60 -2.88 13.63
C ARG D 366 39.49 -2.58 12.13
N ARG D 367 40.53 -2.87 11.36
CA ARG D 367 40.49 -2.60 9.93
C ARG D 367 39.63 -3.60 9.19
N TYR D 368 39.66 -4.86 9.65
CA TYR D 368 38.82 -5.87 9.02
C TYR D 368 37.35 -5.52 9.22
N GLY D 369 37.03 -5.00 10.41
CA GLY D 369 35.70 -4.55 10.75
C GLY D 369 35.15 -3.40 9.91
N THR D 370 36.01 -2.63 9.26
CA THR D 370 35.53 -1.51 8.45
C THR D 370 34.80 -1.98 7.19
N ASN D 371 35.31 -3.06 6.59
CA ASN D 371 34.86 -3.46 5.26
C ASN D 371 35.10 -4.94 5.04
N VAL D 372 35.00 -5.72 6.11
CA VAL D 372 35.30 -7.16 6.05
C VAL D 372 36.60 -7.40 5.27
N GLY D 373 37.54 -6.47 5.42
CA GLY D 373 38.87 -6.60 4.85
C GLY D 373 39.02 -6.24 3.39
N PHE D 374 38.13 -6.73 2.55
CA PHE D 374 38.36 -6.64 1.11
C PHE D 374 37.33 -5.88 0.29
N VAL D 375 36.28 -5.38 0.94
CA VAL D 375 35.28 -4.59 0.20
C VAL D 375 35.79 -3.15 0.04
N PRO D 376 36.03 -2.73 -1.20
CA PRO D 376 36.51 -1.37 -1.51
C PRO D 376 35.56 -0.31 -0.97
N GLN D 377 36.10 0.61 -0.18
CA GLN D 377 35.33 1.77 0.25
C GLN D 377 35.62 2.92 -0.69
N TRP D 378 34.63 3.30 -1.49
CA TRP D 378 34.79 4.42 -2.39
C TRP D 378 34.11 5.67 -1.82
N ALA D 379 34.90 6.69 -1.48
CA ALA D 379 34.37 7.97 -0.99
C ALA D 379 34.50 9.05 -2.05
N GLY D 380 33.38 9.67 -2.41
CA GLY D 380 33.43 10.79 -3.33
C GLY D 380 32.04 11.37 -3.52
N THR D 381 31.98 12.36 -4.42
CA THR D 381 30.71 12.92 -4.82
C THR D 381 30.02 11.88 -5.67
N ALA D 382 28.74 12.07 -5.92
CA ALA D 382 27.99 11.14 -6.75
C ALA D 382 28.61 11.03 -8.16
N GLU D 383 29.13 12.14 -8.66
CA GLU D 383 29.72 12.10 -10.00
C GLU D 383 30.96 11.21 -10.00
N GLN D 384 31.75 11.27 -8.95
CA GLN D 384 32.95 10.43 -8.89
C GLN D 384 32.57 8.96 -8.75
N ILE D 385 31.64 8.67 -7.86
CA ILE D 385 31.24 7.30 -7.63
C ILE D 385 30.72 6.74 -8.94
N ALA D 386 29.94 7.53 -9.68
CA ALA D 386 29.39 7.07 -10.95
C ALA D 386 30.50 6.84 -11.96
N ASP D 387 31.48 7.74 -11.99
CA ASP D 387 32.62 7.63 -12.89
C ASP D 387 33.39 6.35 -12.60
N GLN D 388 33.59 6.06 -11.32
CA GLN D 388 34.31 4.86 -10.93
C GLN D 388 33.52 3.59 -11.25
N LEU D 389 32.20 3.63 -11.04
CA LEU D 389 31.37 2.47 -11.35
C LEU D 389 31.43 2.21 -12.84
N ILE D 390 31.34 3.28 -13.62
CA ILE D 390 31.36 3.17 -15.08
C ILE D 390 32.74 2.74 -15.59
N SER D 391 33.78 3.38 -15.09
CA SER D 391 35.15 3.06 -15.50
C SER D 391 35.52 1.62 -15.15
N HIS D 392 35.05 1.11 -14.01
CA HIS D 392 35.32 -0.28 -13.66
C HIS D 392 34.56 -1.26 -14.55
N PHE D 393 33.33 -0.90 -14.88
CA PHE D 393 32.48 -1.73 -15.72
C PHE D 393 33.07 -1.89 -17.12
N GLU D 394 33.49 -0.76 -17.69
CA GLU D 394 34.07 -0.77 -19.03
C GLU D 394 35.41 -1.51 -19.05
N ALA D 395 36.07 -1.57 -17.90
CA ALA D 395 37.33 -2.29 -17.76
C ALA D 395 37.17 -3.79 -17.50
N GLY D 396 35.93 -4.28 -17.48
CA GLY D 396 35.67 -5.70 -17.31
C GLY D 396 35.80 -6.19 -15.88
N ALA D 397 35.56 -5.30 -14.93
CA ALA D 397 35.61 -5.68 -13.52
C ALA D 397 34.48 -6.67 -13.15
N ALA D 398 33.35 -6.54 -13.83
CA ALA D 398 32.12 -7.26 -13.47
C ALA D 398 30.98 -6.86 -14.38
N ASP D 399 29.90 -7.65 -14.39
CA ASP D 399 28.71 -7.31 -15.16
C ASP D 399 27.81 -6.35 -14.37
N GLY D 400 28.01 -6.31 -13.05
CA GLY D 400 27.23 -5.45 -12.19
C GLY D 400 27.88 -5.23 -10.84
N PHE D 401 27.23 -4.44 -10.00
CA PHE D 401 27.76 -4.19 -8.68
C PHE D 401 26.74 -4.46 -7.59
N ILE D 402 27.25 -5.05 -6.50
CA ILE D 402 26.55 -5.15 -5.25
C ILE D 402 26.94 -3.92 -4.46
N ILE D 403 25.96 -3.12 -4.09
CA ILE D 403 26.20 -1.96 -3.25
C ILE D 403 26.06 -2.36 -1.80
N SER D 404 27.19 -2.42 -1.11
CA SER D 404 27.28 -2.77 0.29
C SER D 404 27.03 -1.54 1.12
N PRO D 405 26.00 -1.58 1.99
CA PRO D 405 25.49 -0.39 2.68
C PRO D 405 26.30 0.02 3.90
N ALA D 406 26.66 1.30 3.95
CA ALA D 406 27.44 1.83 5.06
C ALA D 406 26.55 1.85 6.28
N TYR D 407 25.30 2.25 6.08
CA TYR D 407 24.35 2.31 7.16
C TYR D 407 22.96 2.32 6.52
N LEU D 408 21.95 1.87 7.25
CA LEU D 408 20.62 1.73 6.70
C LEU D 408 19.56 2.47 7.51
N PRO D 409 18.50 2.90 6.83
CA PRO D 409 18.29 2.78 5.38
C PRO D 409 19.01 3.86 4.58
N GLY D 410 19.56 4.86 5.27
CA GLY D 410 20.00 6.08 4.64
C GLY D 410 20.88 6.00 3.41
N ILE D 411 21.83 5.08 3.42
CA ILE D 411 22.81 5.03 2.33
C ILE D 411 22.17 4.67 1.00
N TYR D 412 21.13 3.83 1.04
CA TYR D 412 20.45 3.44 -0.18
C TYR D 412 19.63 4.61 -0.75
N GLU D 413 18.99 5.39 0.11
CA GLU D 413 18.32 6.62 -0.30
C GLU D 413 19.30 7.54 -1.04
N GLU D 414 20.44 7.82 -0.41
CA GLU D 414 21.46 8.68 -1.03
C GLU D 414 21.93 8.11 -2.36
N PHE D 415 22.14 6.81 -2.42
CA PHE D 415 22.67 6.23 -3.64
C PHE D 415 21.65 6.30 -4.75
N VAL D 416 20.39 5.99 -4.43
CA VAL D 416 19.35 6.01 -5.45
C VAL D 416 19.06 7.44 -5.91
N ASP D 417 19.00 8.38 -4.97
CA ASP D 417 18.72 9.77 -5.31
C ASP D 417 19.86 10.44 -6.05
N GLN D 418 21.10 10.12 -5.69
CA GLN D 418 22.25 10.87 -6.21
C GLN D 418 23.00 10.19 -7.36
N VAL D 419 23.20 8.87 -7.26
CA VAL D 419 24.10 8.18 -8.19
C VAL D 419 23.38 7.53 -9.37
N VAL D 420 22.30 6.82 -9.09
CA VAL D 420 21.53 6.17 -10.16
C VAL D 420 21.15 7.13 -11.32
N PRO D 421 20.68 8.35 -11.01
CA PRO D 421 20.33 9.20 -12.16
C PRO D 421 21.54 9.56 -13.04
N LEU D 422 22.73 9.68 -12.45
CA LEU D 422 23.91 9.96 -13.25
C LEU D 422 24.22 8.78 -14.16
N LEU D 423 24.13 7.57 -13.63
CA LEU D 423 24.33 6.36 -14.43
C LEU D 423 23.34 6.29 -15.58
N GLN D 424 22.08 6.61 -15.29
CA GLN D 424 21.01 6.56 -16.29
C GLN D 424 21.26 7.58 -17.39
N GLN D 425 21.61 8.79 -16.99
CA GLN D 425 21.87 9.87 -17.93
C GLN D 425 23.05 9.50 -18.83
N ARG D 426 24.02 8.78 -18.27
CA ARG D 426 25.17 8.35 -19.06
C ARG D 426 24.82 7.20 -20.00
N GLY D 427 23.64 6.63 -19.83
CA GLY D 427 23.15 5.60 -20.72
C GLY D 427 23.64 4.22 -20.38
N VAL D 428 24.23 4.07 -19.21
CA VAL D 428 24.82 2.79 -18.82
C VAL D 428 23.94 1.99 -17.84
N PHE D 429 22.81 2.55 -17.45
CA PHE D 429 21.93 1.87 -16.51
C PHE D 429 20.47 2.17 -16.86
N ARG D 430 19.62 1.16 -16.78
CA ARG D 430 18.20 1.29 -17.14
C ARG D 430 17.52 2.53 -16.53
N THR D 431 16.67 3.18 -17.31
CA THR D 431 15.88 4.29 -16.82
C THR D 431 14.54 3.73 -16.37
N GLU D 432 14.25 2.52 -16.84
CA GLU D 432 13.00 1.88 -16.49
C GLU D 432 13.15 0.37 -16.68
N TYR D 433 12.38 -0.41 -15.93
CA TYR D 433 12.41 -1.86 -16.10
C TYR D 433 11.82 -2.23 -17.46
N GLU D 434 12.51 -3.07 -18.22
CA GLU D 434 11.98 -3.52 -19.50
C GLU D 434 11.00 -4.68 -19.31
N GLY D 435 11.44 -5.73 -18.63
CA GLY D 435 10.56 -6.85 -18.35
C GLY D 435 10.03 -6.81 -16.92
N THR D 436 9.40 -7.91 -16.51
CA THR D 436 8.77 -7.96 -15.20
C THR D 436 9.43 -8.98 -14.28
N THR D 437 10.31 -9.80 -14.83
CA THR D 437 10.91 -10.85 -14.04
C THR D 437 12.39 -10.62 -13.84
N LEU D 438 12.91 -11.25 -12.79
CA LEU D 438 14.32 -11.15 -12.46
C LEU D 438 15.20 -11.64 -13.61
N ARG D 439 14.74 -12.68 -14.30
CA ARG D 439 15.50 -13.21 -15.43
C ARG D 439 15.57 -12.19 -16.55
N GLU D 440 14.49 -11.47 -16.76
CA GLU D 440 14.49 -10.42 -17.78
C GLU D 440 15.44 -9.27 -17.41
N HIS D 441 15.54 -8.97 -16.12
CA HIS D 441 16.40 -7.88 -15.64
C HIS D 441 17.85 -8.25 -15.89
N LEU D 442 18.21 -9.50 -15.60
CA LEU D 442 19.60 -9.95 -15.74
C LEU D 442 19.94 -10.39 -17.16
N GLY D 443 18.95 -10.43 -18.05
CA GLY D 443 19.14 -10.93 -19.39
C GLY D 443 19.35 -12.43 -19.49
N LEU D 444 18.64 -13.19 -18.66
CA LEU D 444 18.75 -14.66 -18.65
C LEU D 444 17.56 -15.29 -19.37
N ALA D 445 17.79 -16.41 -20.03
CA ALA D 445 16.72 -17.12 -20.74
C ALA D 445 15.75 -17.80 -19.79
N HIS D 446 14.53 -18.01 -20.27
CA HIS D 446 13.51 -18.74 -19.55
C HIS D 446 13.73 -20.25 -19.68
N PRO D 447 14.15 -20.90 -18.58
CA PRO D 447 14.48 -22.33 -18.64
C PRO D 447 13.26 -23.16 -18.98
N GLU D 448 13.43 -24.20 -19.79
CA GLU D 448 12.30 -25.05 -20.17
C GLU D 448 12.18 -26.30 -19.31
N VAL D 449 10.95 -26.80 -19.18
CA VAL D 449 10.65 -27.95 -18.34
C VAL D 449 11.46 -29.18 -18.77
N GLY D 450 12.10 -29.83 -17.79
CA GLY D 450 12.94 -30.99 -18.08
C GLY D 450 14.42 -30.68 -17.97
#